data_3UMG
#
_entry.id   3UMG
#
_cell.length_a   102.180
_cell.length_b   148.650
_cell.length_c   152.550
_cell.angle_alpha   90.000
_cell.angle_beta   90.000
_cell.angle_gamma   90.000
#
_symmetry.space_group_name_H-M   'P 21 21 21'
#
loop_
_entity.id
_entity.type
_entity.pdbx_description
1 polymer 'Haloacid dehalogenase'
2 non-polymer 'CHLORIDE ION'
3 water water
#
_entity_poly.entity_id   1
_entity_poly.type   'polypeptide(L)'
_entity_poly.pdbx_seq_one_letter_code
;MAGVPFRSPSTGRNVRAVLFDTFGTVVDWRTGIATAVADYAARHQLEVDAVAFADRWRARYQPSMDAILSGAREFVTLDI
LHRENLDFVLRESGIDPTNHDSGELDELARAWHVLTPWPDSVPGLTAIKAEYIIGPLSNGNTSLLLDMAKNAGIPWDVII
GSDINRKYKPDPQAYLRTAQVLGLHPGEVMLAAAHNGDLEAAHATGLATAFILRPVEHGPHQTDDLAPTGSWDISATDIT
DLAAQLRAGSTGFR
;
_entity_poly.pdbx_strand_id   A,B,C,D,E,F,G,H
#
# COMPACT_ATOMS: atom_id res chain seq x y z
N VAL A 4 -9.73 5.08 -7.17
CA VAL A 4 -9.05 6.20 -6.43
C VAL A 4 -7.54 6.07 -6.55
N PRO A 5 -6.85 7.12 -7.04
CA PRO A 5 -5.45 6.82 -7.37
C PRO A 5 -4.57 6.70 -6.15
N PHE A 6 -3.34 6.28 -6.38
CA PHE A 6 -2.39 6.17 -5.31
C PHE A 6 -1.77 7.54 -5.05
N ARG A 7 -1.86 8.01 -3.80
CA ARG A 7 -1.21 9.28 -3.41
C ARG A 7 0.19 8.94 -2.90
N SER A 8 1.20 9.66 -3.39
CA SER A 8 2.58 9.40 -3.02
C SER A 8 2.92 9.88 -1.59
N PRO A 9 3.45 9.02 -0.72
CA PRO A 9 3.91 9.56 0.58
C PRO A 9 5.06 10.53 0.43
N SER A 10 6.13 10.12 -0.28
CA SER A 10 7.26 11.02 -0.55
C SER A 10 6.87 12.37 -1.14
N THR A 11 5.96 12.39 -2.12
CA THR A 11 5.65 13.64 -2.85
C THR A 11 4.27 14.25 -2.56
N GLY A 12 3.46 13.63 -1.68
CA GLY A 12 2.12 14.18 -1.36
C GLY A 12 1.05 14.40 -2.46
N ARG A 13 1.32 14.03 -3.70
CA ARG A 13 0.29 14.16 -4.75
C ARG A 13 -0.32 12.80 -5.18
N ASN A 14 -1.48 12.90 -5.81
CA ASN A 14 -2.10 11.76 -6.44
C ASN A 14 -1.40 11.40 -7.75
N VAL A 15 -0.86 10.19 -7.83
CA VAL A 15 -0.28 9.73 -9.08
C VAL A 15 -1.30 9.65 -10.23
N ARG A 16 -0.90 10.22 -11.35
CA ARG A 16 -1.68 10.21 -12.56
C ARG A 16 -0.97 9.54 -13.74
N ALA A 17 0.34 9.32 -13.63
CA ALA A 17 1.14 8.62 -14.65
C ALA A 17 2.17 7.75 -13.99
N VAL A 18 2.26 6.50 -14.42
CA VAL A 18 3.32 5.59 -13.97
C VAL A 18 4.10 5.32 -15.22
N LEU A 19 5.30 5.89 -15.28
CA LEU A 19 6.08 5.75 -16.46
C LEU A 19 7.18 4.79 -16.06
N PHE A 20 7.75 4.07 -17.02
CA PHE A 20 8.70 2.99 -16.72
C PHE A 20 10.06 3.17 -17.37
N ASP A 21 11.12 3.03 -16.59
CA ASP A 21 12.37 2.64 -17.15
C ASP A 21 12.04 1.39 -17.95
N THR A 22 12.66 1.22 -19.13
CA THR A 22 12.27 0.15 -20.04
C THR A 22 13.27 -1.03 -20.12
N PHE A 23 14.54 -0.74 -20.39
CA PHE A 23 15.53 -1.81 -20.42
C PHE A 23 15.80 -2.26 -19.01
N GLY A 24 15.71 -3.58 -18.79
CA GLY A 24 15.86 -4.18 -17.49
C GLY A 24 14.57 -4.21 -16.70
N THR A 25 13.92 -3.07 -16.59
CA THR A 25 12.75 -2.94 -15.74
C THR A 25 11.51 -3.66 -16.35
N VAL A 26 11.34 -3.47 -17.65
CA VAL A 26 10.17 -3.98 -18.34
C VAL A 26 10.55 -5.14 -19.23
N VAL A 27 11.65 -4.98 -19.98
CA VAL A 27 12.11 -6.07 -20.85
C VAL A 27 13.45 -6.67 -20.43
N ASP A 28 13.59 -7.98 -20.69
CA ASP A 28 14.83 -8.67 -20.42
C ASP A 28 15.84 -8.45 -21.53
N TRP A 29 16.66 -7.38 -21.43
CA TRP A 29 17.53 -6.98 -22.55
C TRP A 29 18.56 -8.06 -22.83
N ARG A 30 19.07 -8.68 -21.77
CA ARG A 30 20.23 -9.57 -21.89
C ARG A 30 19.94 -10.87 -22.69
N THR A 31 18.85 -11.54 -22.32
CA THR A 31 18.45 -12.75 -23.03
C THR A 31 18.35 -12.45 -24.53
N GLY A 32 17.69 -11.32 -24.82
CA GLY A 32 17.43 -10.91 -26.20
C GLY A 32 18.66 -10.51 -26.96
N ILE A 33 19.51 -9.75 -26.30
CA ILE A 33 20.77 -9.43 -26.92
C ILE A 33 21.67 -10.67 -27.12
N ALA A 34 21.77 -11.53 -26.12
CA ALA A 34 22.58 -12.76 -26.30
C ALA A 34 22.03 -13.62 -27.40
N THR A 35 20.70 -13.68 -27.50
CA THR A 35 20.07 -14.54 -28.50
C THR A 35 20.51 -14.08 -29.86
N ALA A 36 20.37 -12.79 -30.13
CA ALA A 36 20.58 -12.30 -31.50
C ALA A 36 22.05 -12.40 -31.80
N VAL A 37 22.87 -12.20 -30.76
CA VAL A 37 24.30 -12.34 -30.91
C VAL A 37 24.67 -13.80 -31.24
N ALA A 38 24.04 -14.76 -30.60
CA ALA A 38 24.34 -16.14 -30.88
C ALA A 38 23.99 -16.49 -32.33
N ASP A 39 22.91 -15.88 -32.84
CA ASP A 39 22.44 -16.18 -34.17
C ASP A 39 23.40 -15.59 -35.18
N TYR A 40 23.80 -14.34 -34.93
CA TYR A 40 24.81 -13.68 -35.76
C TYR A 40 26.10 -14.52 -35.77
N ALA A 41 26.55 -14.88 -34.57
CA ALA A 41 27.81 -15.62 -34.35
C ALA A 41 27.86 -16.93 -35.11
N ALA A 42 26.74 -17.66 -35.16
CA ALA A 42 26.68 -18.94 -35.85
C ALA A 42 26.68 -18.75 -37.37
N ARG A 43 25.83 -17.85 -37.81
CA ARG A 43 25.67 -17.50 -39.23
C ARG A 43 26.93 -16.95 -39.87
N HIS A 44 27.78 -16.30 -39.06
CA HIS A 44 28.97 -15.61 -39.60
C HIS A 44 30.24 -16.16 -38.99
N GLN A 45 30.15 -17.34 -38.40
CA GLN A 45 31.29 -18.19 -38.14
C GLN A 45 32.31 -17.49 -37.24
N LEU A 46 31.78 -16.70 -36.29
CA LEU A 46 32.57 -16.07 -35.24
C LEU A 46 32.63 -17.01 -34.05
N GLU A 47 33.53 -16.73 -33.10
CA GLU A 47 33.68 -17.61 -31.93
C GLU A 47 33.60 -16.76 -30.65
N VAL A 48 32.39 -16.70 -30.07
CA VAL A 48 32.07 -15.73 -29.03
C VAL A 48 31.31 -16.35 -27.87
N ASP A 49 31.51 -15.78 -26.69
CA ASP A 49 30.57 -15.93 -25.59
C ASP A 49 29.50 -14.84 -25.78
N ALA A 50 28.41 -15.25 -26.46
CA ALA A 50 27.23 -14.41 -26.74
C ALA A 50 26.77 -13.65 -25.50
N VAL A 51 26.66 -14.34 -24.39
CA VAL A 51 26.20 -13.71 -23.15
C VAL A 51 27.13 -12.57 -22.74
N ALA A 52 28.42 -12.89 -22.71
CA ALA A 52 29.48 -11.96 -22.32
C ALA A 52 29.57 -10.80 -23.29
N PHE A 53 29.45 -11.13 -24.57
CA PHE A 53 29.37 -10.11 -25.62
C PHE A 53 28.25 -9.08 -25.41
N ALA A 54 27.05 -9.57 -25.08
CA ALA A 54 25.94 -8.70 -24.70
C ALA A 54 26.32 -7.82 -23.51
N ASP A 55 26.87 -8.44 -22.48
CA ASP A 55 27.41 -7.69 -21.32
C ASP A 55 28.45 -6.63 -21.66
N ARG A 56 29.32 -6.92 -22.64
CA ARG A 56 30.35 -5.95 -23.15
C ARG A 56 29.68 -4.82 -23.93
N TRP A 57 28.60 -5.16 -24.64
CA TRP A 57 27.83 -4.19 -25.42
C TRP A 57 27.00 -3.27 -24.49
N ARG A 58 26.38 -3.82 -23.46
CA ARG A 58 25.69 -3.02 -22.44
C ARG A 58 26.64 -2.12 -21.66
N ALA A 59 27.88 -2.57 -21.43
CA ALA A 59 28.84 -1.80 -20.62
C ALA A 59 29.38 -0.58 -21.36
N ARG A 60 29.06 -0.45 -22.63
CA ARG A 60 29.43 0.71 -23.42
C ARG A 60 28.34 1.74 -23.43
N TYR A 61 27.15 1.35 -22.97
CA TYR A 61 25.93 2.18 -22.95
C TYR A 61 26.19 3.47 -22.20
N GLN A 62 26.48 3.42 -20.89
CA GLN A 62 26.59 4.68 -20.12
C GLN A 62 27.74 5.51 -20.66
N PRO A 63 28.96 4.97 -20.70
CA PRO A 63 30.06 5.78 -21.25
C PRO A 63 29.71 6.47 -22.57
N SER A 64 29.10 5.74 -23.52
CA SER A 64 28.67 6.35 -24.80
C SER A 64 27.63 7.47 -24.59
N MET A 65 26.93 7.42 -23.46
CA MET A 65 25.97 8.46 -23.10
C MET A 65 26.62 9.54 -22.26
N ASP A 66 27.53 9.16 -21.39
CA ASP A 66 28.35 10.07 -20.57
C ASP A 66 28.99 11.20 -21.40
N ALA A 67 29.48 10.86 -22.58
CA ALA A 67 30.04 11.81 -23.55
C ALA A 67 29.04 12.94 -23.84
N ILE A 68 27.80 12.58 -24.16
CA ILE A 68 26.73 13.59 -24.39
C ILE A 68 26.16 14.25 -23.13
N LEU A 69 26.15 13.55 -22.00
CA LEU A 69 25.56 14.14 -20.77
C LEU A 69 26.36 15.39 -20.37
N SER A 70 27.69 15.22 -20.40
CA SER A 70 28.65 16.25 -20.02
C SER A 70 28.75 17.42 -21.02
N GLY A 71 28.15 17.28 -22.21
CA GLY A 71 28.23 18.33 -23.23
C GLY A 71 29.36 18.18 -24.24
N ALA A 72 30.29 17.24 -24.01
CA ALA A 72 31.42 16.94 -24.93
C ALA A 72 31.05 16.43 -26.31
N ARG A 73 29.77 16.08 -26.49
CA ARG A 73 29.25 15.52 -27.75
C ARG A 73 27.82 15.97 -27.90
N GLU A 74 27.42 16.26 -29.13
CA GLU A 74 26.08 16.79 -29.34
C GLU A 74 25.08 15.60 -29.49
N PHE A 75 23.91 15.75 -28.88
CA PHE A 75 22.88 14.68 -28.83
C PHE A 75 22.64 13.91 -30.11
N VAL A 76 22.78 12.59 -30.02
CA VAL A 76 22.28 11.67 -31.02
C VAL A 76 21.42 10.59 -30.36
N THR A 77 20.65 9.88 -31.19
CA THR A 77 19.71 8.87 -30.75
C THR A 77 20.37 7.61 -30.23
N LEU A 78 19.76 7.03 -29.21
CA LEU A 78 20.22 5.74 -28.69
C LEU A 78 20.52 4.71 -29.77
N ASP A 79 19.71 4.64 -30.84
CA ASP A 79 20.01 3.72 -31.99
C ASP A 79 21.41 3.97 -32.60
N ILE A 80 21.85 5.23 -32.61
CA ILE A 80 23.18 5.52 -33.15
C ILE A 80 24.22 5.09 -32.12
N LEU A 81 24.01 5.40 -30.86
CA LEU A 81 24.92 4.94 -29.83
C LEU A 81 25.05 3.42 -29.89
N HIS A 82 23.92 2.73 -30.03
CA HIS A 82 23.93 1.28 -29.90
C HIS A 82 24.77 0.68 -31.01
N ARG A 83 24.65 1.28 -32.18
CA ARG A 83 25.40 0.89 -33.37
C ARG A 83 26.90 1.19 -33.26
N GLU A 84 27.24 2.39 -32.84
CA GLU A 84 28.62 2.71 -32.58
C GLU A 84 29.17 1.74 -31.51
N ASN A 85 28.46 1.49 -30.40
CA ASN A 85 29.01 0.57 -29.36
C ASN A 85 29.25 -0.89 -29.80
N LEU A 86 28.46 -1.34 -30.76
CA LEU A 86 28.62 -2.68 -31.31
C LEU A 86 29.95 -2.76 -32.06
N ASP A 87 30.20 -1.83 -32.98
CA ASP A 87 31.54 -1.71 -33.62
C ASP A 87 32.54 -1.82 -32.50
N PHE A 88 32.47 -0.86 -31.58
CA PHE A 88 33.37 -0.80 -30.46
C PHE A 88 33.64 -2.16 -29.82
N VAL A 89 32.60 -2.93 -29.55
CA VAL A 89 32.74 -4.20 -28.85
C VAL A 89 33.32 -5.28 -29.76
N LEU A 90 33.06 -5.18 -31.06
CA LEU A 90 33.68 -6.11 -32.00
C LEU A 90 35.21 -6.00 -31.97
N ARG A 91 35.72 -4.79 -32.18
CA ARG A 91 37.15 -4.54 -32.23
C ARG A 91 37.89 -5.00 -30.96
N GLU A 92 37.33 -4.71 -29.77
CA GLU A 92 37.85 -5.22 -28.49
C GLU A 92 37.85 -6.75 -28.45
N SER A 93 36.91 -7.39 -29.16
CA SER A 93 36.86 -8.85 -29.29
C SER A 93 37.81 -9.36 -30.38
N GLY A 94 38.47 -8.43 -31.09
CA GLY A 94 39.39 -8.78 -32.17
C GLY A 94 38.64 -9.27 -33.40
N ILE A 95 37.71 -8.43 -33.86
CA ILE A 95 36.95 -8.62 -35.10
C ILE A 95 36.86 -7.24 -35.74
N ASP A 96 37.30 -7.11 -36.99
CA ASP A 96 37.14 -5.88 -37.79
C ASP A 96 35.71 -5.81 -38.31
N PRO A 97 34.96 -4.75 -37.96
CA PRO A 97 33.67 -4.45 -38.60
C PRO A 97 33.63 -4.52 -40.12
N THR A 98 34.35 -3.67 -40.87
CA THR A 98 34.14 -3.67 -42.37
C THR A 98 34.54 -4.99 -43.06
N ASN A 99 35.09 -5.94 -42.30
CA ASN A 99 35.14 -7.34 -42.77
C ASN A 99 33.69 -7.89 -42.91
N HIS A 100 32.70 -7.20 -42.28
CA HIS A 100 31.26 -7.59 -42.28
C HIS A 100 30.37 -6.55 -42.94
N ASP A 101 29.22 -7.02 -43.43
CA ASP A 101 28.25 -6.16 -44.13
C ASP A 101 27.50 -5.23 -43.16
N SER A 102 27.57 -3.94 -43.48
CA SER A 102 27.17 -2.86 -42.62
C SER A 102 25.68 -2.89 -42.27
N GLY A 103 24.84 -3.06 -43.28
CA GLY A 103 23.41 -3.28 -43.08
C GLY A 103 23.02 -4.51 -42.27
N GLU A 104 23.83 -5.57 -42.33
CA GLU A 104 23.60 -6.76 -41.48
C GLU A 104 23.94 -6.45 -40.02
N LEU A 105 24.88 -5.51 -39.81
CA LEU A 105 25.27 -5.07 -38.46
C LEU A 105 24.30 -4.01 -37.89
N ASP A 106 23.68 -3.23 -38.74
CA ASP A 106 22.59 -2.35 -38.31
C ASP A 106 21.43 -3.18 -37.76
N GLU A 107 21.14 -4.28 -38.48
CA GLU A 107 20.08 -5.21 -38.15
C GLU A 107 20.34 -5.75 -36.77
N LEU A 108 21.55 -6.29 -36.55
CA LEU A 108 21.95 -6.72 -35.24
C LEU A 108 21.77 -5.64 -34.17
N ALA A 109 22.14 -4.40 -34.51
CA ALA A 109 22.07 -3.27 -33.62
C ALA A 109 20.63 -2.94 -33.21
N ARG A 110 19.68 -3.25 -34.08
CA ARG A 110 18.26 -3.04 -33.81
C ARG A 110 17.68 -4.22 -33.03
N ALA A 111 18.53 -5.16 -32.60
CA ALA A 111 18.06 -6.23 -31.71
C ALA A 111 17.41 -5.63 -30.46
N TRP A 112 17.87 -4.44 -30.06
CA TRP A 112 17.33 -3.70 -28.89
C TRP A 112 15.90 -3.19 -29.10
N HIS A 113 15.42 -3.24 -30.33
CA HIS A 113 14.05 -2.83 -30.65
C HIS A 113 13.09 -4.00 -30.41
N VAL A 114 13.62 -5.20 -30.22
CA VAL A 114 12.89 -6.46 -30.45
C VAL A 114 12.78 -7.27 -29.16
N LEU A 115 12.73 -6.62 -28.00
CA LEU A 115 13.09 -7.31 -26.77
C LEU A 115 11.84 -7.91 -26.12
N THR A 116 12.00 -9.02 -25.41
CA THR A 116 10.88 -9.70 -24.73
C THR A 116 10.62 -9.15 -23.34
N PRO A 117 9.36 -8.82 -23.03
CA PRO A 117 9.03 -8.45 -21.65
C PRO A 117 9.28 -9.54 -20.62
N TRP A 118 9.46 -9.14 -19.36
CA TRP A 118 9.37 -10.10 -18.29
C TRP A 118 7.93 -10.66 -18.24
N PRO A 119 7.74 -11.89 -17.72
CA PRO A 119 6.40 -12.47 -17.84
C PRO A 119 5.30 -11.65 -17.16
N ASP A 120 5.64 -10.93 -16.11
CA ASP A 120 4.68 -10.03 -15.46
C ASP A 120 4.44 -8.71 -16.16
N SER A 121 5.22 -8.35 -17.19
CA SER A 121 5.15 -7.00 -17.66
C SER A 121 3.86 -6.66 -18.35
N VAL A 122 3.48 -7.38 -19.39
CA VAL A 122 2.29 -7.05 -20.13
C VAL A 122 1.05 -7.16 -19.29
N PRO A 123 0.86 -8.27 -18.52
CA PRO A 123 -0.27 -8.31 -17.59
C PRO A 123 -0.24 -7.19 -16.55
N GLY A 124 0.90 -6.88 -15.95
CA GLY A 124 0.92 -5.75 -14.99
C GLY A 124 0.61 -4.40 -15.64
N LEU A 125 1.22 -4.16 -16.77
CA LEU A 125 1.02 -2.88 -17.45
C LEU A 125 -0.41 -2.77 -17.94
N THR A 126 -0.97 -3.90 -18.41
CA THR A 126 -2.38 -3.89 -18.81
C THR A 126 -3.27 -3.43 -17.70
N ALA A 127 -3.01 -3.89 -16.47
CA ALA A 127 -3.81 -3.55 -15.30
C ALA A 127 -3.58 -2.09 -14.86
N ILE A 128 -2.32 -1.65 -14.89
CA ILE A 128 -2.01 -0.23 -14.56
C ILE A 128 -2.62 0.77 -15.52
N LYS A 129 -2.58 0.47 -16.82
CA LYS A 129 -3.24 1.27 -17.84
C LYS A 129 -4.73 1.55 -17.58
N ALA A 130 -5.42 0.65 -16.85
CA ALA A 130 -6.87 0.84 -16.55
C ALA A 130 -7.09 1.99 -15.61
N GLU A 131 -6.10 2.26 -14.77
CA GLU A 131 -6.20 3.27 -13.69
C GLU A 131 -5.29 4.52 -13.83
N TYR A 132 -4.24 4.44 -14.66
CA TYR A 132 -3.17 5.46 -14.79
C TYR A 132 -2.78 5.62 -16.24
N ILE A 133 -2.11 6.72 -16.56
CA ILE A 133 -1.43 6.89 -17.82
C ILE A 133 -0.19 6.02 -17.69
N ILE A 134 0.15 5.22 -18.67
CA ILE A 134 1.42 4.52 -18.62
C ILE A 134 2.23 4.83 -19.83
N GLY A 135 3.52 4.56 -19.74
CA GLY A 135 4.45 4.86 -20.84
C GLY A 135 5.91 4.70 -20.40
N PRO A 136 6.82 4.76 -21.34
CA PRO A 136 8.17 4.64 -20.93
C PRO A 136 8.72 5.94 -20.43
N LEU A 137 9.68 5.83 -19.52
CA LEU A 137 10.58 6.95 -19.15
C LEU A 137 11.98 6.42 -19.30
N SER A 138 12.56 6.57 -20.48
CA SER A 138 13.64 5.66 -20.90
C SER A 138 14.67 6.39 -21.74
N ASN A 139 15.90 5.94 -21.72
CA ASN A 139 16.92 6.50 -22.67
C ASN A 139 16.67 6.15 -24.13
N GLY A 140 15.80 5.18 -24.39
CA GLY A 140 15.51 4.82 -25.75
C GLY A 140 14.90 5.98 -26.46
N ASN A 141 15.21 6.09 -27.75
CA ASN A 141 14.51 7.04 -28.59
C ASN A 141 13.12 6.51 -28.93
N THR A 142 12.27 7.41 -29.37
CA THR A 142 10.88 7.14 -29.60
C THR A 142 10.61 5.95 -30.52
N SER A 143 11.35 5.85 -31.62
CA SER A 143 11.08 4.84 -32.63
C SER A 143 11.53 3.45 -32.25
N LEU A 144 12.52 3.37 -31.37
CA LEU A 144 13.01 2.11 -30.85
C LEU A 144 11.96 1.58 -29.84
N LEU A 145 11.61 2.44 -28.91
CA LEU A 145 10.59 2.14 -27.92
C LEU A 145 9.25 1.70 -28.58
N LEU A 146 8.85 2.36 -29.66
CA LEU A 146 7.60 2.07 -30.31
C LEU A 146 7.68 0.74 -31.04
N ASP A 147 8.80 0.50 -31.74
CA ASP A 147 8.98 -0.77 -32.40
C ASP A 147 8.86 -1.88 -31.37
N MET A 148 9.59 -1.74 -30.26
CA MET A 148 9.53 -2.71 -29.15
C MET A 148 8.08 -2.92 -28.62
N ALA A 149 7.35 -1.84 -28.40
CA ALA A 149 5.97 -1.89 -27.87
C ALA A 149 5.04 -2.64 -28.83
N LYS A 150 5.14 -2.32 -30.12
CA LYS A 150 4.45 -3.07 -31.15
C LYS A 150 4.87 -4.55 -31.30
N ASN A 151 6.15 -4.84 -31.35
CA ASN A 151 6.63 -6.24 -31.41
C ASN A 151 6.15 -7.16 -30.26
N ALA A 152 6.10 -6.58 -29.06
CA ALA A 152 5.94 -7.32 -27.80
C ALA A 152 4.53 -7.10 -27.24
N GLY A 153 3.79 -6.17 -27.82
CA GLY A 153 2.50 -5.80 -27.31
C GLY A 153 2.55 -5.11 -25.95
N ILE A 154 3.52 -4.22 -25.74
CA ILE A 154 3.62 -3.43 -24.52
C ILE A 154 2.60 -2.28 -24.69
N PRO A 155 1.55 -2.22 -23.86
CA PRO A 155 0.41 -1.36 -24.16
C PRO A 155 0.52 0.09 -23.63
N TRP A 156 1.56 0.80 -24.05
CA TRP A 156 1.83 2.12 -23.52
C TRP A 156 0.73 3.03 -24.03
N ASP A 157 0.42 4.10 -23.27
CA ASP A 157 -0.47 5.16 -23.75
C ASP A 157 0.31 6.27 -24.42
N VAL A 158 1.57 6.41 -24.07
CA VAL A 158 2.34 7.51 -24.58
C VAL A 158 3.80 7.13 -24.55
N ILE A 159 4.53 7.63 -25.57
CA ILE A 159 5.98 7.35 -25.75
C ILE A 159 6.81 8.66 -25.88
N ILE A 160 7.21 9.24 -24.74
CA ILE A 160 8.14 10.37 -24.75
C ILE A 160 9.60 9.85 -24.69
N GLY A 161 10.14 9.55 -25.86
CA GLY A 161 11.52 9.11 -26.03
C GLY A 161 12.52 10.20 -25.71
N SER A 162 13.74 9.76 -25.42
CA SER A 162 14.80 10.63 -25.01
C SER A 162 15.08 11.68 -26.09
N ASP A 163 14.90 11.30 -27.37
CA ASP A 163 15.10 12.17 -28.51
C ASP A 163 14.02 13.27 -28.69
N ILE A 164 13.02 13.21 -27.82
CA ILE A 164 11.99 14.23 -27.77
C ILE A 164 12.42 15.26 -26.74
N ASN A 165 13.03 14.83 -25.64
CA ASN A 165 13.55 15.78 -24.67
C ASN A 165 14.94 16.25 -25.04
N ARG A 166 15.59 15.53 -25.96
CA ARG A 166 17.02 15.69 -26.32
C ARG A 166 17.94 15.59 -25.11
N LYS A 167 17.57 14.66 -24.22
CA LYS A 167 18.22 14.50 -22.95
C LYS A 167 18.21 13.03 -22.53
N TYR A 168 19.26 12.64 -21.85
CA TYR A 168 19.37 11.32 -21.29
C TYR A 168 19.22 11.38 -19.79
N LYS A 169 18.75 10.26 -19.23
CA LYS A 169 18.76 10.04 -17.79
C LYS A 169 20.21 9.84 -17.44
N PRO A 170 20.62 10.24 -16.22
CA PRO A 170 19.85 10.85 -15.16
C PRO A 170 19.88 12.37 -15.19
N ASP A 171 19.85 12.97 -16.38
CA ASP A 171 19.76 14.42 -16.45
C ASP A 171 18.37 14.86 -15.98
N PRO A 172 18.30 15.58 -14.84
CA PRO A 172 17.08 16.19 -14.36
C PRO A 172 16.04 16.54 -15.42
N GLN A 173 16.46 17.14 -16.52
CA GLN A 173 15.53 17.52 -17.56
C GLN A 173 14.92 16.31 -18.29
N ALA A 174 15.52 15.13 -18.15
CA ALA A 174 14.88 13.91 -18.70
C ALA A 174 13.54 13.78 -18.00
N TYR A 175 13.57 13.82 -16.68
CA TYR A 175 12.35 13.68 -15.86
C TYR A 175 11.42 14.86 -16.01
N LEU A 176 11.96 16.06 -15.87
CA LEU A 176 11.14 17.29 -15.85
C LEU A 176 10.44 17.54 -17.12
N ARG A 177 11.13 17.33 -18.23
CA ARG A 177 10.52 17.57 -19.53
C ARG A 177 9.45 16.56 -19.86
N THR A 178 9.53 15.37 -19.26
CA THR A 178 8.56 14.33 -19.59
C THR A 178 7.31 14.73 -18.89
N ALA A 179 7.48 15.06 -17.60
CA ALA A 179 6.37 15.52 -16.81
C ALA A 179 5.71 16.68 -17.49
N GLN A 180 6.46 17.63 -18.05
CA GLN A 180 5.78 18.80 -18.61
C GLN A 180 5.09 18.62 -19.97
N VAL A 181 5.63 17.79 -20.83
CA VAL A 181 4.95 17.51 -22.09
C VAL A 181 3.64 16.68 -21.85
N LEU A 182 3.54 16.04 -20.68
CA LEU A 182 2.37 15.23 -20.30
C LEU A 182 1.36 16.03 -19.51
N GLY A 183 1.74 17.26 -19.13
CA GLY A 183 0.81 18.15 -18.49
C GLY A 183 0.70 17.91 -17.00
N LEU A 184 1.76 17.36 -16.42
CA LEU A 184 1.71 16.92 -15.06
C LEU A 184 2.88 17.51 -14.22
N HIS A 185 2.52 18.10 -13.09
CA HIS A 185 3.51 18.39 -12.08
C HIS A 185 4.38 17.15 -11.84
N PRO A 186 5.71 17.35 -11.81
CA PRO A 186 6.62 16.28 -11.45
C PRO A 186 6.13 15.26 -10.41
N GLY A 187 5.31 15.69 -9.48
CA GLY A 187 4.92 14.82 -8.37
C GLY A 187 3.64 14.08 -8.68
N GLU A 188 2.97 14.46 -9.77
CA GLU A 188 1.89 13.66 -10.34
C GLU A 188 2.39 12.49 -11.22
N VAL A 189 3.73 12.35 -11.34
CA VAL A 189 4.36 11.41 -12.24
C VAL A 189 5.19 10.49 -11.37
N MET A 190 4.87 9.19 -11.39
CA MET A 190 5.71 8.16 -10.71
C MET A 190 6.62 7.51 -11.75
N LEU A 191 7.87 7.24 -11.35
CA LEU A 191 8.84 6.51 -12.20
C LEU A 191 8.94 5.17 -11.60
N ALA A 192 8.71 4.13 -12.39
CA ALA A 192 8.88 2.75 -11.93
C ALA A 192 10.19 2.29 -12.53
N ALA A 193 11.09 1.70 -11.75
CA ALA A 193 12.43 1.39 -12.24
C ALA A 193 13.03 0.28 -11.43
N ALA A 194 13.87 -0.55 -12.05
CA ALA A 194 14.61 -1.62 -11.38
C ALA A 194 16.00 -1.19 -10.81
N HIS A 195 16.28 0.13 -10.86
CA HIS A 195 17.61 0.71 -10.70
C HIS A 195 17.52 1.85 -9.71
N ASN A 196 18.09 1.65 -8.53
CA ASN A 196 18.00 2.67 -7.49
C ASN A 196 18.55 4.02 -7.97
N GLY A 197 19.72 4.00 -8.59
CA GLY A 197 20.27 5.22 -9.21
C GLY A 197 19.29 6.07 -10.00
N ASP A 198 18.57 5.43 -10.92
CA ASP A 198 17.55 6.09 -11.73
C ASP A 198 16.43 6.64 -10.82
N LEU A 199 16.10 5.89 -9.76
CA LEU A 199 15.05 6.28 -8.83
C LEU A 199 15.53 7.50 -8.04
N GLU A 200 16.79 7.47 -7.59
CA GLU A 200 17.39 8.62 -6.91
C GLU A 200 17.24 9.92 -7.64
N ALA A 201 17.66 9.89 -8.89
CA ALA A 201 17.59 11.03 -9.75
C ALA A 201 16.15 11.40 -10.01
N ALA A 202 15.25 10.41 -10.04
CA ALA A 202 13.82 10.72 -10.27
C ALA A 202 13.24 11.51 -9.10
N HIS A 203 13.47 10.95 -7.92
CA HIS A 203 13.16 11.58 -6.65
C HIS A 203 13.73 12.99 -6.55
N ALA A 204 15.01 13.15 -6.92
CA ALA A 204 15.67 14.49 -6.86
C ALA A 204 14.97 15.56 -7.71
N THR A 205 14.14 15.11 -8.64
CA THR A 205 13.40 15.99 -9.50
C THR A 205 11.99 16.21 -8.93
N GLY A 206 11.67 15.47 -7.88
CA GLY A 206 10.32 15.44 -7.28
C GLY A 206 9.28 14.53 -7.93
N LEU A 207 9.71 13.34 -8.36
CA LEU A 207 8.77 12.36 -8.97
C LEU A 207 8.46 11.35 -7.92
N ALA A 208 7.27 10.74 -7.99
CA ALA A 208 6.99 9.54 -7.17
C ALA A 208 7.93 8.45 -7.64
N THR A 209 8.23 7.50 -6.78
CA THR A 209 9.11 6.44 -7.14
C THR A 209 8.47 5.09 -6.86
N ALA A 210 8.84 4.07 -7.65
CA ALA A 210 8.53 2.67 -7.33
C ALA A 210 9.68 1.79 -7.75
N PHE A 211 10.13 0.93 -6.87
CA PHE A 211 11.19 0.02 -7.16
C PHE A 211 10.61 -1.36 -7.55
N ILE A 212 11.11 -1.91 -8.68
CA ILE A 212 10.70 -3.21 -9.17
C ILE A 212 11.93 -4.05 -9.11
N LEU A 213 11.95 -5.04 -8.22
CA LEU A 213 13.09 -5.88 -8.09
C LEU A 213 13.27 -6.68 -9.38
N ARG A 214 14.49 -6.73 -9.93
CA ARG A 214 14.79 -7.49 -11.13
C ARG A 214 16.13 -8.21 -10.96
N PRO A 215 16.11 -9.34 -10.20
CA PRO A 215 17.28 -10.02 -9.69
C PRO A 215 18.12 -10.70 -10.74
N VAL A 216 17.63 -10.85 -11.96
CA VAL A 216 18.41 -11.55 -12.98
C VAL A 216 18.44 -10.78 -14.27
N GLU A 217 18.26 -9.49 -14.18
CA GLU A 217 18.40 -8.66 -15.35
C GLU A 217 19.76 -8.94 -15.96
N HIS A 218 20.75 -8.96 -15.07
CA HIS A 218 22.16 -9.14 -15.45
C HIS A 218 22.65 -10.59 -15.28
N GLY A 219 21.74 -11.54 -15.27
CA GLY A 219 22.15 -12.94 -15.11
C GLY A 219 22.16 -13.43 -13.68
N PRO A 220 22.43 -14.74 -13.48
CA PRO A 220 22.35 -15.35 -12.13
C PRO A 220 23.36 -14.82 -11.09
N HIS A 221 24.39 -14.11 -11.56
CA HIS A 221 25.44 -13.50 -10.73
C HIS A 221 25.37 -11.97 -10.71
N GLN A 222 24.18 -11.42 -10.95
CA GLN A 222 23.95 -9.98 -10.78
C GLN A 222 24.52 -9.53 -9.44
N THR A 223 24.96 -8.28 -9.34
CA THR A 223 25.43 -7.77 -8.04
C THR A 223 24.54 -6.67 -7.46
N ASP A 224 24.12 -5.73 -8.30
CA ASP A 224 23.52 -4.51 -7.78
C ASP A 224 21.98 -4.57 -7.82
N ASP A 225 21.38 -3.52 -7.28
CA ASP A 225 19.94 -3.32 -7.27
C ASP A 225 19.14 -4.54 -6.83
N LEU A 226 19.70 -5.32 -5.90
CA LEU A 226 19.04 -6.50 -5.38
C LEU A 226 18.10 -6.15 -4.23
N ALA A 227 18.08 -4.90 -3.81
CA ALA A 227 17.00 -4.43 -2.94
C ALA A 227 16.97 -2.94 -3.10
N PRO A 228 15.97 -2.28 -2.51
CA PRO A 228 15.91 -0.82 -2.45
C PRO A 228 16.81 -0.14 -1.37
N THR A 229 17.61 0.81 -1.86
CA THR A 229 18.54 1.65 -1.11
C THR A 229 17.99 3.09 -1.10
N GLY A 230 16.78 3.22 -0.61
CA GLY A 230 16.06 4.48 -0.66
C GLY A 230 14.66 4.21 -0.12
N SER A 231 13.92 5.28 0.11
CA SER A 231 12.58 5.16 0.70
C SER A 231 11.65 5.57 -0.40
N TRP A 232 11.57 4.70 -1.40
CA TRP A 232 10.72 4.96 -2.54
C TRP A 232 9.27 4.80 -2.07
N ASP A 233 8.33 5.49 -2.70
CA ASP A 233 6.94 5.21 -2.41
C ASP A 233 6.59 3.72 -2.35
N ILE A 234 7.02 2.94 -3.33
CA ILE A 234 6.65 1.53 -3.42
C ILE A 234 7.87 0.69 -3.71
N SER A 235 7.94 -0.44 -3.04
CA SER A 235 8.89 -1.46 -3.37
C SER A 235 8.08 -2.69 -3.78
N ALA A 236 8.48 -3.35 -4.89
CA ALA A 236 7.66 -4.38 -5.54
C ALA A 236 8.49 -5.50 -6.18
N THR A 237 7.89 -6.68 -6.25
CA THR A 237 8.61 -7.83 -6.72
C THR A 237 8.45 -7.95 -8.25
N ASP A 238 7.49 -7.22 -8.80
CA ASP A 238 7.24 -7.23 -10.26
C ASP A 238 6.13 -6.24 -10.51
N ILE A 239 5.67 -6.12 -11.77
CA ILE A 239 4.70 -5.10 -12.13
C ILE A 239 3.30 -5.53 -11.76
N THR A 240 3.12 -6.83 -11.58
CA THR A 240 1.85 -7.32 -11.05
C THR A 240 1.66 -6.84 -9.59
N ASP A 241 2.71 -6.98 -8.80
CA ASP A 241 2.77 -6.44 -7.43
C ASP A 241 2.62 -4.93 -7.47
N LEU A 242 3.25 -4.26 -8.44
CA LEU A 242 3.10 -2.81 -8.53
C LEU A 242 1.65 -2.40 -8.66
N ALA A 243 0.94 -3.09 -9.55
CA ALA A 243 -0.47 -2.78 -9.80
C ALA A 243 -1.33 -2.96 -8.54
N ALA A 244 -1.18 -4.09 -7.87
CA ALA A 244 -1.92 -4.34 -6.64
C ALA A 244 -1.61 -3.29 -5.56
N GLN A 245 -0.35 -3.02 -5.32
CA GLN A 245 0.04 -1.96 -4.35
C GLN A 245 -0.46 -0.57 -4.73
N LEU A 246 -0.44 -0.23 -6.01
CA LEU A 246 -1.04 1.03 -6.47
C LEU A 246 -2.52 1.09 -6.15
N ARG A 247 -3.16 -0.08 -6.09
CA ARG A 247 -4.60 -0.11 -5.90
C ARG A 247 -5.05 0.00 -4.46
N ALA A 248 -4.25 -0.51 -3.54
CA ALA A 248 -4.54 -0.35 -2.12
C ALA A 248 -4.65 1.14 -1.73
N GLY A 249 -3.70 1.97 -2.22
CA GLY A 249 -3.66 3.42 -1.97
C GLY A 249 -2.59 3.74 -0.94
N SER A 250 -2.55 4.98 -0.42
CA SER A 250 -1.63 5.32 0.74
C SER A 250 -2.29 5.80 2.06
N GLY B 3 -0.98 -9.66 -41.45
CA GLY B 3 -1.56 -9.70 -42.85
C GLY B 3 -0.76 -8.80 -43.78
N VAL B 4 -0.94 -8.92 -45.11
CA VAL B 4 -0.09 -8.16 -46.05
C VAL B 4 -0.44 -6.66 -46.01
N PRO B 5 0.59 -5.78 -45.94
CA PRO B 5 0.31 -4.36 -45.70
C PRO B 5 -0.29 -3.63 -46.91
N PHE B 6 -0.98 -2.53 -46.65
CA PHE B 6 -1.56 -1.65 -47.68
C PHE B 6 -0.46 -0.77 -48.25
N ARG B 7 -0.15 -0.96 -49.53
CA ARG B 7 0.83 -0.12 -50.25
C ARG B 7 0.16 1.11 -50.82
N SER B 8 0.63 2.29 -50.43
CA SER B 8 0.03 3.53 -50.93
C SER B 8 0.32 3.66 -52.39
N PRO B 9 -0.71 3.91 -53.22
CA PRO B 9 -0.42 4.14 -54.64
C PRO B 9 0.28 5.48 -54.88
N SER B 10 -0.01 6.48 -54.04
CA SER B 10 0.55 7.82 -54.22
C SER B 10 2.04 7.92 -53.80
N THR B 11 2.43 7.16 -52.79
CA THR B 11 3.78 7.16 -52.26
C THR B 11 4.51 5.88 -52.71
N GLY B 12 3.77 4.90 -53.22
CA GLY B 12 4.42 3.64 -53.59
C GLY B 12 4.84 2.74 -52.42
N ARG B 13 4.91 3.28 -51.19
CA ARG B 13 5.50 2.54 -50.02
C ARG B 13 4.45 1.80 -49.20
N ASN B 14 4.79 0.62 -48.70
CA ASN B 14 4.02 -0.05 -47.64
C ASN B 14 3.71 0.91 -46.46
N VAL B 15 2.45 1.02 -46.03
CA VAL B 15 2.15 1.86 -44.87
C VAL B 15 2.46 1.07 -43.61
N ARG B 16 3.01 1.78 -42.64
CA ARG B 16 3.44 1.25 -41.36
C ARG B 16 2.75 1.97 -40.20
N ALA B 17 2.48 3.29 -40.36
CA ALA B 17 1.74 4.12 -39.41
C ALA B 17 0.54 4.79 -40.09
N VAL B 18 -0.63 4.70 -39.46
CA VAL B 18 -1.84 5.38 -39.91
C VAL B 18 -2.14 6.33 -38.79
N LEU B 19 -2.00 7.62 -39.07
CA LEU B 19 -2.06 8.62 -38.04
C LEU B 19 -3.21 9.54 -38.39
N PHE B 20 -3.85 10.12 -37.38
CA PHE B 20 -5.19 10.68 -37.53
C PHE B 20 -5.25 12.12 -37.17
N ASP B 21 -5.86 12.93 -38.03
CA ASP B 21 -6.44 14.16 -37.50
C ASP B 21 -7.46 13.68 -36.43
N THR B 22 -7.48 14.33 -35.28
CA THR B 22 -8.31 13.92 -34.14
C THR B 22 -9.64 14.73 -34.04
N PHE B 23 -9.56 16.05 -33.81
CA PHE B 23 -10.78 16.86 -33.67
C PHE B 23 -11.56 16.70 -34.93
N GLY B 24 -12.76 16.16 -34.85
CA GLY B 24 -13.61 15.99 -36.01
C GLY B 24 -13.55 14.68 -36.73
N THR B 25 -12.34 14.27 -37.12
CA THR B 25 -12.13 12.97 -37.77
C THR B 25 -12.40 11.79 -36.80
N VAL B 26 -12.00 11.94 -35.55
CA VAL B 26 -12.12 10.86 -34.59
C VAL B 26 -13.18 11.17 -33.54
N VAL B 27 -13.15 12.38 -32.95
CA VAL B 27 -14.12 12.79 -31.93
C VAL B 27 -15.04 13.94 -32.35
N ASP B 28 -16.23 13.96 -31.75
CA ASP B 28 -17.30 14.91 -32.10
C ASP B 28 -17.10 16.05 -31.14
N TRP B 29 -16.22 16.98 -31.51
CA TRP B 29 -15.90 18.12 -30.61
C TRP B 29 -17.17 18.95 -30.33
N ARG B 30 -18.06 19.07 -31.30
CA ARG B 30 -19.09 20.13 -31.22
C ARG B 30 -20.08 19.87 -30.11
N THR B 31 -20.65 18.66 -30.10
CA THR B 31 -21.59 18.25 -29.05
C THR B 31 -20.86 18.31 -27.71
N GLY B 32 -19.58 17.95 -27.73
CA GLY B 32 -18.81 17.91 -26.49
C GLY B 32 -18.61 19.26 -25.82
N ILE B 33 -18.26 20.24 -26.65
CA ILE B 33 -18.09 21.62 -26.20
C ILE B 33 -19.50 22.26 -25.97
N ALA B 34 -20.43 22.08 -26.89
CA ALA B 34 -21.80 22.59 -26.65
C ALA B 34 -22.21 22.24 -25.21
N THR B 35 -22.10 20.97 -24.85
CA THR B 35 -22.57 20.45 -23.58
C THR B 35 -21.87 21.09 -22.40
N ALA B 36 -20.55 21.20 -22.52
CA ALA B 36 -19.73 21.71 -21.41
C ALA B 36 -20.02 23.19 -21.15
N VAL B 37 -20.24 23.93 -22.23
CA VAL B 37 -20.56 25.33 -22.14
C VAL B 37 -21.90 25.56 -21.43
N ALA B 38 -22.89 24.81 -21.89
CA ALA B 38 -24.26 24.85 -21.40
C ALA B 38 -24.25 24.60 -19.92
N ASP B 39 -23.32 23.75 -19.49
CA ASP B 39 -23.15 23.35 -18.09
C ASP B 39 -22.47 24.42 -17.23
N TYR B 40 -21.40 25.02 -17.77
CA TYR B 40 -20.79 26.21 -17.16
C TYR B 40 -21.77 27.37 -17.09
N ALA B 41 -22.41 27.67 -18.23
CA ALA B 41 -23.50 28.65 -18.34
C ALA B 41 -24.51 28.51 -17.19
N ALA B 42 -25.10 27.33 -17.08
CA ALA B 42 -26.11 27.07 -16.07
C ALA B 42 -25.55 27.19 -14.65
N ARG B 43 -24.33 26.69 -14.39
CA ARG B 43 -23.74 26.79 -13.03
C ARG B 43 -23.35 28.23 -12.60
N HIS B 44 -23.23 29.16 -13.55
CA HIS B 44 -22.80 30.55 -13.23
C HIS B 44 -23.84 31.58 -13.69
N GLN B 45 -25.05 31.09 -13.96
CA GLN B 45 -26.25 31.89 -14.09
C GLN B 45 -26.15 32.92 -15.25
N LEU B 46 -25.65 32.47 -16.40
CA LEU B 46 -25.63 33.27 -17.63
C LEU B 46 -26.40 32.54 -18.73
N GLU B 47 -26.63 33.23 -19.85
CA GLU B 47 -27.51 32.76 -20.95
C GLU B 47 -26.88 32.94 -22.34
N VAL B 48 -26.88 31.86 -23.12
CA VAL B 48 -26.19 31.86 -24.42
C VAL B 48 -26.63 30.69 -25.30
N ASP B 49 -26.60 30.88 -26.61
CA ASP B 49 -26.73 29.73 -27.56
C ASP B 49 -25.42 28.91 -27.51
N ALA B 50 -25.39 27.92 -26.59
CA ALA B 50 -24.20 27.09 -26.26
C ALA B 50 -23.54 26.40 -27.45
N VAL B 51 -24.37 26.10 -28.46
CA VAL B 51 -23.93 25.56 -29.75
C VAL B 51 -23.18 26.64 -30.53
N ALA B 52 -23.83 27.79 -30.67
CA ALA B 52 -23.25 28.98 -31.30
C ALA B 52 -21.90 29.37 -30.65
N PHE B 53 -21.90 29.45 -29.33
CA PHE B 53 -20.71 29.76 -28.55
C PHE B 53 -19.64 28.72 -28.86
N ALA B 54 -20.04 27.44 -28.90
CA ALA B 54 -19.15 26.34 -29.34
C ALA B 54 -18.55 26.57 -30.72
N ASP B 55 -19.40 27.01 -31.65
CA ASP B 55 -19.02 27.17 -33.06
C ASP B 55 -18.13 28.45 -33.28
N ARG B 56 -18.30 29.43 -32.38
CA ARG B 56 -17.43 30.63 -32.29
C ARG B 56 -16.08 30.30 -31.63
N TRP B 57 -16.11 29.51 -30.55
CA TRP B 57 -14.91 29.00 -29.93
C TRP B 57 -14.11 28.23 -30.96
N ARG B 58 -14.76 27.49 -31.86
CA ARG B 58 -14.07 26.73 -32.93
C ARG B 58 -13.57 27.63 -34.03
N ALA B 59 -14.31 28.71 -34.21
CA ALA B 59 -13.94 29.76 -35.16
C ALA B 59 -12.54 30.36 -34.83
N ARG B 60 -12.19 30.41 -33.54
CA ARG B 60 -10.94 30.98 -33.03
C ARG B 60 -9.73 30.03 -32.97
N TYR B 61 -9.87 28.89 -33.64
CA TYR B 61 -8.90 27.82 -33.59
C TYR B 61 -7.78 28.15 -34.59
N GLN B 62 -8.12 28.14 -35.88
CA GLN B 62 -7.11 28.42 -36.89
C GLN B 62 -6.49 29.84 -36.76
N PRO B 63 -7.30 30.90 -36.43
CA PRO B 63 -6.76 32.25 -36.22
C PRO B 63 -5.77 32.37 -35.10
N SER B 64 -6.01 31.66 -34.00
CA SER B 64 -5.09 31.61 -32.87
C SER B 64 -3.78 30.92 -33.27
N MET B 65 -3.87 29.96 -34.20
CA MET B 65 -2.69 29.25 -34.71
C MET B 65 -1.90 30.06 -35.77
N ASP B 66 -2.62 30.80 -36.61
CA ASP B 66 -2.00 31.51 -37.75
C ASP B 66 -0.99 32.55 -37.30
N ALA B 67 -1.23 33.08 -36.10
CA ALA B 67 -0.30 33.96 -35.37
C ALA B 67 1.06 33.33 -35.06
N ILE B 68 1.06 32.01 -34.90
CA ILE B 68 2.28 31.25 -34.62
C ILE B 68 2.90 30.74 -35.92
N LEU B 69 2.04 30.35 -36.87
CA LEU B 69 2.46 29.87 -38.20
C LEU B 69 3.19 30.94 -39.02
N SER B 70 2.81 32.21 -38.86
CA SER B 70 3.38 33.32 -39.64
C SER B 70 4.71 33.80 -39.06
N GLY B 71 5.04 33.36 -37.86
CA GLY B 71 6.26 33.79 -37.21
C GLY B 71 5.95 34.92 -36.25
N ALA B 72 4.76 35.53 -36.43
CA ALA B 72 4.35 36.68 -35.60
C ALA B 72 4.28 36.42 -34.11
N ARG B 73 4.27 35.13 -33.73
CA ARG B 73 4.23 34.75 -32.30
C ARG B 73 5.05 33.49 -31.98
N GLU B 74 5.63 33.46 -30.76
CA GLU B 74 6.34 32.29 -30.23
C GLU B 74 5.35 31.18 -29.92
N PHE B 75 5.68 29.97 -30.38
CA PHE B 75 4.83 28.82 -30.24
C PHE B 75 4.32 28.69 -28.83
N VAL B 76 3.04 28.33 -28.69
CA VAL B 76 2.47 27.84 -27.42
C VAL B 76 1.54 26.64 -27.65
N THR B 77 1.21 25.97 -26.53
CA THR B 77 0.32 24.79 -26.48
C THR B 77 -1.12 25.17 -26.85
N LEU B 78 -1.73 24.41 -27.74
CA LEU B 78 -3.18 24.53 -28.02
C LEU B 78 -4.02 24.75 -26.73
N ASP B 79 -3.67 24.10 -25.63
CA ASP B 79 -4.34 24.43 -24.36
C ASP B 79 -4.37 25.93 -24.09
N ILE B 80 -3.18 26.56 -24.12
CA ILE B 80 -3.04 28.01 -23.87
C ILE B 80 -3.88 28.76 -24.91
N LEU B 81 -3.73 28.43 -26.19
CA LEU B 81 -4.56 29.01 -27.22
C LEU B 81 -6.07 28.90 -26.96
N HIS B 82 -6.52 27.74 -26.48
CA HIS B 82 -7.94 27.49 -26.27
C HIS B 82 -8.45 28.30 -25.11
N ARG B 83 -7.67 28.41 -24.03
CA ARG B 83 -8.08 29.24 -22.88
C ARG B 83 -8.16 30.75 -23.23
N GLU B 84 -7.23 31.20 -24.06
CA GLU B 84 -7.27 32.55 -24.63
C GLU B 84 -8.51 32.76 -25.51
N ASN B 85 -8.79 31.82 -26.41
CA ASN B 85 -10.00 31.97 -27.23
C ASN B 85 -11.27 31.91 -26.41
N LEU B 86 -11.26 31.21 -25.27
CA LEU B 86 -12.45 31.15 -24.42
C LEU B 86 -12.77 32.57 -24.01
N ASP B 87 -11.77 33.24 -23.41
CA ASP B 87 -11.87 34.65 -23.09
C ASP B 87 -12.43 35.44 -24.27
N PHE B 88 -11.86 35.23 -25.45
CA PHE B 88 -12.33 35.90 -26.64
C PHE B 88 -13.83 35.73 -26.83
N VAL B 89 -14.31 34.49 -26.87
CA VAL B 89 -15.71 34.20 -27.20
C VAL B 89 -16.66 34.69 -26.12
N LEU B 90 -16.28 34.54 -24.86
CA LEU B 90 -17.02 35.15 -23.77
C LEU B 90 -17.29 36.65 -24.01
N ARG B 91 -16.21 37.41 -24.21
CA ARG B 91 -16.32 38.83 -24.61
C ARG B 91 -17.31 39.05 -25.76
N GLU B 92 -17.14 38.36 -26.90
CA GLU B 92 -18.14 38.38 -28.01
C GLU B 92 -19.59 38.15 -27.56
N SER B 93 -19.76 37.28 -26.55
CA SER B 93 -21.07 36.95 -25.95
C SER B 93 -21.44 37.87 -24.76
N GLY B 94 -20.70 38.98 -24.61
CA GLY B 94 -21.03 40.03 -23.65
C GLY B 94 -20.60 39.79 -22.21
N ILE B 95 -19.88 38.68 -21.98
CA ILE B 95 -19.43 38.31 -20.63
C ILE B 95 -18.02 38.86 -20.46
N ASP B 96 -17.72 39.30 -19.24
CA ASP B 96 -16.36 39.69 -18.91
C ASP B 96 -15.63 38.67 -18.06
N PRO B 97 -14.63 38.00 -18.66
CA PRO B 97 -13.84 36.97 -17.99
C PRO B 97 -13.23 37.35 -16.63
N THR B 98 -12.98 38.65 -16.36
CA THR B 98 -12.35 39.04 -15.08
C THR B 98 -13.23 38.79 -13.87
N ASN B 99 -14.56 38.83 -14.08
CA ASN B 99 -15.55 38.56 -13.01
C ASN B 99 -15.99 37.09 -12.94
N HIS B 100 -15.16 36.22 -13.55
CA HIS B 100 -15.20 34.77 -13.32
C HIS B 100 -13.90 34.26 -12.70
N ASP B 101 -14.00 33.15 -11.97
CA ASP B 101 -12.86 32.45 -11.38
C ASP B 101 -11.99 31.93 -12.51
N SER B 102 -10.76 32.41 -12.52
CA SER B 102 -9.74 31.98 -13.47
C SER B 102 -9.66 30.46 -13.58
N GLY B 103 -9.47 29.79 -12.44
CA GLY B 103 -9.39 28.32 -12.33
C GLY B 103 -10.57 27.55 -12.92
N GLU B 104 -11.79 28.07 -12.70
CA GLU B 104 -13.01 27.53 -13.32
C GLU B 104 -13.03 27.69 -14.85
N LEU B 105 -12.41 28.76 -15.36
CA LEU B 105 -12.33 28.97 -16.81
C LEU B 105 -11.23 28.11 -17.42
N ASP B 106 -10.20 27.87 -16.62
CA ASP B 106 -9.10 26.96 -16.99
C ASP B 106 -9.68 25.55 -17.13
N GLU B 107 -10.62 25.20 -16.24
CA GLU B 107 -11.38 23.95 -16.35
C GLU B 107 -12.27 23.96 -17.60
N LEU B 108 -12.89 25.08 -17.90
CA LEU B 108 -13.81 25.07 -19.03
C LEU B 108 -13.01 24.90 -20.32
N ALA B 109 -11.78 25.44 -20.32
CA ALA B 109 -10.92 25.44 -21.53
C ALA B 109 -10.38 24.05 -21.82
N ARG B 110 -10.19 23.26 -20.76
CA ARG B 110 -9.78 21.86 -20.90
C ARG B 110 -10.93 20.89 -21.25
N ALA B 111 -12.11 21.42 -21.65
CA ALA B 111 -13.23 20.58 -22.15
C ALA B 111 -12.86 19.88 -23.45
N TRP B 112 -11.83 20.35 -24.13
CA TRP B 112 -11.39 19.74 -25.40
C TRP B 112 -10.65 18.43 -25.14
N HIS B 113 -10.35 18.19 -23.86
CA HIS B 113 -9.68 16.97 -23.42
C HIS B 113 -10.71 15.84 -23.11
N VAL B 114 -12.01 16.19 -23.06
CA VAL B 114 -13.10 15.27 -22.68
C VAL B 114 -14.14 15.21 -23.82
N LEU B 115 -13.78 14.65 -24.98
CA LEU B 115 -14.72 14.57 -26.09
C LEU B 115 -15.00 13.11 -26.44
N THR B 116 -16.12 12.87 -27.12
CA THR B 116 -16.63 11.54 -27.37
C THR B 116 -16.22 11.14 -28.75
N PRO B 117 -15.64 9.94 -28.93
CA PRO B 117 -15.39 9.47 -30.29
C PRO B 117 -16.67 9.21 -31.02
N TRP B 118 -16.65 9.36 -32.33
CA TRP B 118 -17.75 8.87 -33.12
C TRP B 118 -17.85 7.36 -32.86
N PRO B 119 -19.05 6.79 -33.00
CA PRO B 119 -19.19 5.38 -32.57
C PRO B 119 -18.31 4.42 -33.36
N ASP B 120 -17.86 4.84 -34.52
CA ASP B 120 -17.13 3.92 -35.38
C ASP B 120 -15.63 3.95 -35.09
N SER B 121 -15.21 4.82 -34.19
CA SER B 121 -13.79 5.17 -34.11
C SER B 121 -13.00 4.16 -33.33
N VAL B 122 -13.38 3.93 -32.07
CA VAL B 122 -12.60 3.07 -31.23
C VAL B 122 -12.50 1.66 -31.88
N PRO B 123 -13.62 1.04 -32.31
CA PRO B 123 -13.44 -0.31 -32.92
C PRO B 123 -12.62 -0.30 -34.21
N GLY B 124 -12.69 0.79 -34.97
CA GLY B 124 -12.00 0.84 -36.24
C GLY B 124 -10.53 0.96 -35.94
N LEU B 125 -10.19 1.86 -35.05
CA LEU B 125 -8.82 2.00 -34.63
C LEU B 125 -8.29 0.70 -34.02
N THR B 126 -9.14 -0.06 -33.30
CA THR B 126 -8.66 -1.26 -32.59
C THR B 126 -8.16 -2.25 -33.61
N ALA B 127 -8.84 -2.30 -34.73
CA ALA B 127 -8.55 -3.26 -35.78
C ALA B 127 -7.31 -2.85 -36.52
N ILE B 128 -7.12 -1.55 -36.71
CA ILE B 128 -5.95 -1.04 -37.40
C ILE B 128 -4.73 -1.23 -36.49
N LYS B 129 -4.89 -0.94 -35.20
CA LYS B 129 -3.83 -1.17 -34.22
C LYS B 129 -3.25 -2.59 -34.32
N ALA B 130 -4.07 -3.61 -34.57
CA ALA B 130 -3.58 -4.98 -34.63
C ALA B 130 -2.51 -5.24 -35.73
N GLU B 131 -2.47 -4.40 -36.77
CA GLU B 131 -1.48 -4.52 -37.87
C GLU B 131 -0.59 -3.29 -38.16
N TYR B 132 -0.94 -2.11 -37.64
CA TYR B 132 -0.24 -0.84 -37.90
C TYR B 132 0.02 -0.07 -36.65
N ILE B 133 0.98 0.87 -36.70
CA ILE B 133 1.13 1.89 -35.66
C ILE B 133 -0.03 2.86 -35.80
N ILE B 134 -0.66 3.29 -34.71
CA ILE B 134 -1.68 4.29 -34.83
C ILE B 134 -1.43 5.39 -33.81
N GLY B 135 -1.82 6.60 -34.19
CA GLY B 135 -1.71 7.71 -33.27
C GLY B 135 -2.29 8.87 -33.99
N PRO B 136 -2.46 10.02 -33.29
CA PRO B 136 -2.85 11.25 -33.93
C PRO B 136 -1.75 11.99 -34.67
N LEU B 137 -2.20 12.77 -35.65
CA LEU B 137 -1.38 13.77 -36.34
C LEU B 137 -2.25 15.01 -36.33
N SER B 138 -2.07 15.81 -35.32
CA SER B 138 -3.11 16.68 -34.93
C SER B 138 -2.52 17.92 -34.37
N ASN B 139 -3.34 18.97 -34.27
CA ASN B 139 -2.86 20.21 -33.68
C ASN B 139 -2.93 20.22 -32.20
N GLY B 140 -3.53 19.21 -31.60
CA GLY B 140 -3.56 19.13 -30.16
C GLY B 140 -2.16 18.93 -29.60
N ASN B 141 -1.90 19.49 -28.40
CA ASN B 141 -0.68 19.18 -27.69
C ASN B 141 -0.82 17.82 -27.03
N THR B 142 0.33 17.23 -26.73
CA THR B 142 0.40 15.87 -26.27
C THR B 142 -0.57 15.58 -25.11
N SER B 143 -0.44 16.38 -24.05
CA SER B 143 -1.15 16.22 -22.81
C SER B 143 -2.63 16.31 -23.01
N LEU B 144 -3.03 17.20 -23.92
CA LEU B 144 -4.43 17.29 -24.26
C LEU B 144 -4.86 16.00 -24.90
N LEU B 145 -4.11 15.53 -25.88
CA LEU B 145 -4.58 14.41 -26.69
C LEU B 145 -4.55 13.09 -25.89
N LEU B 146 -3.64 13.04 -24.92
CA LEU B 146 -3.51 11.92 -24.05
C LEU B 146 -4.68 11.89 -23.07
N ASP B 147 -4.90 13.01 -22.37
CA ASP B 147 -6.11 13.19 -21.61
C ASP B 147 -7.34 12.65 -22.40
N MET B 148 -7.42 12.97 -23.69
CA MET B 148 -8.57 12.57 -24.49
C MET B 148 -8.60 11.06 -24.67
N ALA B 149 -7.45 10.47 -24.93
CA ALA B 149 -7.36 9.08 -25.21
C ALA B 149 -7.82 8.32 -23.96
N LYS B 150 -7.29 8.73 -22.81
CA LYS B 150 -7.65 8.13 -21.55
C LYS B 150 -9.13 8.21 -21.10
N ASN B 151 -9.84 9.34 -21.35
CA ASN B 151 -11.24 9.49 -20.93
CA ASN B 151 -11.26 9.48 -20.95
C ASN B 151 -12.21 8.69 -21.83
N ALA B 152 -11.80 8.44 -23.08
CA ALA B 152 -12.59 7.80 -24.13
C ALA B 152 -12.06 6.44 -24.65
N GLY B 153 -10.94 5.95 -24.10
CA GLY B 153 -10.35 4.68 -24.53
C GLY B 153 -9.92 4.61 -25.98
N ILE B 154 -9.29 5.69 -26.48
CA ILE B 154 -8.84 5.71 -27.87
C ILE B 154 -7.48 5.07 -27.80
N PRO B 155 -7.28 3.96 -28.50
CA PRO B 155 -6.13 3.12 -28.19
C PRO B 155 -4.86 3.48 -28.98
N TRP B 156 -4.39 4.74 -28.87
CA TRP B 156 -3.18 5.11 -29.59
C TRP B 156 -1.98 4.32 -29.08
N ASP B 157 -1.05 4.00 -29.98
CA ASP B 157 0.27 3.51 -29.68
C ASP B 157 1.24 4.62 -29.32
N VAL B 158 1.07 5.78 -29.95
CA VAL B 158 2.04 6.89 -29.79
C VAL B 158 1.36 8.25 -30.03
N ILE B 159 1.74 9.26 -29.22
CA ILE B 159 1.12 10.57 -29.32
C ILE B 159 2.17 11.62 -29.55
N ILE B 160 2.40 11.97 -30.81
CA ILE B 160 3.29 13.12 -31.15
C ILE B 160 2.41 14.33 -31.29
N GLY B 161 2.35 15.06 -30.17
CA GLY B 161 1.63 16.31 -30.15
C GLY B 161 2.33 17.44 -30.89
N SER B 162 1.52 18.45 -31.17
CA SER B 162 1.95 19.61 -31.90
C SER B 162 3.10 20.26 -31.12
N ASP B 163 3.02 20.29 -29.80
CA ASP B 163 4.10 20.85 -28.97
C ASP B 163 5.44 20.07 -28.93
N ILE B 164 5.50 18.91 -29.60
CA ILE B 164 6.73 18.10 -29.71
C ILE B 164 7.47 18.53 -30.95
N ASN B 165 6.72 18.66 -32.02
CA ASN B 165 7.25 19.20 -33.26
C ASN B 165 7.48 20.74 -33.22
N ARG B 166 6.97 21.42 -32.19
CA ARG B 166 6.78 22.88 -32.20
C ARG B 166 6.35 23.39 -33.58
N LYS B 167 5.35 22.71 -34.18
CA LYS B 167 4.74 23.11 -35.45
C LYS B 167 3.23 22.83 -35.45
N TYR B 168 2.46 23.65 -36.17
CA TYR B 168 1.01 23.45 -36.31
C TYR B 168 0.72 23.11 -37.77
N LYS B 169 -0.31 22.30 -38.04
CA LYS B 169 -0.63 21.92 -39.42
C LYS B 169 -1.29 23.14 -40.08
N PRO B 170 -1.26 23.23 -41.41
CA PRO B 170 -0.57 22.40 -42.39
C PRO B 170 0.92 22.80 -42.64
N ASP B 171 1.61 23.30 -41.62
CA ASP B 171 3.04 23.59 -41.79
C ASP B 171 3.73 22.28 -42.16
N PRO B 172 4.32 22.18 -43.36
CA PRO B 172 4.79 20.86 -43.84
C PRO B 172 5.74 20.12 -42.88
N GLN B 173 6.40 20.89 -42.03
CA GLN B 173 7.24 20.36 -41.00
C GLN B 173 6.44 19.52 -39.98
N ALA B 174 5.22 19.96 -39.65
CA ALA B 174 4.36 19.20 -38.72
C ALA B 174 4.31 17.70 -39.14
N TYR B 175 4.09 17.44 -40.42
CA TYR B 175 4.00 16.08 -40.95
C TYR B 175 5.37 15.39 -40.89
N LEU B 176 6.40 16.16 -41.26
CA LEU B 176 7.73 15.60 -41.56
C LEU B 176 8.42 15.28 -40.28
N ARG B 177 8.22 16.08 -39.26
CA ARG B 177 8.79 15.78 -37.96
C ARG B 177 8.09 14.59 -37.27
N THR B 178 6.81 14.34 -37.60
CA THR B 178 6.07 13.24 -37.03
C THR B 178 6.68 11.94 -37.55
N ALA B 179 6.68 11.78 -38.88
CA ALA B 179 7.33 10.65 -39.53
C ALA B 179 8.76 10.44 -39.06
N GLN B 180 9.53 11.51 -38.94
CA GLN B 180 10.92 11.37 -38.55
C GLN B 180 11.02 10.77 -37.16
N VAL B 181 10.31 11.37 -36.21
CA VAL B 181 10.44 10.98 -34.82
C VAL B 181 10.01 9.50 -34.62
N LEU B 182 9.19 9.00 -35.52
CA LEU B 182 8.74 7.60 -35.57
C LEU B 182 9.65 6.65 -36.38
N GLY B 183 10.69 7.18 -37.03
CA GLY B 183 11.67 6.33 -37.69
C GLY B 183 11.17 5.80 -39.01
N LEU B 184 10.26 6.54 -39.63
CA LEU B 184 9.55 6.10 -40.81
C LEU B 184 9.79 7.09 -41.95
N HIS B 185 9.74 6.61 -43.19
CA HIS B 185 9.88 7.53 -44.33
C HIS B 185 8.55 8.16 -44.44
N PRO B 186 8.48 9.45 -44.83
CA PRO B 186 7.17 10.08 -45.03
C PRO B 186 6.16 9.23 -45.81
N GLY B 187 6.60 8.50 -46.81
CA GLY B 187 5.70 7.70 -47.62
C GLY B 187 5.12 6.51 -46.91
N GLU B 188 5.62 6.23 -45.69
CA GLU B 188 5.16 5.10 -44.89
C GLU B 188 4.10 5.54 -43.88
N VAL B 189 3.87 6.83 -43.76
CA VAL B 189 2.86 7.36 -42.88
C VAL B 189 1.62 7.73 -43.69
N MET B 190 0.44 7.30 -43.24
CA MET B 190 -0.82 7.70 -43.86
C MET B 190 -1.51 8.74 -42.97
N LEU B 191 -2.09 9.78 -43.55
CA LEU B 191 -2.84 10.78 -42.76
C LEU B 191 -4.25 10.43 -43.01
N ALA B 192 -4.99 10.10 -41.94
CA ALA B 192 -6.42 9.93 -42.08
C ALA B 192 -7.07 11.20 -41.51
N ALA B 193 -7.85 11.87 -42.35
CA ALA B 193 -8.48 13.13 -41.97
C ALA B 193 -9.84 13.26 -42.67
N ALA B 194 -10.76 13.95 -42.00
CA ALA B 194 -12.07 14.33 -42.57
C ALA B 194 -12.04 15.72 -43.24
N HIS B 195 -10.83 16.27 -43.39
CA HIS B 195 -10.64 17.60 -43.94
C HIS B 195 -9.64 17.51 -45.12
N ASN B 196 -10.19 17.71 -46.31
CA ASN B 196 -9.44 17.76 -47.57
C ASN B 196 -8.18 18.66 -47.61
N GLY B 197 -8.21 19.81 -46.93
CA GLY B 197 -7.07 20.77 -46.88
C GLY B 197 -5.90 20.32 -45.99
N ASP B 198 -6.18 19.37 -45.09
CA ASP B 198 -5.16 18.72 -44.28
C ASP B 198 -4.52 17.58 -45.10
N LEU B 199 -5.37 16.79 -45.78
CA LEU B 199 -4.89 15.75 -46.67
C LEU B 199 -4.08 16.30 -47.81
N GLU B 200 -4.48 17.45 -48.36
CA GLU B 200 -3.68 18.07 -49.44
C GLU B 200 -2.30 18.51 -48.90
N ALA B 201 -2.29 19.14 -47.73
CA ALA B 201 -1.02 19.57 -47.12
C ALA B 201 -0.07 18.38 -46.91
N ALA B 202 -0.63 17.23 -46.53
CA ALA B 202 0.13 16.00 -46.25
C ALA B 202 0.53 15.24 -47.54
N HIS B 203 -0.34 15.18 -48.56
CA HIS B 203 0.07 14.64 -49.86
C HIS B 203 1.28 15.42 -50.43
N ALA B 204 1.24 16.75 -50.30
CA ALA B 204 2.27 17.59 -50.93
C ALA B 204 3.60 17.44 -50.18
N THR B 205 3.52 17.00 -48.91
CA THR B 205 4.71 16.65 -48.12
C THR B 205 5.15 15.19 -48.31
N GLY B 206 4.44 14.40 -49.12
CA GLY B 206 4.88 13.00 -49.41
C GLY B 206 4.25 11.88 -48.57
N LEU B 207 3.40 12.23 -47.58
CA LEU B 207 2.65 11.19 -46.77
C LEU B 207 1.54 10.56 -47.54
N ALA B 208 1.24 9.28 -47.27
CA ALA B 208 0.02 8.58 -47.80
C ALA B 208 -1.25 9.22 -47.19
N THR B 209 -2.43 8.95 -47.78
CA THR B 209 -3.66 9.69 -47.46
C THR B 209 -4.97 8.83 -47.34
N ALA B 210 -5.79 9.19 -46.35
CA ALA B 210 -7.13 8.63 -46.18
C ALA B 210 -8.15 9.68 -45.79
N PHE B 211 -9.22 9.77 -46.59
CA PHE B 211 -10.37 10.62 -46.28
C PHE B 211 -11.42 9.79 -45.52
N ILE B 212 -11.91 10.39 -44.43
CA ILE B 212 -13.01 9.87 -43.61
C ILE B 212 -14.12 10.93 -43.60
N LEU B 213 -15.31 10.55 -44.07
CA LEU B 213 -16.46 11.47 -44.19
C LEU B 213 -17.17 11.68 -42.88
N ARG B 214 -17.15 12.91 -42.40
CA ARG B 214 -17.86 13.28 -41.21
C ARG B 214 -18.80 14.44 -41.50
N PRO B 215 -20.00 14.14 -42.02
CA PRO B 215 -20.91 15.14 -42.59
C PRO B 215 -21.65 15.94 -41.54
N VAL B 216 -21.49 15.58 -40.28
CA VAL B 216 -22.21 16.29 -39.25
C VAL B 216 -21.27 16.82 -38.17
N GLU B 217 -19.98 16.94 -38.51
CA GLU B 217 -19.02 17.48 -37.57
C GLU B 217 -19.43 18.89 -37.09
N HIS B 218 -19.84 19.73 -38.02
CA HIS B 218 -20.40 21.07 -37.69
C HIS B 218 -21.95 21.06 -37.66
N GLY B 219 -22.54 19.89 -37.41
CA GLY B 219 -24.00 19.71 -37.36
C GLY B 219 -24.67 19.44 -38.72
N PRO B 220 -26.02 19.49 -38.76
CA PRO B 220 -26.77 19.19 -39.97
C PRO B 220 -26.52 20.23 -41.07
N HIS B 221 -26.25 21.47 -40.66
CA HIS B 221 -25.99 22.57 -41.57
C HIS B 221 -24.51 22.69 -41.92
N GLN B 222 -23.83 21.55 -42.04
CA GLN B 222 -22.46 21.52 -42.46
C GLN B 222 -22.41 21.66 -43.99
N THR B 223 -21.57 22.59 -44.44
CA THR B 223 -21.29 22.79 -45.87
C THR B 223 -20.01 22.08 -46.32
N ASP B 224 -18.97 22.15 -45.49
CA ASP B 224 -17.60 21.76 -45.90
C ASP B 224 -17.36 20.26 -45.89
N ASP B 225 -16.43 19.86 -46.75
CA ASP B 225 -15.87 18.52 -46.70
C ASP B 225 -16.92 17.42 -46.74
N LEU B 226 -18.01 17.65 -47.51
CA LEU B 226 -19.09 16.69 -47.63
C LEU B 226 -18.79 15.65 -48.75
N ALA B 227 -17.52 15.58 -49.20
CA ALA B 227 -17.02 14.47 -50.06
C ALA B 227 -15.49 14.65 -50.34
N PRO B 228 -14.81 13.63 -50.92
CA PRO B 228 -13.33 13.73 -51.10
C PRO B 228 -12.95 14.60 -52.32
N THR B 229 -12.17 15.65 -52.13
CA THR B 229 -11.82 16.50 -53.30
C THR B 229 -10.47 16.13 -53.96
N GLY B 230 -9.66 15.30 -53.32
CA GLY B 230 -8.36 14.83 -53.91
C GLY B 230 -8.39 13.39 -54.42
N SER B 231 -7.29 12.92 -55.00
CA SER B 231 -7.20 11.51 -55.44
C SER B 231 -6.47 10.64 -54.37
N TRP B 232 -7.00 10.77 -53.15
CA TRP B 232 -6.51 10.10 -51.97
C TRP B 232 -6.37 8.57 -52.11
N ASP B 233 -5.51 7.96 -51.30
CA ASP B 233 -5.31 6.49 -51.34
C ASP B 233 -6.57 5.75 -50.98
N ILE B 234 -7.29 6.35 -50.04
CA ILE B 234 -8.51 5.76 -49.47
C ILE B 234 -9.51 6.82 -49.16
N SER B 235 -10.74 6.57 -49.60
CA SER B 235 -11.88 7.41 -49.21
C SER B 235 -12.79 6.46 -48.40
N ALA B 236 -13.17 6.86 -47.17
CA ALA B 236 -13.97 6.01 -46.27
C ALA B 236 -15.18 6.70 -45.66
N THR B 237 -16.19 5.89 -45.32
CA THR B 237 -17.42 6.35 -44.64
C THR B 237 -17.24 6.52 -43.13
N ASP B 238 -16.20 5.88 -42.59
CA ASP B 238 -15.97 5.82 -41.16
C ASP B 238 -14.64 5.10 -40.92
N ILE B 239 -14.15 5.08 -39.67
CA ILE B 239 -12.81 4.57 -39.35
C ILE B 239 -12.80 3.05 -39.45
N THR B 240 -13.98 2.45 -39.30
CA THR B 240 -14.13 0.99 -39.40
C THR B 240 -14.03 0.57 -40.84
N ASP B 241 -14.61 1.39 -41.75
CA ASP B 241 -14.45 1.24 -43.21
C ASP B 241 -12.99 1.40 -43.64
N LEU B 242 -12.32 2.42 -43.15
CA LEU B 242 -10.88 2.57 -43.34
C LEU B 242 -10.11 1.31 -42.97
N ALA B 243 -10.44 0.73 -41.81
CA ALA B 243 -9.77 -0.46 -41.33
C ALA B 243 -9.94 -1.60 -42.28
N ALA B 244 -11.13 -1.70 -42.87
CA ALA B 244 -11.44 -2.81 -43.76
C ALA B 244 -10.67 -2.65 -45.09
N GLN B 245 -10.66 -1.42 -45.59
CA GLN B 245 -9.97 -1.11 -46.87
C GLN B 245 -8.45 -1.33 -46.75
N LEU B 246 -7.89 -0.91 -45.61
CA LEU B 246 -6.49 -1.23 -45.28
C LEU B 246 -6.18 -2.71 -45.37
N ARG B 247 -7.03 -3.55 -44.78
CA ARG B 247 -6.82 -5.01 -44.86
C ARG B 247 -7.02 -5.55 -46.28
N ALA B 248 -7.92 -4.92 -47.05
CA ALA B 248 -8.21 -5.34 -48.41
C ALA B 248 -6.94 -5.29 -49.30
N GLY B 249 -6.22 -4.17 -49.24
CA GLY B 249 -4.96 -4.02 -49.98
C GLY B 249 -5.13 -3.19 -51.25
N VAL C 4 -28.88 3.27 -28.91
CA VAL C 4 -30.27 2.72 -29.18
C VAL C 4 -30.17 1.52 -30.10
N PRO C 5 -30.71 0.38 -29.67
CA PRO C 5 -30.60 -0.76 -30.56
C PRO C 5 -31.57 -0.66 -31.74
N PHE C 6 -31.24 -1.38 -32.81
CA PHE C 6 -32.04 -1.46 -34.00
C PHE C 6 -33.31 -2.23 -33.72
N ARG C 7 -34.45 -1.68 -34.07
CA ARG C 7 -35.73 -2.44 -34.01
C ARG C 7 -36.03 -3.10 -35.34
N SER C 8 -36.02 -4.42 -35.39
CA SER C 8 -36.52 -5.15 -36.54
C SER C 8 -38.00 -4.77 -36.92
N PRO C 9 -38.18 -4.22 -38.15
CA PRO C 9 -39.50 -4.04 -38.72
C PRO C 9 -40.25 -5.35 -38.91
N SER C 10 -39.56 -6.44 -39.23
CA SER C 10 -40.23 -7.70 -39.39
C SER C 10 -40.65 -8.33 -38.04
N THR C 11 -39.80 -8.28 -37.01
CA THR C 11 -40.17 -8.94 -35.78
C THR C 11 -40.78 -7.98 -34.80
N GLY C 12 -40.51 -6.70 -34.97
CA GLY C 12 -41.09 -5.68 -34.12
C GLY C 12 -40.35 -5.47 -32.82
N ARG C 13 -39.31 -6.27 -32.59
CA ARG C 13 -38.51 -6.15 -31.41
C ARG C 13 -37.11 -5.55 -31.65
N ASN C 14 -36.60 -4.98 -30.57
CA ASN C 14 -35.22 -4.59 -30.47
C ASN C 14 -34.30 -5.75 -30.54
N VAL C 15 -33.37 -5.63 -31.47
CA VAL C 15 -32.35 -6.63 -31.71
C VAL C 15 -31.34 -6.60 -30.59
N ARG C 16 -31.07 -7.75 -30.01
CA ARG C 16 -30.13 -7.88 -28.90
C ARG C 16 -28.89 -8.68 -29.27
N ALA C 17 -29.03 -9.65 -30.17
CA ALA C 17 -27.88 -10.40 -30.68
C ALA C 17 -27.88 -10.34 -32.20
N VAL C 18 -26.67 -10.21 -32.78
CA VAL C 18 -26.52 -10.36 -34.20
C VAL C 18 -25.60 -11.50 -34.45
N LEU C 19 -26.15 -12.58 -34.98
CA LEU C 19 -25.48 -13.82 -35.08
C LEU C 19 -25.27 -14.11 -36.57
N PHE C 20 -24.17 -14.79 -36.86
CA PHE C 20 -23.65 -14.81 -38.19
C PHE C 20 -23.52 -16.20 -38.73
N ASP C 21 -24.07 -16.43 -39.91
CA ASP C 21 -23.55 -17.51 -40.78
C ASP C 21 -22.04 -17.23 -40.94
N THR C 22 -21.25 -18.28 -40.98
CA THR C 22 -19.84 -18.11 -40.78
C THR C 22 -19.09 -18.45 -42.08
N PHE C 23 -19.24 -19.67 -42.54
CA PHE C 23 -18.69 -20.02 -43.84
C PHE C 23 -19.26 -19.17 -44.95
N GLY C 24 -18.36 -18.45 -45.61
CA GLY C 24 -18.76 -17.63 -46.75
C GLY C 24 -19.19 -16.27 -46.32
N THR C 25 -20.04 -16.17 -45.28
CA THR C 25 -20.52 -14.84 -44.80
C THR C 25 -19.40 -14.03 -44.10
N VAL C 26 -18.69 -14.68 -43.17
CA VAL C 26 -17.61 -14.09 -42.40
C VAL C 26 -16.23 -14.47 -42.98
N VAL C 27 -16.05 -15.73 -43.36
CA VAL C 27 -14.75 -16.16 -43.87
C VAL C 27 -14.79 -16.66 -45.35
N ASP C 28 -13.67 -16.48 -46.03
CA ASP C 28 -13.51 -16.87 -47.42
C ASP C 28 -12.95 -18.28 -47.42
N TRP C 29 -13.84 -19.26 -47.35
CA TRP C 29 -13.42 -20.64 -47.25
C TRP C 29 -12.65 -21.10 -48.51
N ARG C 30 -13.04 -20.51 -49.65
CA ARG C 30 -12.54 -20.91 -50.96
C ARG C 30 -11.09 -20.64 -51.10
N THR C 31 -10.69 -19.40 -50.85
CA THR C 31 -9.27 -19.04 -50.88
C THR C 31 -8.48 -19.84 -49.85
N GLY C 32 -9.06 -20.05 -48.67
CA GLY C 32 -8.40 -20.85 -47.60
C GLY C 32 -8.29 -22.35 -47.85
N ILE C 33 -9.36 -22.95 -48.35
CA ILE C 33 -9.33 -24.40 -48.67
C ILE C 33 -8.46 -24.66 -49.91
N ALA C 34 -8.37 -23.66 -50.78
CA ALA C 34 -7.56 -23.78 -51.96
C ALA C 34 -6.10 -23.81 -51.53
N THR C 35 -5.69 -22.79 -50.75
CA THR C 35 -4.37 -22.70 -50.15
C THR C 35 -4.00 -24.03 -49.46
N ALA C 36 -4.86 -24.51 -48.54
CA ALA C 36 -4.60 -25.79 -47.86
C ALA C 36 -4.51 -26.96 -48.81
N VAL C 37 -5.36 -27.01 -49.83
CA VAL C 37 -5.29 -28.10 -50.81
C VAL C 37 -3.99 -28.02 -51.64
N ALA C 38 -3.63 -26.81 -52.06
CA ALA C 38 -2.36 -26.60 -52.77
C ALA C 38 -1.24 -27.29 -51.96
N ASP C 39 -0.94 -26.76 -50.78
CA ASP C 39 0.05 -27.32 -49.83
C ASP C 39 0.04 -28.84 -49.68
N TYR C 40 -1.12 -29.44 -49.50
CA TYR C 40 -1.13 -30.88 -49.38
C TYR C 40 -0.68 -31.50 -50.68
N ALA C 41 -0.72 -30.73 -51.78
CA ALA C 41 -0.31 -31.24 -53.11
C ALA C 41 1.19 -31.15 -53.32
N ALA C 42 1.74 -29.95 -53.12
CA ALA C 42 3.18 -29.69 -53.19
C ALA C 42 3.96 -30.65 -52.30
N ARG C 43 3.28 -31.22 -51.31
CA ARG C 43 3.93 -32.05 -50.29
C ARG C 43 3.74 -33.53 -50.56
N HIS C 44 2.73 -33.92 -51.32
CA HIS C 44 2.43 -35.35 -51.46
C HIS C 44 2.47 -35.91 -52.89
N GLN C 45 3.20 -35.25 -53.80
CA GLN C 45 3.44 -35.79 -55.18
C GLN C 45 2.29 -35.62 -56.19
N LEU C 46 1.21 -34.89 -55.85
CA LEU C 46 0.02 -34.88 -56.73
C LEU C 46 -0.25 -33.57 -57.48
N GLU C 47 -1.10 -33.67 -58.50
CA GLU C 47 -1.31 -32.56 -59.45
C GLU C 47 -2.81 -32.29 -59.56
N VAL C 48 -3.26 -31.22 -58.90
CA VAL C 48 -4.69 -30.90 -58.90
C VAL C 48 -4.99 -29.41 -58.93
N ASP C 49 -6.19 -29.07 -59.41
CA ASP C 49 -6.66 -27.68 -59.48
C ASP C 49 -7.11 -27.33 -58.05
N ALA C 50 -6.32 -26.47 -57.40
CA ALA C 50 -6.52 -26.13 -55.99
C ALA C 50 -7.99 -25.77 -55.76
N VAL C 51 -8.40 -24.70 -56.45
CA VAL C 51 -9.72 -24.14 -56.39
C VAL C 51 -10.85 -25.11 -56.81
N ALA C 52 -10.59 -26.02 -57.75
CA ALA C 52 -11.66 -26.92 -58.23
C ALA C 52 -11.91 -28.07 -57.30
N PHE C 53 -10.84 -28.55 -56.66
CA PHE C 53 -10.95 -29.58 -55.62
C PHE C 53 -11.76 -29.03 -54.44
N ALA C 54 -11.54 -27.75 -54.12
CA ALA C 54 -12.26 -27.08 -53.04
C ALA C 54 -13.75 -26.96 -53.38
N ASP C 55 -14.06 -26.57 -54.62
CA ASP C 55 -15.46 -26.33 -55.05
C ASP C 55 -16.21 -27.63 -54.97
N ARG C 56 -15.52 -28.70 -55.25
CA ARG C 56 -16.12 -30.00 -55.15
C ARG C 56 -16.29 -30.43 -53.71
N TRP C 57 -15.24 -30.22 -52.89
CA TRP C 57 -15.31 -30.44 -51.42
C TRP C 57 -16.55 -29.81 -50.79
N ARG C 58 -16.75 -28.54 -51.14
CA ARG C 58 -17.90 -27.78 -50.73
C ARG C 58 -19.25 -28.34 -51.24
N ALA C 59 -19.30 -28.75 -52.51
CA ALA C 59 -20.47 -29.50 -53.07
C ALA C 59 -20.96 -30.70 -52.21
N ARG C 60 -20.09 -31.31 -51.42
CA ARG C 60 -20.51 -32.43 -50.57
C ARG C 60 -21.10 -32.01 -49.20
N TYR C 61 -20.99 -30.73 -48.88
CA TYR C 61 -21.41 -30.18 -47.58
C TYR C 61 -22.89 -30.47 -47.30
N GLN C 62 -23.75 -30.08 -48.25
CA GLN C 62 -25.21 -30.15 -48.08
C GLN C 62 -25.75 -31.56 -48.19
N PRO C 63 -25.38 -32.29 -49.24
CA PRO C 63 -25.81 -33.67 -49.22
C PRO C 63 -25.39 -34.46 -47.96
N SER C 64 -24.24 -34.12 -47.37
CA SER C 64 -23.78 -34.83 -46.13
C SER C 64 -24.67 -34.51 -44.91
N MET C 65 -25.07 -33.22 -44.78
CA MET C 65 -26.07 -32.77 -43.76
C MET C 65 -27.50 -33.16 -44.14
N ASP C 66 -27.86 -33.25 -45.43
CA ASP C 66 -29.24 -33.65 -45.82
C ASP C 66 -29.59 -34.97 -45.18
N ALA C 67 -28.65 -35.89 -45.16
CA ALA C 67 -28.93 -37.21 -44.67
C ALA C 67 -29.06 -37.25 -43.16
N ILE C 68 -28.81 -36.12 -42.49
CA ILE C 68 -29.02 -35.94 -41.04
C ILE C 68 -30.34 -35.21 -40.78
N LEU C 69 -30.54 -34.14 -41.56
CA LEU C 69 -31.76 -33.32 -41.53
C LEU C 69 -33.04 -34.14 -41.77
N SER C 70 -32.94 -35.17 -42.61
CA SER C 70 -34.07 -36.01 -42.96
C SER C 70 -33.93 -37.41 -42.30
N GLY C 71 -33.53 -37.43 -41.01
CA GLY C 71 -33.59 -38.61 -40.15
C GLY C 71 -32.78 -39.80 -40.59
N ALA C 72 -32.31 -39.78 -41.83
CA ALA C 72 -31.64 -40.94 -42.40
C ALA C 72 -30.48 -41.33 -41.48
N ARG C 73 -29.80 -40.29 -40.93
CA ARG C 73 -28.55 -40.47 -40.20
C ARG C 73 -28.52 -39.70 -38.89
N GLU C 74 -28.13 -40.39 -37.81
CA GLU C 74 -27.89 -39.74 -36.54
C GLU C 74 -26.82 -38.61 -36.57
N PHE C 75 -27.06 -37.58 -35.76
CA PHE C 75 -26.21 -36.41 -35.72
C PHE C 75 -24.74 -36.81 -35.53
N VAL C 76 -23.89 -36.23 -36.38
CA VAL C 76 -22.46 -36.19 -36.17
C VAL C 76 -21.94 -34.78 -36.50
N THR C 77 -20.74 -34.49 -35.96
CA THR C 77 -20.19 -33.15 -36.00
C THR C 77 -19.77 -32.76 -37.41
N LEU C 78 -19.75 -31.46 -37.71
CA LEU C 78 -19.26 -31.00 -39.02
C LEU C 78 -17.84 -31.46 -39.33
N ASP C 79 -16.97 -31.48 -38.33
CA ASP C 79 -15.64 -32.04 -38.50
C ASP C 79 -15.67 -33.43 -39.10
N ILE C 80 -16.52 -34.30 -38.58
CA ILE C 80 -16.64 -35.66 -39.05
C ILE C 80 -17.18 -35.66 -40.46
N LEU C 81 -18.22 -34.89 -40.71
CA LEU C 81 -18.71 -34.81 -42.06
C LEU C 81 -17.63 -34.32 -43.03
N HIS C 82 -16.89 -33.28 -42.68
CA HIS C 82 -15.84 -32.71 -43.56
C HIS C 82 -14.77 -33.69 -43.98
N ARG C 83 -14.37 -34.52 -43.03
CA ARG C 83 -13.35 -35.55 -43.26
C ARG C 83 -13.89 -36.64 -44.17
N GLU C 84 -15.13 -37.05 -43.96
CA GLU C 84 -15.82 -37.93 -44.90
C GLU C 84 -15.96 -37.34 -46.30
N ASN C 85 -16.23 -36.04 -46.37
CA ASN C 85 -16.44 -35.38 -47.67
C ASN C 85 -15.13 -35.18 -48.45
N LEU C 86 -14.03 -35.06 -47.70
CA LEU C 86 -12.71 -35.01 -48.29
C LEU C 86 -12.41 -36.38 -48.93
N ASP C 87 -12.75 -37.44 -48.23
CA ASP C 87 -12.56 -38.78 -48.80
C ASP C 87 -13.32 -38.91 -50.12
N PHE C 88 -14.57 -38.47 -50.10
CA PHE C 88 -15.42 -38.48 -51.28
C PHE C 88 -14.86 -37.65 -52.46
N VAL C 89 -14.17 -36.54 -52.19
CA VAL C 89 -13.57 -35.76 -53.27
C VAL C 89 -12.14 -36.25 -53.63
N LEU C 90 -11.55 -37.15 -52.85
CA LEU C 90 -10.28 -37.76 -53.21
C LEU C 90 -10.51 -38.94 -54.14
N ARG C 91 -11.60 -39.69 -53.92
CA ARG C 91 -12.02 -40.79 -54.84
C ARG C 91 -12.59 -40.29 -56.18
N GLU C 92 -13.44 -39.27 -56.09
CA GLU C 92 -13.98 -38.54 -57.27
C GLU C 92 -12.86 -37.95 -58.15
N SER C 93 -11.73 -37.60 -57.50
CA SER C 93 -10.53 -37.08 -58.18
C SER C 93 -9.58 -38.20 -58.56
N GLY C 94 -9.72 -39.36 -57.90
CA GLY C 94 -9.07 -40.63 -58.30
C GLY C 94 -8.35 -41.40 -57.18
N ILE C 95 -7.90 -40.67 -56.15
CA ILE C 95 -6.94 -41.15 -55.14
C ILE C 95 -7.56 -42.10 -54.11
N ASP C 96 -6.86 -43.16 -53.70
CA ASP C 96 -7.36 -43.93 -52.56
C ASP C 96 -6.99 -43.11 -51.34
N PRO C 97 -7.89 -43.03 -50.34
CA PRO C 97 -7.52 -42.42 -49.07
C PRO C 97 -6.92 -43.44 -48.09
N THR C 98 -7.15 -44.74 -48.30
CA THR C 98 -6.52 -45.77 -47.47
C THR C 98 -4.97 -45.62 -47.52
N ASN C 99 -4.47 -45.28 -48.73
CA ASN C 99 -3.04 -45.18 -49.01
C ASN C 99 -2.45 -43.78 -48.76
N HIS C 100 -3.22 -42.93 -48.08
CA HIS C 100 -2.69 -41.73 -47.43
C HIS C 100 -2.73 -41.94 -45.91
N ASP C 101 -2.11 -41.04 -45.17
CA ASP C 101 -2.05 -41.17 -43.72
C ASP C 101 -3.25 -40.45 -43.13
N SER C 102 -4.01 -41.15 -42.28
CA SER C 102 -5.33 -40.67 -41.80
C SER C 102 -5.24 -39.53 -40.80
N GLY C 103 -4.11 -39.43 -40.11
CA GLY C 103 -3.75 -38.26 -39.30
C GLY C 103 -3.50 -37.02 -40.14
N GLU C 104 -2.92 -37.22 -41.32
CA GLU C 104 -2.74 -36.12 -42.26
C GLU C 104 -4.01 -35.69 -43.02
N LEU C 105 -4.97 -36.59 -43.24
CA LEU C 105 -6.24 -36.16 -43.88
C LEU C 105 -7.16 -35.55 -42.82
N ASP C 106 -7.08 -36.05 -41.60
CA ASP C 106 -7.68 -35.34 -40.47
C ASP C 106 -7.22 -33.89 -40.47
N GLU C 107 -5.92 -33.66 -40.60
CA GLU C 107 -5.38 -32.28 -40.51
C GLU C 107 -5.78 -31.40 -41.72
N LEU C 108 -5.88 -32.01 -42.90
CA LEU C 108 -6.37 -31.29 -44.08
C LEU C 108 -7.87 -30.98 -43.92
N ALA C 109 -8.61 -31.95 -43.38
CA ALA C 109 -10.04 -31.78 -43.03
C ALA C 109 -10.30 -30.67 -42.01
N ARG C 110 -9.26 -30.26 -41.27
CA ARG C 110 -9.36 -29.20 -40.28
C ARG C 110 -8.85 -27.86 -40.83
N ALA C 111 -8.57 -27.84 -42.14
CA ALA C 111 -8.31 -26.60 -42.88
C ALA C 111 -9.51 -25.65 -42.79
N TRP C 112 -10.68 -26.23 -42.67
CA TRP C 112 -11.87 -25.43 -42.44
C TRP C 112 -11.86 -24.67 -41.11
N HIS C 113 -10.99 -25.04 -40.17
CA HIS C 113 -10.80 -24.34 -38.88
C HIS C 113 -9.92 -23.09 -39.01
N VAL C 114 -9.12 -23.00 -40.07
CA VAL C 114 -8.13 -21.91 -40.25
C VAL C 114 -8.48 -21.20 -41.56
N LEU C 115 -9.30 -20.17 -41.49
CA LEU C 115 -9.77 -19.50 -42.68
C LEU C 115 -9.72 -18.05 -42.50
N THR C 116 -9.44 -17.30 -43.54
CA THR C 116 -9.30 -15.89 -43.39
C THR C 116 -10.70 -15.23 -43.47
N PRO C 117 -10.96 -14.26 -42.59
CA PRO C 117 -12.12 -13.43 -42.71
C PRO C 117 -12.03 -12.41 -43.88
N TRP C 118 -13.15 -12.12 -44.53
CA TRP C 118 -13.21 -10.99 -45.40
C TRP C 118 -12.61 -9.82 -44.64
N PRO C 119 -11.98 -8.89 -45.37
CA PRO C 119 -11.27 -7.79 -44.75
C PRO C 119 -12.14 -6.92 -43.91
N ASP C 120 -13.43 -6.88 -44.23
CA ASP C 120 -14.41 -6.13 -43.42
C ASP C 120 -14.94 -6.90 -42.19
N SER C 121 -14.80 -8.21 -42.15
CA SER C 121 -15.37 -8.95 -41.03
C SER C 121 -14.86 -8.49 -39.65
N VAL C 122 -13.55 -8.55 -39.42
CA VAL C 122 -13.07 -8.22 -38.08
C VAL C 122 -13.40 -6.80 -37.66
N PRO C 123 -13.07 -5.81 -38.52
CA PRO C 123 -13.45 -4.44 -38.19
C PRO C 123 -14.96 -4.36 -38.01
N GLY C 124 -15.70 -5.09 -38.82
CA GLY C 124 -17.15 -4.98 -38.76
C GLY C 124 -17.67 -5.63 -37.47
N LEU C 125 -17.25 -6.85 -37.22
CA LEU C 125 -17.69 -7.55 -36.02
C LEU C 125 -17.33 -6.79 -34.77
N THR C 126 -16.17 -6.14 -34.77
CA THR C 126 -15.69 -5.46 -33.59
C THR C 126 -16.58 -4.32 -33.23
N ALA C 127 -17.07 -3.58 -34.21
CA ALA C 127 -17.99 -2.46 -33.91
C ALA C 127 -19.40 -2.95 -33.51
N ILE C 128 -19.86 -4.08 -34.06
CA ILE C 128 -21.20 -4.55 -33.75
C ILE C 128 -21.23 -5.03 -32.31
N LYS C 129 -20.16 -5.73 -31.92
CA LYS C 129 -19.93 -6.23 -30.54
C LYS C 129 -20.12 -5.16 -29.49
N ALA C 130 -19.71 -3.94 -29.82
CA ALA C 130 -19.83 -2.80 -28.92
C ALA C 130 -21.27 -2.52 -28.48
N GLU C 131 -22.23 -2.99 -29.22
CA GLU C 131 -23.63 -2.65 -29.04
C GLU C 131 -24.53 -3.89 -28.97
N TYR C 132 -24.08 -5.04 -29.44
CA TYR C 132 -24.88 -6.23 -29.51
C TYR C 132 -24.01 -7.41 -29.06
N ILE C 133 -24.68 -8.52 -28.73
CA ILE C 133 -24.14 -9.84 -28.65
C ILE C 133 -23.78 -10.33 -30.03
N ILE C 134 -22.59 -10.88 -30.26
CA ILE C 134 -22.29 -11.46 -31.58
C ILE C 134 -21.75 -12.86 -31.42
N GLY C 135 -22.02 -13.70 -32.40
CA GLY C 135 -21.48 -15.06 -32.37
C GLY C 135 -21.91 -15.73 -33.62
N PRO C 136 -21.44 -16.94 -33.85
CA PRO C 136 -21.88 -17.53 -35.05
C PRO C 136 -23.27 -18.18 -34.94
N LEU C 137 -24.02 -18.24 -36.02
CA LEU C 137 -25.18 -19.12 -36.09
C LEU C 137 -24.92 -19.94 -37.29
N SER C 138 -24.09 -20.95 -37.11
CA SER C 138 -23.44 -21.68 -38.19
C SER C 138 -23.64 -23.12 -37.95
N ASN C 139 -23.40 -23.91 -38.97
CA ASN C 139 -23.45 -25.35 -38.88
C ASN C 139 -22.18 -25.97 -38.42
N GLY C 140 -21.10 -25.20 -38.37
CA GLY C 140 -19.90 -25.71 -37.71
C GLY C 140 -20.15 -26.10 -36.23
N ASN C 141 -19.39 -27.05 -35.76
CA ASN C 141 -19.41 -27.45 -34.40
C ASN C 141 -18.64 -26.37 -33.62
N THR C 142 -18.90 -26.31 -32.33
CA THR C 142 -18.29 -25.35 -31.45
C THR C 142 -16.74 -25.34 -31.51
N SER C 143 -16.10 -26.49 -31.50
CA SER C 143 -14.60 -26.52 -31.47
C SER C 143 -14.01 -25.97 -32.75
N LEU C 144 -14.58 -26.39 -33.90
CA LEU C 144 -14.28 -25.79 -35.18
C LEU C 144 -14.44 -24.29 -35.14
N LEU C 145 -15.59 -23.85 -34.72
CA LEU C 145 -15.84 -22.42 -34.74
C LEU C 145 -14.87 -21.64 -33.85
N LEU C 146 -14.51 -22.24 -32.71
CA LEU C 146 -13.64 -21.57 -31.75
C LEU C 146 -12.19 -21.50 -32.22
N ASP C 147 -11.65 -22.61 -32.73
CA ASP C 147 -10.27 -22.60 -33.25
C ASP C 147 -10.18 -21.53 -34.34
N MET C 148 -11.23 -21.47 -35.14
CA MET C 148 -11.30 -20.47 -36.21
C MET C 148 -11.28 -19.04 -35.71
N ALA C 149 -12.05 -18.77 -34.66
CA ALA C 149 -12.09 -17.42 -34.15
C ALA C 149 -10.75 -17.02 -33.49
N LYS C 150 -10.19 -17.91 -32.70
CA LYS C 150 -8.88 -17.70 -32.07
C LYS C 150 -7.78 -17.54 -33.16
N ASN C 151 -7.77 -18.41 -34.15
CA ASN C 151 -6.79 -18.27 -35.20
C ASN C 151 -6.88 -16.97 -36.01
N ALA C 152 -8.08 -16.46 -36.22
CA ALA C 152 -8.25 -15.35 -37.11
C ALA C 152 -8.62 -14.10 -36.35
N GLY C 153 -8.75 -14.18 -35.01
CA GLY C 153 -9.10 -13.00 -34.20
C GLY C 153 -10.54 -12.58 -34.44
N ILE C 154 -11.43 -13.55 -34.57
CA ILE C 154 -12.86 -13.20 -34.81
C ILE C 154 -13.46 -12.97 -33.42
N PRO C 155 -13.94 -11.77 -33.15
CA PRO C 155 -14.20 -11.42 -31.76
C PRO C 155 -15.56 -11.86 -31.19
N TRP C 156 -15.88 -13.14 -31.24
CA TRP C 156 -17.20 -13.57 -30.78
C TRP C 156 -17.35 -13.42 -29.25
N ASP C 157 -18.58 -13.09 -28.84
CA ASP C 157 -19.05 -13.15 -27.49
C ASP C 157 -19.48 -14.56 -27.10
N VAL C 158 -19.96 -15.35 -28.04
CA VAL C 158 -20.63 -16.63 -27.69
C VAL C 158 -20.57 -17.53 -28.88
N ILE C 159 -20.27 -18.82 -28.66
CA ILE C 159 -20.24 -19.84 -29.73
C ILE C 159 -21.20 -21.00 -29.38
N ILE C 160 -22.40 -20.97 -29.99
CA ILE C 160 -23.39 -22.08 -29.91
C ILE C 160 -23.24 -22.77 -31.28
N GLY C 161 -22.34 -23.74 -31.30
CA GLY C 161 -22.15 -24.54 -32.50
C GLY C 161 -23.26 -25.53 -32.69
N SER C 162 -23.41 -26.00 -33.93
CA SER C 162 -24.42 -27.00 -34.24
C SER C 162 -24.47 -28.11 -33.26
N ASP C 163 -23.31 -28.60 -32.80
CA ASP C 163 -23.25 -29.74 -31.92
C ASP C 163 -23.83 -29.53 -30.54
N ILE C 164 -24.04 -28.28 -30.16
CA ILE C 164 -24.72 -27.98 -28.91
C ILE C 164 -26.23 -28.20 -29.06
N ASN C 165 -26.74 -27.82 -30.22
CA ASN C 165 -28.16 -27.96 -30.55
C ASN C 165 -28.48 -29.33 -31.10
N ARG C 166 -27.49 -29.99 -31.71
CA ARG C 166 -27.73 -31.24 -32.39
C ARG C 166 -28.83 -31.01 -33.45
N LYS C 167 -28.72 -29.89 -34.16
CA LYS C 167 -29.54 -29.61 -35.32
C LYS C 167 -28.72 -28.79 -36.29
N TYR C 168 -28.82 -29.11 -37.58
CA TYR C 168 -28.28 -28.28 -38.66
C TYR C 168 -29.25 -27.29 -39.31
N LYS C 169 -28.73 -26.13 -39.70
CA LYS C 169 -29.44 -25.21 -40.58
C LYS C 169 -29.70 -25.86 -41.98
N PRO C 170 -30.93 -25.65 -42.55
CA PRO C 170 -32.05 -24.80 -42.13
C PRO C 170 -33.14 -25.36 -41.19
N ASP C 171 -32.93 -26.48 -40.50
CA ASP C 171 -33.93 -26.94 -39.56
C ASP C 171 -34.28 -25.79 -38.58
N PRO C 172 -35.58 -25.47 -38.46
CA PRO C 172 -35.97 -24.31 -37.62
C PRO C 172 -35.46 -24.42 -36.17
N GLN C 173 -35.26 -25.64 -35.68
CA GLN C 173 -34.70 -25.86 -34.35
C GLN C 173 -33.25 -25.34 -34.19
N ALA C 174 -32.47 -25.29 -35.28
CA ALA C 174 -31.12 -24.68 -35.25
C ALA C 174 -31.23 -23.29 -34.67
N TYR C 175 -32.12 -22.51 -35.23
CA TYR C 175 -32.18 -21.11 -34.94
C TYR C 175 -32.81 -20.93 -33.58
N LEU C 176 -33.81 -21.76 -33.24
CA LEU C 176 -34.68 -21.54 -32.06
C LEU C 176 -33.98 -21.95 -30.76
N ARG C 177 -33.22 -23.03 -30.82
CA ARG C 177 -32.43 -23.45 -29.71
C ARG C 177 -31.29 -22.42 -29.44
N THR C 178 -30.75 -21.79 -30.46
CA THR C 178 -29.70 -20.83 -30.24
C THR C 178 -30.33 -19.67 -29.49
N ALA C 179 -31.47 -19.19 -29.96
CA ALA C 179 -32.14 -18.10 -29.28
C ALA C 179 -32.41 -18.44 -27.80
N GLN C 180 -32.83 -19.66 -27.57
CA GLN C 180 -33.29 -20.05 -26.26
C GLN C 180 -32.14 -20.10 -25.23
N VAL C 181 -31.06 -20.77 -25.65
CA VAL C 181 -29.89 -20.91 -24.83
C VAL C 181 -29.21 -19.54 -24.64
N LEU C 182 -29.50 -18.56 -25.49
CA LEU C 182 -29.01 -17.22 -25.25
C LEU C 182 -29.95 -16.41 -24.36
N GLY C 183 -31.05 -16.98 -23.91
CA GLY C 183 -31.96 -16.24 -23.12
C GLY C 183 -32.77 -15.22 -23.90
N LEU C 184 -32.94 -15.44 -25.20
CA LEU C 184 -33.57 -14.44 -26.06
C LEU C 184 -34.85 -14.95 -26.75
N HIS C 185 -35.82 -14.07 -26.97
CA HIS C 185 -36.91 -14.37 -27.92
C HIS C 185 -36.33 -14.43 -29.37
N PRO C 186 -36.82 -15.34 -30.22
CA PRO C 186 -36.44 -15.31 -31.64
C PRO C 186 -36.44 -13.94 -32.36
N GLY C 187 -37.34 -13.04 -32.04
CA GLY C 187 -37.43 -11.70 -32.68
C GLY C 187 -36.35 -10.72 -32.24
N GLU C 188 -35.66 -11.06 -31.15
CA GLU C 188 -34.47 -10.35 -30.68
C GLU C 188 -33.14 -10.82 -31.32
N VAL C 189 -33.18 -11.89 -32.08
CA VAL C 189 -31.99 -12.42 -32.72
C VAL C 189 -32.06 -12.10 -34.20
N MET C 190 -31.09 -11.33 -34.69
CA MET C 190 -30.95 -11.10 -36.16
C MET C 190 -29.94 -12.08 -36.67
N LEU C 191 -30.31 -12.93 -37.62
CA LEU C 191 -29.33 -13.65 -38.40
C LEU C 191 -28.76 -12.78 -39.51
N ALA C 192 -27.44 -12.55 -39.51
CA ALA C 192 -26.74 -11.94 -40.67
C ALA C 192 -26.15 -13.01 -41.52
N ALA C 193 -26.45 -12.97 -42.83
CA ALA C 193 -26.02 -14.01 -43.76
C ALA C 193 -25.91 -13.49 -45.20
N ALA C 194 -25.12 -14.18 -46.02
CA ALA C 194 -24.96 -13.82 -47.44
C ALA C 194 -25.85 -14.66 -48.33
N HIS C 195 -26.54 -15.63 -47.72
CA HIS C 195 -27.37 -16.58 -48.42
C HIS C 195 -28.85 -16.40 -48.15
N ASN C 196 -29.60 -16.05 -49.21
CA ASN C 196 -31.08 -15.83 -49.08
C ASN C 196 -31.86 -16.99 -48.49
N GLY C 197 -31.46 -18.22 -48.74
CA GLY C 197 -32.25 -19.36 -48.23
C GLY C 197 -32.19 -19.37 -46.71
N ASP C 198 -30.97 -19.20 -46.18
CA ASP C 198 -30.69 -19.14 -44.75
C ASP C 198 -31.57 -18.09 -44.15
N LEU C 199 -31.60 -16.89 -44.71
CA LEU C 199 -32.45 -15.80 -44.19
C LEU C 199 -33.96 -16.05 -44.29
N GLU C 200 -34.36 -16.99 -45.14
CA GLU C 200 -35.79 -17.28 -45.37
C GLU C 200 -36.24 -18.26 -44.31
N ALA C 201 -35.37 -19.22 -43.98
CA ALA C 201 -35.60 -20.15 -42.88
C ALA C 201 -35.59 -19.42 -41.54
N ALA C 202 -34.57 -18.58 -41.31
CA ALA C 202 -34.55 -17.72 -40.12
C ALA C 202 -35.84 -16.94 -40.00
N HIS C 203 -36.17 -16.26 -41.09
CA HIS C 203 -37.34 -15.37 -41.10
C HIS C 203 -38.63 -16.13 -40.78
N ALA C 204 -38.82 -17.28 -41.42
CA ALA C 204 -39.98 -18.13 -41.19
C ALA C 204 -40.09 -18.51 -39.73
N THR C 205 -38.93 -18.65 -39.06
CA THR C 205 -38.86 -19.14 -37.69
C THR C 205 -38.97 -18.01 -36.66
N GLY C 206 -39.16 -16.78 -37.13
CA GLY C 206 -39.28 -15.59 -36.26
C GLY C 206 -38.04 -14.72 -36.00
N LEU C 207 -36.95 -14.93 -36.71
CA LEU C 207 -35.71 -14.13 -36.46
C LEU C 207 -35.67 -12.88 -37.32
N ALA C 208 -35.03 -11.81 -36.84
CA ALA C 208 -34.70 -10.63 -37.67
C ALA C 208 -33.62 -11.06 -38.67
N THR C 209 -33.32 -10.23 -39.69
CA THR C 209 -32.54 -10.72 -40.83
C THR C 209 -31.70 -9.64 -41.49
N ALA C 210 -30.49 -10.02 -41.91
CA ALA C 210 -29.56 -9.14 -42.66
C ALA C 210 -28.88 -9.92 -43.73
N PHE C 211 -29.03 -9.46 -44.96
CA PHE C 211 -28.27 -9.99 -46.09
C PHE C 211 -26.94 -9.28 -46.15
N ILE C 212 -25.86 -10.06 -46.30
CA ILE C 212 -24.56 -9.50 -46.55
C ILE C 212 -24.08 -9.99 -47.92
N LEU C 213 -23.86 -9.05 -48.83
CA LEU C 213 -23.46 -9.33 -50.21
C LEU C 213 -22.01 -9.83 -50.27
N ARG C 214 -21.86 -11.12 -50.57
CA ARG C 214 -20.57 -11.76 -50.74
C ARG C 214 -20.54 -12.28 -52.18
N PRO C 215 -20.31 -11.36 -53.14
CA PRO C 215 -20.42 -11.70 -54.57
C PRO C 215 -19.36 -12.64 -55.13
N VAL C 216 -18.19 -12.77 -54.47
CA VAL C 216 -17.16 -13.75 -54.91
C VAL C 216 -16.81 -14.86 -53.91
N GLU C 217 -17.71 -15.12 -52.97
CA GLU C 217 -17.53 -16.31 -52.13
C GLU C 217 -17.16 -17.55 -52.92
N HIS C 218 -17.76 -17.67 -54.11
CA HIS C 218 -17.56 -18.84 -54.98
C HIS C 218 -16.70 -18.51 -56.21
N GLY C 219 -16.12 -17.31 -56.21
CA GLY C 219 -15.31 -16.81 -57.29
C GLY C 219 -16.12 -15.92 -58.23
N PRO C 220 -15.52 -15.49 -59.36
CA PRO C 220 -16.30 -14.63 -60.30
C PRO C 220 -17.43 -15.33 -61.06
N HIS C 221 -17.46 -16.67 -61.00
CA HIS C 221 -18.53 -17.46 -61.58
C HIS C 221 -19.70 -17.75 -60.67
N GLN C 222 -19.67 -17.22 -59.45
CA GLN C 222 -20.84 -17.23 -58.55
C GLN C 222 -22.07 -16.69 -59.27
N THR C 223 -23.12 -17.50 -59.25
CA THR C 223 -24.42 -17.12 -59.80
C THR C 223 -25.47 -16.76 -58.69
N ASP C 224 -25.42 -17.41 -57.53
CA ASP C 224 -26.46 -17.20 -56.53
C ASP C 224 -26.14 -16.09 -55.55
N ASP C 225 -27.16 -15.60 -54.86
CA ASP C 225 -26.92 -14.60 -53.82
C ASP C 225 -26.10 -13.35 -54.22
N LEU C 226 -26.31 -12.85 -55.43
CA LEU C 226 -25.75 -11.55 -55.85
C LEU C 226 -26.68 -10.39 -55.52
N ALA C 227 -27.88 -10.70 -55.08
CA ALA C 227 -28.70 -9.67 -54.46
C ALA C 227 -29.64 -10.29 -53.43
N PRO C 228 -30.21 -9.47 -52.56
CA PRO C 228 -31.27 -9.94 -51.68
C PRO C 228 -32.48 -10.33 -52.48
N THR C 229 -33.00 -11.55 -52.25
CA THR C 229 -34.17 -12.02 -52.94
C THR C 229 -35.35 -12.17 -51.99
N GLY C 230 -35.44 -11.22 -51.06
CA GLY C 230 -36.34 -11.31 -49.91
C GLY C 230 -36.33 -9.98 -49.19
N SER C 231 -37.35 -9.74 -48.38
CA SER C 231 -37.51 -8.44 -47.78
C SER C 231 -36.85 -8.38 -46.37
N TRP C 232 -35.54 -8.21 -46.36
CA TRP C 232 -34.77 -8.45 -45.14
C TRP C 232 -34.75 -7.15 -44.41
N ASP C 233 -34.54 -7.22 -43.09
CA ASP C 233 -34.55 -6.01 -42.28
C ASP C 233 -33.44 -5.07 -42.74
N ILE C 234 -32.28 -5.66 -43.05
CA ILE C 234 -31.14 -4.88 -43.53
C ILE C 234 -30.61 -5.66 -44.68
N SER C 235 -30.21 -4.95 -45.75
CA SER C 235 -29.32 -5.56 -46.75
C SER C 235 -28.11 -4.67 -46.89
N ALA C 236 -26.97 -5.33 -47.08
CA ALA C 236 -25.68 -4.69 -46.84
C ALA C 236 -24.57 -5.21 -47.72
N THR C 237 -23.61 -4.33 -48.01
CA THR C 237 -22.52 -4.64 -48.94
C THR C 237 -21.39 -5.47 -48.25
N ASP C 238 -21.32 -5.27 -46.93
CA ASP C 238 -20.34 -5.88 -46.06
C ASP C 238 -20.69 -5.60 -44.57
N ILE C 239 -19.85 -6.15 -43.65
CA ILE C 239 -20.20 -6.13 -42.24
C ILE C 239 -19.98 -4.79 -41.66
N THR C 240 -19.10 -4.00 -42.28
CA THR C 240 -18.93 -2.61 -41.87
C THR C 240 -20.19 -1.78 -42.13
N ASP C 241 -20.77 -2.02 -43.31
CA ASP C 241 -22.03 -1.36 -43.75
C ASP C 241 -23.21 -1.80 -42.87
N LEU C 242 -23.25 -3.10 -42.55
CA LEU C 242 -24.21 -3.69 -41.60
C LEU C 242 -24.14 -2.92 -40.28
N ALA C 243 -22.93 -2.82 -39.72
CA ALA C 243 -22.70 -1.99 -38.53
C ALA C 243 -23.20 -0.61 -38.71
N ALA C 244 -22.94 -0.03 -39.88
CA ALA C 244 -23.37 1.36 -40.07
C ALA C 244 -24.88 1.45 -40.06
N GLN C 245 -25.58 0.51 -40.69
CA GLN C 245 -27.05 0.55 -40.74
C GLN C 245 -27.75 0.20 -39.39
N LEU C 246 -27.11 -0.65 -38.58
CA LEU C 246 -27.68 -1.01 -37.26
C LEU C 246 -27.78 0.22 -36.36
N ARG C 247 -26.81 1.11 -36.50
CA ARG C 247 -26.70 2.34 -35.70
C ARG C 247 -27.59 3.51 -36.16
N ALA C 248 -27.96 3.54 -37.44
CA ALA C 248 -28.77 4.65 -38.06
C ALA C 248 -30.06 5.01 -37.28
N GLY D 3 3.40 -16.84 -27.42
CA GLY D 3 4.67 -17.40 -26.78
C GLY D 3 4.45 -18.76 -26.15
N VAL D 4 5.46 -19.28 -25.45
CA VAL D 4 5.46 -20.68 -24.97
C VAL D 4 4.35 -21.05 -23.91
N PRO D 5 3.46 -22.03 -24.22
CA PRO D 5 2.34 -22.41 -23.33
C PRO D 5 2.83 -23.00 -22.01
N PHE D 6 2.14 -22.71 -20.94
CA PHE D 6 2.41 -23.29 -19.65
C PHE D 6 2.15 -24.79 -19.71
N ARG D 7 3.15 -25.59 -19.38
CA ARG D 7 2.95 -27.02 -19.27
C ARG D 7 2.43 -27.37 -17.90
N SER D 8 1.26 -28.01 -17.81
CA SER D 8 0.77 -28.43 -16.51
C SER D 8 1.70 -29.49 -15.86
N PRO D 9 2.17 -29.24 -14.64
CA PRO D 9 2.93 -30.32 -13.98
C PRO D 9 2.08 -31.49 -13.55
N SER D 10 0.82 -31.26 -13.17
CA SER D 10 -0.06 -32.34 -12.76
C SER D 10 -0.60 -33.16 -13.93
N THR D 11 -0.93 -32.51 -15.04
CA THR D 11 -1.49 -33.25 -16.17
C THR D 11 -0.47 -33.62 -17.21
N GLY D 12 0.63 -32.89 -17.27
CA GLY D 12 1.69 -33.16 -18.23
C GLY D 12 1.52 -32.53 -19.62
N ARG D 13 0.42 -31.80 -19.81
CA ARG D 13 0.08 -31.30 -21.14
C ARG D 13 0.21 -29.78 -21.25
N ASN D 14 0.39 -29.30 -22.46
CA ASN D 14 0.35 -27.88 -22.69
C ASN D 14 -1.07 -27.42 -22.48
N VAL D 15 -1.23 -26.41 -21.62
CA VAL D 15 -2.52 -25.86 -21.32
C VAL D 15 -3.04 -25.08 -22.51
N ARG D 16 -4.28 -25.38 -22.89
CA ARG D 16 -4.85 -24.76 -24.06
C ARG D 16 -5.99 -23.85 -23.77
N ALA D 17 -6.68 -24.09 -22.66
CA ALA D 17 -7.71 -23.21 -22.22
C ALA D 17 -7.62 -23.03 -20.73
N VAL D 18 -7.90 -21.83 -20.30
CA VAL D 18 -7.96 -21.52 -18.93
C VAL D 18 -9.37 -21.05 -18.71
N LEU D 19 -10.13 -21.84 -17.97
CA LEU D 19 -11.57 -21.60 -17.82
C LEU D 19 -11.75 -21.29 -16.37
N PHE D 20 -12.80 -20.56 -16.04
CA PHE D 20 -12.87 -19.90 -14.81
C PHE D 20 -14.16 -20.18 -14.14
N ASP D 21 -14.07 -20.67 -12.91
CA ASP D 21 -15.15 -20.41 -11.97
C ASP D 21 -15.41 -18.91 -12.03
N THR D 22 -16.66 -18.48 -11.98
CA THR D 22 -17.04 -17.09 -12.19
C THR D 22 -17.57 -16.32 -10.97
N PHE D 23 -18.60 -16.83 -10.31
CA PHE D 23 -19.08 -16.21 -9.12
C PHE D 23 -17.93 -16.27 -8.14
N GLY D 24 -17.47 -15.10 -7.65
CA GLY D 24 -16.43 -15.11 -6.61
C GLY D 24 -15.04 -15.01 -7.12
N THR D 25 -14.66 -15.94 -8.00
CA THR D 25 -13.34 -16.01 -8.60
C THR D 25 -13.09 -14.82 -9.53
N VAL D 26 -14.05 -14.54 -10.37
CA VAL D 26 -13.95 -13.46 -11.29
C VAL D 26 -14.73 -12.21 -10.90
N VAL D 27 -15.95 -12.35 -10.39
CA VAL D 27 -16.79 -11.18 -10.03
C VAL D 27 -17.09 -11.21 -8.54
N ASP D 28 -17.26 -10.03 -7.98
CA ASP D 28 -17.64 -9.83 -6.60
C ASP D 28 -19.13 -9.87 -6.49
N TRP D 29 -19.71 -11.05 -6.25
CA TRP D 29 -21.15 -11.19 -6.34
C TRP D 29 -21.85 -10.52 -5.18
N ARG D 30 -21.17 -10.53 -4.03
CA ARG D 30 -21.79 -10.08 -2.76
C ARG D 30 -22.10 -8.62 -2.72
N THR D 31 -21.16 -7.82 -3.18
CA THR D 31 -21.40 -6.36 -3.26
C THR D 31 -22.53 -6.07 -4.22
N GLY D 32 -22.55 -6.70 -5.38
CA GLY D 32 -23.62 -6.44 -6.36
C GLY D 32 -25.01 -6.92 -5.99
N ILE D 33 -25.09 -8.10 -5.38
CA ILE D 33 -26.39 -8.65 -4.95
C ILE D 33 -26.92 -7.77 -3.84
N ALA D 34 -26.05 -7.46 -2.89
CA ALA D 34 -26.39 -6.55 -1.77
C ALA D 34 -26.94 -5.23 -2.26
N THR D 35 -26.24 -4.57 -3.19
CA THR D 35 -26.72 -3.34 -3.83
C THR D 35 -28.10 -3.55 -4.47
N ALA D 36 -28.25 -4.63 -5.25
CA ALA D 36 -29.49 -4.87 -6.00
C ALA D 36 -30.65 -5.04 -5.07
N VAL D 37 -30.38 -5.72 -3.96
CA VAL D 37 -31.38 -5.99 -2.96
C VAL D 37 -31.73 -4.69 -2.23
N ALA D 38 -30.71 -3.98 -1.76
CA ALA D 38 -30.88 -2.62 -1.19
C ALA D 38 -31.75 -1.71 -2.03
N ASP D 39 -31.55 -1.68 -3.34
CA ASP D 39 -32.35 -0.83 -4.25
C ASP D 39 -33.78 -1.31 -4.40
N TYR D 40 -34.00 -2.62 -4.46
CA TYR D 40 -35.36 -3.18 -4.36
C TYR D 40 -36.00 -2.81 -3.02
N ALA D 41 -35.35 -3.09 -1.91
CA ALA D 41 -35.85 -2.67 -0.61
C ALA D 41 -36.16 -1.16 -0.52
N ALA D 42 -35.19 -0.31 -0.80
CA ALA D 42 -35.45 1.14 -0.83
C ALA D 42 -36.66 1.51 -1.71
N ARG D 43 -36.77 0.95 -2.92
CA ARG D 43 -37.90 1.25 -3.80
C ARG D 43 -39.25 0.78 -3.29
N HIS D 44 -39.30 -0.32 -2.53
CA HIS D 44 -40.58 -0.96 -2.20
C HIS D 44 -40.91 -0.83 -0.72
N GLN D 45 -40.28 0.15 -0.08
CA GLN D 45 -40.45 0.40 1.34
C GLN D 45 -40.51 -0.91 2.16
N LEU D 46 -39.34 -1.56 2.26
CA LEU D 46 -39.14 -2.79 3.03
C LEU D 46 -37.93 -2.62 3.95
N GLU D 47 -37.86 -3.43 5.01
CA GLU D 47 -36.73 -3.35 5.96
C GLU D 47 -35.97 -4.68 5.97
N VAL D 48 -34.75 -4.65 5.42
CA VAL D 48 -33.92 -5.81 5.25
C VAL D 48 -32.48 -5.36 5.41
N ASP D 49 -31.67 -6.14 6.12
CA ASP D 49 -30.22 -5.98 6.09
C ASP D 49 -29.82 -6.57 4.72
N ALA D 50 -29.43 -5.72 3.78
CA ALA D 50 -29.25 -6.13 2.40
C ALA D 50 -28.09 -7.11 2.24
N VAL D 51 -27.01 -6.88 2.97
CA VAL D 51 -25.88 -7.80 2.94
C VAL D 51 -26.26 -9.20 3.48
N ALA D 52 -26.93 -9.28 4.63
CA ALA D 52 -27.31 -10.55 5.20
C ALA D 52 -28.36 -11.23 4.35
N PHE D 53 -29.24 -10.45 3.74
CA PHE D 53 -30.11 -10.94 2.69
C PHE D 53 -29.30 -11.55 1.55
N ALA D 54 -28.25 -10.88 1.07
CA ALA D 54 -27.38 -11.49 0.04
C ALA D 54 -26.79 -12.83 0.49
N ASP D 55 -26.31 -12.88 1.73
CA ASP D 55 -25.64 -14.08 2.25
C ASP D 55 -26.59 -15.30 2.35
N ARG D 56 -27.78 -15.00 2.87
CA ARG D 56 -28.84 -15.93 2.96
C ARG D 56 -29.23 -16.36 1.55
N TRP D 57 -29.45 -15.42 0.63
CA TRP D 57 -29.72 -15.79 -0.77
C TRP D 57 -28.66 -16.76 -1.30
N ARG D 58 -27.40 -16.43 -1.12
CA ARG D 58 -26.31 -17.32 -1.53
C ARG D 58 -26.27 -18.67 -0.79
N ALA D 59 -26.74 -18.69 0.46
CA ALA D 59 -26.73 -19.89 1.29
C ALA D 59 -27.67 -20.93 0.66
N ARG D 60 -28.65 -20.48 -0.12
CA ARG D 60 -29.56 -21.38 -0.83
C ARG D 60 -29.00 -21.95 -2.13
N TYR D 61 -27.86 -21.42 -2.58
CA TYR D 61 -27.27 -21.83 -3.87
C TYR D 61 -27.01 -23.33 -3.93
N GLN D 62 -26.05 -23.80 -3.14
CA GLN D 62 -25.64 -25.23 -3.16
C GLN D 62 -26.81 -26.13 -2.79
N PRO D 63 -27.61 -25.76 -1.78
CA PRO D 63 -28.69 -26.72 -1.52
C PRO D 63 -29.63 -26.80 -2.70
N SER D 64 -29.72 -25.73 -3.48
CA SER D 64 -30.72 -25.73 -4.50
C SER D 64 -30.22 -26.65 -5.61
N MET D 65 -28.91 -26.70 -5.81
CA MET D 65 -28.29 -27.56 -6.85
C MET D 65 -28.17 -29.01 -6.41
N ASP D 66 -27.94 -29.22 -5.13
CA ASP D 66 -27.81 -30.57 -4.53
C ASP D 66 -28.93 -31.52 -4.93
N ALA D 67 -30.13 -30.99 -4.94
CA ALA D 67 -31.28 -31.70 -5.44
C ALA D 67 -31.09 -32.25 -6.89
N ILE D 68 -30.37 -31.50 -7.72
CA ILE D 68 -30.09 -31.91 -9.09
C ILE D 68 -28.85 -32.81 -9.18
N LEU D 69 -27.86 -32.54 -8.34
CA LEU D 69 -26.63 -33.34 -8.35
C LEU D 69 -26.99 -34.78 -8.01
N SER D 70 -27.93 -34.96 -7.05
CA SER D 70 -28.34 -36.28 -6.56
C SER D 70 -29.30 -37.02 -7.45
N GLY D 71 -29.85 -36.34 -8.46
CA GLY D 71 -30.88 -36.95 -9.30
C GLY D 71 -32.33 -36.83 -8.82
N ALA D 72 -32.55 -36.32 -7.60
CA ALA D 72 -33.91 -36.09 -7.08
C ALA D 72 -34.73 -35.09 -7.91
N ARG D 73 -34.04 -34.30 -8.71
CA ARG D 73 -34.72 -33.28 -9.48
C ARG D 73 -34.06 -33.19 -10.83
N GLU D 74 -34.89 -32.99 -11.82
CA GLU D 74 -34.39 -32.83 -13.14
C GLU D 74 -33.61 -31.47 -13.25
N PHE D 75 -32.65 -31.38 -14.13
CA PHE D 75 -31.90 -30.15 -14.37
C PHE D 75 -32.82 -28.97 -14.72
N VAL D 76 -32.63 -27.85 -14.04
CA VAL D 76 -33.10 -26.58 -14.46
C VAL D 76 -31.97 -25.54 -14.35
N THR D 77 -32.16 -24.42 -15.04
CA THR D 77 -31.16 -23.38 -15.15
C THR D 77 -30.93 -22.66 -13.83
N LEU D 78 -29.75 -22.10 -13.66
CA LEU D 78 -29.43 -21.43 -12.39
C LEU D 78 -30.39 -20.27 -12.22
N ASP D 79 -30.68 -19.61 -13.32
CA ASP D 79 -31.74 -18.57 -13.30
C ASP D 79 -33.00 -19.07 -12.62
N ILE D 80 -33.46 -20.27 -12.90
CA ILE D 80 -34.70 -20.71 -12.26
C ILE D 80 -34.45 -20.90 -10.79
N LEU D 81 -33.33 -21.54 -10.46
CA LEU D 81 -33.01 -21.79 -9.06
C LEU D 81 -32.82 -20.49 -8.27
N HIS D 82 -32.22 -19.46 -8.91
CA HIS D 82 -32.00 -18.18 -8.21
C HIS D 82 -33.30 -17.50 -7.88
N ARG D 83 -34.26 -17.64 -8.77
CA ARG D 83 -35.57 -17.04 -8.57
C ARG D 83 -36.31 -17.82 -7.43
N GLU D 84 -36.23 -19.13 -7.44
CA GLU D 84 -36.86 -19.91 -6.35
C GLU D 84 -36.20 -19.54 -5.05
N ASN D 85 -34.85 -19.50 -5.07
CA ASN D 85 -34.09 -19.14 -3.89
C ASN D 85 -34.44 -17.75 -3.31
N LEU D 86 -34.73 -16.79 -4.17
CA LEU D 86 -35.16 -15.47 -3.76
C LEU D 86 -36.47 -15.55 -2.99
N ASP D 87 -37.41 -16.35 -3.45
CA ASP D 87 -38.71 -16.49 -2.73
C ASP D 87 -38.52 -17.11 -1.37
N PHE D 88 -37.63 -18.07 -1.27
CA PHE D 88 -37.33 -18.68 0.01
C PHE D 88 -36.79 -17.60 0.95
N VAL D 89 -35.74 -16.90 0.51
CA VAL D 89 -35.10 -15.89 1.35
C VAL D 89 -36.08 -14.77 1.70
N LEU D 90 -36.93 -14.30 0.77
CA LEU D 90 -37.97 -13.36 1.13
C LEU D 90 -38.87 -13.90 2.28
N ARG D 91 -39.30 -15.15 2.18
CA ARG D 91 -40.12 -15.75 3.21
C ARG D 91 -39.39 -15.86 4.52
N GLU D 92 -38.13 -16.28 4.51
CA GLU D 92 -37.31 -16.19 5.73
C GLU D 92 -37.33 -14.83 6.42
N SER D 93 -37.39 -13.76 5.64
CA SER D 93 -37.29 -12.37 6.15
C SER D 93 -38.66 -11.80 6.54
N GLY D 94 -39.69 -12.64 6.49
CA GLY D 94 -41.02 -12.23 6.89
C GLY D 94 -41.79 -11.49 5.81
N ILE D 95 -41.39 -11.70 4.54
CA ILE D 95 -42.04 -11.10 3.36
C ILE D 95 -42.74 -12.16 2.50
N ASP D 96 -43.97 -11.90 2.08
CA ASP D 96 -44.74 -12.83 1.26
C ASP D 96 -44.55 -12.46 -0.21
N PRO D 97 -43.82 -13.30 -0.96
CA PRO D 97 -43.49 -12.99 -2.34
C PRO D 97 -44.68 -12.83 -3.28
N THR D 98 -45.83 -13.43 -2.93
CA THR D 98 -47.03 -13.31 -3.78
C THR D 98 -47.62 -11.91 -3.79
N ASN D 99 -47.31 -11.08 -2.77
CA ASN D 99 -47.69 -9.62 -2.74
C ASN D 99 -46.82 -8.62 -3.54
N HIS D 100 -45.91 -9.12 -4.37
CA HIS D 100 -45.02 -8.27 -5.16
C HIS D 100 -45.27 -8.64 -6.61
N ASP D 101 -44.85 -7.78 -7.55
CA ASP D 101 -44.96 -8.14 -8.95
C ASP D 101 -43.92 -9.22 -9.25
N SER D 102 -44.40 -10.37 -9.69
CA SER D 102 -43.55 -11.46 -10.11
C SER D 102 -42.53 -11.04 -11.20
N GLY D 103 -42.92 -10.15 -12.11
CA GLY D 103 -41.99 -9.63 -13.14
C GLY D 103 -40.81 -8.91 -12.53
N GLU D 104 -41.08 -8.12 -11.51
CA GLU D 104 -40.01 -7.40 -10.82
C GLU D 104 -39.14 -8.32 -9.97
N LEU D 105 -39.76 -9.39 -9.44
CA LEU D 105 -39.02 -10.36 -8.65
C LEU D 105 -38.07 -11.13 -9.56
N ASP D 106 -38.56 -11.53 -10.73
CA ASP D 106 -37.77 -11.99 -11.87
C ASP D 106 -36.55 -11.12 -12.25
N GLU D 107 -36.74 -9.81 -12.27
CA GLU D 107 -35.68 -8.87 -12.55
C GLU D 107 -34.68 -8.87 -11.44
N LEU D 108 -35.13 -8.77 -10.18
CA LEU D 108 -34.23 -8.93 -9.03
C LEU D 108 -33.44 -10.24 -9.09
N ALA D 109 -34.09 -11.37 -9.39
CA ALA D 109 -33.36 -12.66 -9.55
C ALA D 109 -32.28 -12.61 -10.63
N ARG D 110 -32.43 -11.76 -11.62
CA ARG D 110 -31.37 -11.62 -12.63
C ARG D 110 -30.26 -10.62 -12.21
N ALA D 111 -30.30 -10.19 -10.96
CA ALA D 111 -29.23 -9.36 -10.45
C ALA D 111 -27.88 -10.13 -10.61
N TRP D 112 -27.92 -11.46 -10.64
CA TRP D 112 -26.68 -12.27 -10.77
C TRP D 112 -26.06 -12.15 -12.12
N HIS D 113 -26.78 -11.52 -13.08
CA HIS D 113 -26.29 -11.20 -14.46
C HIS D 113 -25.57 -9.82 -14.54
N VAL D 114 -25.63 -9.03 -13.48
CA VAL D 114 -25.14 -7.64 -13.49
C VAL D 114 -24.12 -7.49 -12.36
N LEU D 115 -22.95 -8.09 -12.53
CA LEU D 115 -21.98 -8.11 -11.43
C LEU D 115 -20.64 -7.59 -11.86
N THR D 116 -19.96 -6.98 -10.89
CA THR D 116 -18.74 -6.25 -11.08
C THR D 116 -17.54 -7.15 -10.86
N PRO D 117 -16.72 -7.31 -11.89
CA PRO D 117 -15.46 -7.94 -11.65
C PRO D 117 -14.60 -7.28 -10.61
N TRP D 118 -13.83 -8.11 -9.92
CA TRP D 118 -12.71 -7.66 -9.16
C TRP D 118 -11.80 -6.85 -10.08
N PRO D 119 -11.09 -5.86 -9.52
CA PRO D 119 -10.44 -4.89 -10.45
C PRO D 119 -9.37 -5.49 -11.38
N ASP D 120 -8.70 -6.55 -10.93
CA ASP D 120 -7.69 -7.31 -11.70
C ASP D 120 -8.22 -8.27 -12.76
N SER D 121 -9.53 -8.55 -12.80
CA SER D 121 -10.04 -9.65 -13.61
C SER D 121 -9.95 -9.30 -15.08
N VAL D 122 -10.57 -8.19 -15.49
CA VAL D 122 -10.63 -7.85 -16.92
C VAL D 122 -9.22 -7.69 -17.52
N PRO D 123 -8.31 -6.96 -16.84
CA PRO D 123 -6.94 -6.93 -17.28
C PRO D 123 -6.24 -8.25 -17.31
N GLY D 124 -6.44 -9.08 -16.27
CA GLY D 124 -5.86 -10.41 -16.26
C GLY D 124 -6.31 -11.28 -17.42
N LEU D 125 -7.58 -11.26 -17.67
CA LEU D 125 -8.17 -12.18 -18.67
C LEU D 125 -7.75 -11.73 -20.08
N THR D 126 -7.70 -10.42 -20.31
CA THR D 126 -7.19 -9.87 -21.58
C THR D 126 -5.78 -10.42 -21.88
N ALA D 127 -4.91 -10.37 -20.87
CA ALA D 127 -3.57 -10.88 -21.00
C ALA D 127 -3.59 -12.36 -21.29
N ILE D 128 -4.43 -13.13 -20.60
CA ILE D 128 -4.51 -14.58 -20.88
C ILE D 128 -5.16 -14.91 -22.23
N LYS D 129 -6.18 -14.16 -22.58
CA LYS D 129 -6.91 -14.35 -23.90
C LYS D 129 -5.95 -14.26 -25.09
N ALA D 130 -4.94 -13.40 -25.02
CA ALA D 130 -3.85 -13.36 -26.03
C ALA D 130 -3.16 -14.67 -26.37
N GLU D 131 -3.14 -15.63 -25.44
CA GLU D 131 -2.39 -16.84 -25.69
C GLU D 131 -3.22 -18.13 -25.51
N TYR D 132 -4.33 -18.02 -24.80
CA TYR D 132 -5.17 -19.17 -24.47
C TYR D 132 -6.64 -18.86 -24.77
N ILE D 133 -7.41 -19.94 -24.86
CA ILE D 133 -8.82 -19.90 -24.91
C ILE D 133 -9.23 -19.61 -23.50
N ILE D 134 -10.05 -18.59 -23.33
CA ILE D 134 -10.62 -18.34 -22.02
C ILE D 134 -12.14 -18.39 -22.09
N GLY D 135 -12.73 -18.69 -20.94
CA GLY D 135 -14.17 -18.78 -20.78
C GLY D 135 -14.54 -19.29 -19.39
N PRO D 136 -15.84 -19.27 -19.08
CA PRO D 136 -16.21 -19.71 -17.76
C PRO D 136 -16.35 -21.20 -17.71
N LEU D 137 -16.13 -21.73 -16.53
CA LEU D 137 -16.49 -23.13 -16.19
C LEU D 137 -17.21 -23.00 -14.86
N SER D 138 -18.49 -22.72 -15.02
CA SER D 138 -19.29 -22.13 -13.98
C SER D 138 -20.62 -22.89 -13.89
N ASN D 139 -21.26 -22.80 -12.74
CA ASN D 139 -22.64 -23.27 -12.58
C ASN D 139 -23.69 -22.34 -13.23
N GLY D 140 -23.32 -21.12 -13.60
CA GLY D 140 -24.23 -20.23 -14.32
C GLY D 140 -24.67 -20.81 -15.64
N ASN D 141 -25.93 -20.65 -15.99
CA ASN D 141 -26.34 -20.89 -17.37
C ASN D 141 -25.72 -19.91 -18.38
N THR D 142 -25.81 -20.22 -19.65
CA THR D 142 -25.11 -19.46 -20.73
C THR D 142 -25.56 -18.03 -20.75
N SER D 143 -26.88 -17.82 -20.72
CA SER D 143 -27.43 -16.48 -20.87
C SER D 143 -27.07 -15.60 -19.70
N LEU D 144 -26.97 -16.22 -18.53
CA LEU D 144 -26.57 -15.47 -17.37
C LEU D 144 -25.12 -14.98 -17.56
N LEU D 145 -24.27 -15.90 -17.96
CA LEU D 145 -22.86 -15.67 -18.09
C LEU D 145 -22.54 -14.68 -19.16
N LEU D 146 -23.24 -14.81 -20.27
CA LEU D 146 -23.22 -13.85 -21.36
C LEU D 146 -23.63 -12.44 -20.97
N ASP D 147 -24.77 -12.30 -20.30
CA ASP D 147 -25.22 -10.94 -19.96
C ASP D 147 -24.18 -10.34 -19.08
N MET D 148 -23.69 -11.12 -18.12
CA MET D 148 -22.69 -10.63 -17.18
C MET D 148 -21.44 -10.11 -17.89
N ALA D 149 -20.95 -10.86 -18.87
CA ALA D 149 -19.80 -10.51 -19.69
C ALA D 149 -20.00 -9.29 -20.56
N LYS D 150 -21.15 -9.19 -21.21
CA LYS D 150 -21.45 -7.96 -21.96
C LYS D 150 -21.55 -6.76 -21.05
N ASN D 151 -22.23 -6.91 -19.93
CA ASN D 151 -22.46 -5.79 -19.00
CA ASN D 151 -22.45 -5.79 -18.99
C ASN D 151 -21.14 -5.26 -18.43
N ALA D 152 -20.22 -6.18 -18.17
CA ALA D 152 -18.95 -5.86 -17.51
C ALA D 152 -17.73 -5.81 -18.42
N GLY D 153 -17.84 -6.16 -19.69
CA GLY D 153 -16.66 -6.28 -20.54
C GLY D 153 -15.75 -7.48 -20.26
N ILE D 154 -16.29 -8.62 -19.80
CA ILE D 154 -15.49 -9.82 -19.58
C ILE D 154 -15.19 -10.52 -20.93
N PRO D 155 -13.93 -10.49 -21.37
CA PRO D 155 -13.59 -10.93 -22.75
C PRO D 155 -13.60 -12.40 -23.10
N TRP D 156 -14.66 -13.14 -22.75
CA TRP D 156 -14.57 -14.61 -22.87
C TRP D 156 -14.50 -14.94 -24.34
N ASP D 157 -13.91 -16.08 -24.73
CA ASP D 157 -13.87 -16.53 -26.10
C ASP D 157 -15.10 -17.44 -26.35
N VAL D 158 -15.55 -18.07 -25.28
CA VAL D 158 -16.56 -19.11 -25.43
C VAL D 158 -17.19 -19.32 -24.08
N ILE D 159 -18.52 -19.59 -24.10
CA ILE D 159 -19.33 -19.67 -22.91
C ILE D 159 -20.11 -21.00 -22.92
N ILE D 160 -19.53 -22.02 -22.34
CA ILE D 160 -20.23 -23.24 -22.05
C ILE D 160 -20.90 -23.20 -20.65
N GLY D 161 -22.12 -22.72 -20.64
CA GLY D 161 -22.94 -22.67 -19.46
C GLY D 161 -23.35 -24.05 -18.99
N SER D 162 -23.57 -24.19 -17.68
CA SER D 162 -24.00 -25.44 -17.08
C SER D 162 -25.20 -26.08 -17.79
N ASP D 163 -26.06 -25.27 -18.41
CA ASP D 163 -27.22 -25.73 -19.12
C ASP D 163 -26.87 -26.30 -20.51
N ILE D 164 -25.66 -26.13 -20.98
CA ILE D 164 -25.29 -26.79 -22.23
C ILE D 164 -24.97 -28.22 -21.87
N ASN D 165 -24.32 -28.44 -20.72
CA ASN D 165 -23.92 -29.79 -20.32
C ASN D 165 -24.99 -30.47 -19.50
N ARG D 166 -25.94 -29.69 -19.02
CA ARG D 166 -26.96 -30.20 -18.13
C ARG D 166 -26.37 -30.92 -16.94
N LYS D 167 -25.35 -30.31 -16.34
CA LYS D 167 -24.58 -30.89 -15.22
C LYS D 167 -24.04 -29.71 -14.41
N TYR D 168 -24.10 -29.83 -13.08
CA TYR D 168 -23.61 -28.77 -12.18
C TYR D 168 -22.32 -29.25 -11.53
N LYS D 169 -21.37 -28.36 -11.32
CA LYS D 169 -20.16 -28.73 -10.63
C LYS D 169 -20.59 -29.06 -9.21
N PRO D 170 -19.91 -30.01 -8.54
CA PRO D 170 -18.68 -30.69 -8.89
C PRO D 170 -18.82 -32.05 -9.65
N ASP D 171 -19.96 -32.31 -10.26
CA ASP D 171 -20.07 -33.60 -11.01
C ASP D 171 -18.94 -33.72 -12.00
N PRO D 172 -18.27 -34.87 -12.03
CA PRO D 172 -17.17 -34.90 -12.97
C PRO D 172 -17.50 -34.47 -14.41
N GLN D 173 -18.72 -34.75 -14.82
CA GLN D 173 -19.16 -34.51 -16.17
C GLN D 173 -19.30 -33.04 -16.55
N ALA D 174 -19.39 -32.16 -15.56
CA ALA D 174 -19.35 -30.70 -15.81
C ALA D 174 -18.01 -30.32 -16.47
N TYR D 175 -16.93 -30.84 -15.93
CA TYR D 175 -15.58 -30.55 -16.40
C TYR D 175 -15.26 -31.27 -17.72
N LEU D 176 -15.63 -32.55 -17.78
CA LEU D 176 -15.35 -33.38 -18.97
C LEU D 176 -16.15 -32.98 -20.20
N ARG D 177 -17.41 -32.63 -20.01
CA ARG D 177 -18.22 -32.23 -21.11
C ARG D 177 -17.80 -30.88 -21.66
N THR D 178 -17.29 -30.00 -20.80
CA THR D 178 -16.83 -28.72 -21.23
C THR D 178 -15.60 -28.97 -22.14
N ALA D 179 -14.70 -29.82 -21.65
CA ALA D 179 -13.50 -30.17 -22.42
C ALA D 179 -13.86 -30.78 -23.75
N GLN D 180 -14.76 -31.78 -23.76
CA GLN D 180 -15.22 -32.43 -25.00
C GLN D 180 -15.72 -31.44 -26.01
N VAL D 181 -16.64 -30.56 -25.61
CA VAL D 181 -17.29 -29.66 -26.56
C VAL D 181 -16.30 -28.61 -27.16
N LEU D 182 -15.23 -28.33 -26.43
CA LEU D 182 -14.17 -27.43 -26.91
C LEU D 182 -13.06 -28.14 -27.70
N GLY D 183 -13.14 -29.46 -27.73
CA GLY D 183 -12.27 -30.28 -28.61
C GLY D 183 -10.89 -30.55 -28.04
N LEU D 184 -10.81 -30.43 -26.71
CA LEU D 184 -9.58 -30.48 -25.95
C LEU D 184 -9.66 -31.69 -25.10
N HIS D 185 -8.50 -32.33 -24.91
CA HIS D 185 -8.31 -33.31 -23.82
C HIS D 185 -8.49 -32.60 -22.46
N PRO D 186 -8.99 -33.30 -21.43
CA PRO D 186 -9.16 -32.60 -20.13
C PRO D 186 -7.85 -32.07 -19.56
N GLY D 187 -6.75 -32.79 -19.78
CA GLY D 187 -5.41 -32.35 -19.37
C GLY D 187 -4.89 -31.06 -19.99
N GLU D 188 -5.55 -30.60 -21.06
CA GLU D 188 -5.28 -29.33 -21.70
C GLU D 188 -6.14 -28.20 -21.22
N VAL D 189 -6.98 -28.46 -20.22
CA VAL D 189 -7.86 -27.44 -19.71
C VAL D 189 -7.49 -27.16 -18.27
N MET D 190 -7.28 -25.90 -17.98
CA MET D 190 -6.95 -25.46 -16.64
C MET D 190 -8.16 -24.77 -16.04
N LEU D 191 -8.57 -25.23 -14.86
CA LEU D 191 -9.62 -24.54 -14.11
C LEU D 191 -8.95 -23.58 -13.16
N ALA D 192 -9.36 -22.31 -13.22
CA ALA D 192 -8.95 -21.30 -12.26
C ALA D 192 -10.15 -21.06 -11.37
N ALA D 193 -9.97 -21.15 -10.05
CA ALA D 193 -11.05 -21.01 -9.12
C ALA D 193 -10.49 -20.52 -7.81
N ALA D 194 -11.33 -19.78 -7.11
CA ALA D 194 -11.00 -19.28 -5.77
C ALA D 194 -11.29 -20.34 -4.73
N HIS D 195 -11.76 -21.53 -5.12
CA HIS D 195 -12.32 -22.52 -4.22
C HIS D 195 -11.64 -23.85 -4.33
N ASN D 196 -10.96 -24.25 -3.23
CA ASN D 196 -10.27 -25.51 -3.22
C ASN D 196 -11.15 -26.73 -3.58
N GLY D 197 -12.44 -26.74 -3.23
CA GLY D 197 -13.28 -27.95 -3.44
C GLY D 197 -13.38 -28.14 -4.95
N ASP D 198 -13.58 -27.02 -5.65
CA ASP D 198 -13.83 -27.01 -7.06
C ASP D 198 -12.57 -27.52 -7.75
N LEU D 199 -11.42 -26.99 -7.36
CA LEU D 199 -10.14 -27.45 -7.90
C LEU D 199 -9.85 -28.93 -7.65
N GLU D 200 -10.32 -29.43 -6.50
CA GLU D 200 -10.17 -30.86 -6.12
C GLU D 200 -10.89 -31.74 -7.10
N ALA D 201 -12.11 -31.36 -7.38
CA ALA D 201 -12.94 -32.10 -8.31
C ALA D 201 -12.32 -32.03 -9.72
N ALA D 202 -11.84 -30.86 -10.15
CA ALA D 202 -11.24 -30.74 -11.47
C ALA D 202 -10.01 -31.60 -11.57
N HIS D 203 -9.15 -31.53 -10.55
CA HIS D 203 -7.93 -32.36 -10.48
C HIS D 203 -8.23 -33.83 -10.63
N ALA D 204 -9.21 -34.30 -9.86
CA ALA D 204 -9.66 -35.70 -9.90
C ALA D 204 -10.12 -36.07 -11.30
N THR D 205 -10.69 -35.09 -12.03
CA THR D 205 -11.24 -35.32 -13.35
C THR D 205 -10.18 -35.23 -14.42
N GLY D 206 -8.95 -34.88 -14.06
CA GLY D 206 -7.88 -34.76 -15.01
C GLY D 206 -7.53 -33.38 -15.57
N LEU D 207 -8.01 -32.33 -14.94
CA LEU D 207 -7.79 -30.98 -15.48
C LEU D 207 -6.59 -30.36 -14.77
N ALA D 208 -5.97 -29.34 -15.37
CA ALA D 208 -4.94 -28.56 -14.68
C ALA D 208 -5.69 -27.63 -13.75
N THR D 209 -4.96 -26.93 -12.88
CA THR D 209 -5.56 -26.20 -11.77
C THR D 209 -4.88 -24.89 -11.47
N ALA D 210 -5.65 -23.86 -11.22
CA ALA D 210 -5.08 -22.64 -10.66
C ALA D 210 -5.97 -22.13 -9.58
N PHE D 211 -5.38 -21.80 -8.42
CA PHE D 211 -6.11 -21.20 -7.34
C PHE D 211 -5.91 -19.68 -7.34
N ILE D 212 -6.99 -18.93 -7.22
CA ILE D 212 -6.94 -17.49 -7.17
C ILE D 212 -7.56 -17.11 -5.87
N LEU D 213 -6.80 -16.49 -4.99
CA LEU D 213 -7.27 -16.24 -3.67
C LEU D 213 -8.23 -15.07 -3.74
N ARG D 214 -9.46 -15.28 -3.26
CA ARG D 214 -10.44 -14.20 -3.15
C ARG D 214 -10.89 -14.09 -1.68
N PRO D 215 -10.09 -13.34 -0.86
CA PRO D 215 -10.25 -13.58 0.56
C PRO D 215 -11.39 -12.83 1.14
N VAL D 216 -11.99 -11.89 0.40
CA VAL D 216 -13.14 -11.17 0.91
C VAL D 216 -14.38 -11.26 -0.01
N GLU D 217 -14.45 -12.32 -0.82
CA GLU D 217 -15.67 -12.74 -1.51
C GLU D 217 -16.88 -12.67 -0.61
N HIS D 218 -16.66 -13.23 0.58
CA HIS D 218 -17.67 -13.33 1.59
C HIS D 218 -17.64 -12.21 2.61
N GLY D 219 -16.95 -11.11 2.28
CA GLY D 219 -16.77 -9.99 3.20
C GLY D 219 -15.60 -10.20 4.18
N PRO D 220 -15.38 -9.24 5.10
CA PRO D 220 -14.28 -9.32 6.08
C PRO D 220 -14.26 -10.59 6.97
N HIS D 221 -15.43 -11.17 7.23
CA HIS D 221 -15.50 -12.34 8.09
C HIS D 221 -15.30 -13.68 7.38
N GLN D 222 -14.82 -13.68 6.15
CA GLN D 222 -14.55 -14.92 5.43
C GLN D 222 -13.47 -15.76 6.10
N THR D 223 -13.72 -17.06 6.24
CA THR D 223 -12.69 -18.02 6.77
C THR D 223 -12.34 -19.13 5.78
N ASP D 224 -13.30 -19.47 4.90
CA ASP D 224 -13.04 -20.44 3.82
C ASP D 224 -12.05 -19.95 2.74
N ASP D 225 -11.27 -20.89 2.21
CA ASP D 225 -10.47 -20.71 1.02
C ASP D 225 -9.54 -19.52 1.11
N LEU D 226 -8.85 -19.42 2.24
CA LEU D 226 -7.93 -18.33 2.47
C LEU D 226 -6.55 -18.71 2.11
N ALA D 227 -6.41 -19.94 1.60
CA ALA D 227 -5.14 -20.45 1.20
C ALA D 227 -5.30 -21.66 0.31
N PRO D 228 -4.36 -21.90 -0.59
CA PRO D 228 -4.41 -23.18 -1.31
C PRO D 228 -4.19 -24.38 -0.37
N THR D 229 -5.01 -25.43 -0.54
CA THR D 229 -4.99 -26.65 0.26
C THR D 229 -4.72 -27.89 -0.59
N GLY D 230 -4.20 -27.71 -1.78
CA GLY D 230 -3.89 -28.81 -2.68
C GLY D 230 -2.63 -28.48 -3.42
N SER D 231 -2.05 -29.44 -4.12
CA SER D 231 -0.86 -29.16 -4.94
C SER D 231 -1.23 -28.64 -6.35
N TRP D 232 -1.89 -27.49 -6.36
CA TRP D 232 -2.34 -26.87 -7.61
C TRP D 232 -1.17 -26.48 -8.52
N ASP D 233 -1.39 -26.50 -9.82
CA ASP D 233 -0.37 -26.13 -10.78
C ASP D 233 0.10 -24.70 -10.51
N ILE D 234 -0.83 -23.84 -10.15
CA ILE D 234 -0.55 -22.45 -9.87
C ILE D 234 -1.38 -22.05 -8.71
N SER D 235 -0.79 -21.23 -7.85
CA SER D 235 -1.49 -20.48 -6.81
C SER D 235 -1.21 -19.01 -7.00
N ALA D 236 -2.25 -18.20 -6.99
CA ALA D 236 -2.11 -16.81 -7.32
C ALA D 236 -2.97 -15.98 -6.40
N THR D 237 -2.65 -14.69 -6.35
CA THR D 237 -3.38 -13.70 -5.52
C THR D 237 -4.32 -12.80 -6.33
N ASP D 238 -4.20 -12.85 -7.65
CA ASP D 238 -5.24 -12.30 -8.52
C ASP D 238 -5.05 -12.82 -9.92
N ILE D 239 -5.95 -12.44 -10.82
CA ILE D 239 -5.93 -13.01 -12.18
C ILE D 239 -4.78 -12.40 -13.03
N THR D 240 -4.31 -11.21 -12.70
CA THR D 240 -3.08 -10.66 -13.36
C THR D 240 -1.86 -11.50 -13.00
N ASP D 241 -1.80 -11.91 -11.73
CA ASP D 241 -0.76 -12.79 -11.23
C ASP D 241 -0.83 -14.11 -11.89
N LEU D 242 -2.01 -14.70 -12.00
CA LEU D 242 -2.18 -15.89 -12.86
C LEU D 242 -1.58 -15.63 -14.28
N ALA D 243 -1.97 -14.51 -14.89
CA ALA D 243 -1.53 -14.26 -16.28
C ALA D 243 0.00 -14.27 -16.35
N ALA D 244 0.62 -13.67 -15.36
CA ALA D 244 2.08 -13.61 -15.32
C ALA D 244 2.64 -15.00 -15.13
N GLN D 245 2.01 -15.82 -14.28
CA GLN D 245 2.57 -17.14 -14.02
C GLN D 245 2.39 -18.02 -15.26
N LEU D 246 1.34 -17.81 -16.02
CA LEU D 246 1.19 -18.65 -17.23
C LEU D 246 2.29 -18.30 -18.23
N ARG D 247 2.58 -17.01 -18.35
CA ARG D 247 3.66 -16.52 -19.18
C ARG D 247 5.04 -16.98 -18.66
N ALA D 248 5.25 -16.99 -17.34
CA ALA D 248 6.58 -17.42 -16.80
C ALA D 248 6.86 -18.88 -17.12
N GLY D 249 5.82 -19.73 -17.05
CA GLY D 249 5.99 -21.17 -17.29
C GLY D 249 6.11 -21.95 -15.99
N SER D 250 6.22 -23.28 -16.14
CA SER D 250 6.46 -24.19 -15.02
C SER D 250 7.91 -24.73 -15.07
N VAL E 4 3.62 3.10 4.57
CA VAL E 4 2.63 2.14 3.95
C VAL E 4 2.94 0.68 4.33
N PRO E 5 2.02 0.01 5.04
CA PRO E 5 2.22 -1.36 5.55
C PRO E 5 2.65 -2.39 4.51
N PHE E 6 3.52 -3.30 4.96
CA PHE E 6 3.97 -4.47 4.18
C PHE E 6 2.80 -5.21 3.56
N ARG E 7 2.98 -5.63 2.32
CA ARG E 7 1.94 -6.34 1.63
C ARG E 7 2.45 -7.75 1.54
N SER E 8 1.74 -8.68 2.14
CA SER E 8 2.14 -10.07 2.09
C SER E 8 2.06 -10.59 0.65
N PRO E 9 3.14 -11.14 0.10
CA PRO E 9 3.04 -11.86 -1.16
C PRO E 9 2.15 -13.12 -1.18
N SER E 10 1.99 -13.79 -0.04
CA SER E 10 1.20 -15.02 0.01
C SER E 10 -0.25 -14.67 0.16
N THR E 11 -0.60 -13.74 1.07
CA THR E 11 -2.02 -13.40 1.34
C THR E 11 -2.57 -12.20 0.54
N GLY E 12 -1.65 -11.40 -0.01
CA GLY E 12 -2.01 -10.22 -0.82
C GLY E 12 -2.52 -9.04 -0.05
N ARG E 13 -2.53 -9.15 1.27
CA ARG E 13 -3.07 -8.12 2.12
C ARG E 13 -1.97 -7.30 2.75
N ASN E 14 -2.35 -6.08 3.09
CA ASN E 14 -1.50 -5.18 3.84
C ASN E 14 -1.59 -5.66 5.31
N VAL E 15 -0.45 -6.12 5.81
CA VAL E 15 -0.38 -6.65 7.17
C VAL E 15 -0.75 -5.58 8.25
N ARG E 16 -1.74 -5.84 9.09
CA ARG E 16 -2.12 -4.95 10.18
C ARG E 16 -1.52 -5.39 11.56
N ALA E 17 -1.24 -6.70 11.73
CA ALA E 17 -0.76 -7.26 13.01
C ALA E 17 0.38 -8.21 12.74
N VAL E 18 1.44 -8.05 13.53
CA VAL E 18 2.57 -8.97 13.48
C VAL E 18 2.54 -9.61 14.86
N LEU E 19 2.08 -10.84 14.90
CA LEU E 19 1.93 -11.56 16.15
C LEU E 19 3.00 -12.61 16.20
N PHE E 20 3.52 -12.85 17.39
CA PHE E 20 4.76 -13.63 17.58
C PHE E 20 4.60 -14.92 18.37
N ASP E 21 5.13 -16.02 17.84
CA ASP E 21 5.45 -17.10 18.68
C ASP E 21 6.40 -16.52 19.76
N THR E 22 6.27 -16.95 21.02
CA THR E 22 6.98 -16.29 22.12
C THR E 22 8.14 -17.14 22.60
N PHE E 23 7.87 -18.35 23.09
CA PHE E 23 8.94 -19.27 23.47
C PHE E 23 9.87 -19.61 22.32
N GLY E 24 11.15 -19.28 22.50
CA GLY E 24 12.18 -19.46 21.48
C GLY E 24 12.37 -18.32 20.49
N THR E 25 11.24 -17.84 19.97
CA THR E 25 11.20 -16.81 18.97
C THR E 25 11.55 -15.49 19.60
N VAL E 26 10.88 -15.15 20.72
CA VAL E 26 11.11 -13.89 21.37
C VAL E 26 12.07 -14.04 22.57
N VAL E 27 11.92 -15.10 23.38
CA VAL E 27 12.73 -15.26 24.59
C VAL E 27 13.56 -16.55 24.60
N ASP E 28 14.66 -16.49 25.35
CA ASP E 28 15.56 -17.60 25.48
C ASP E 28 15.11 -18.39 26.73
N TRP E 29 14.32 -19.43 26.47
CA TRP E 29 13.66 -20.19 27.54
C TRP E 29 14.67 -21.10 28.16
N ARG E 30 15.46 -21.73 27.30
CA ARG E 30 16.47 -22.71 27.73
C ARG E 30 17.45 -22.20 28.78
N THR E 31 18.04 -21.03 28.59
CA THR E 31 18.98 -20.45 29.57
C THR E 31 18.28 -20.06 30.86
N GLY E 32 17.18 -19.34 30.74
CA GLY E 32 16.41 -18.96 31.95
C GLY E 32 15.76 -20.11 32.76
N ILE E 33 15.25 -21.12 32.09
CA ILE E 33 14.77 -22.32 32.82
C ILE E 33 15.98 -23.10 33.47
N ALA E 34 17.11 -23.18 32.79
CA ALA E 34 18.28 -23.85 33.40
C ALA E 34 18.70 -23.11 34.66
N THR E 35 18.67 -21.78 34.65
CA THR E 35 19.04 -20.97 35.81
C THR E 35 18.05 -21.10 36.98
N ALA E 36 16.75 -21.06 36.69
CA ALA E 36 15.73 -21.30 37.71
C ALA E 36 15.86 -22.69 38.34
N VAL E 37 16.21 -23.67 37.53
CA VAL E 37 16.40 -25.03 38.01
C VAL E 37 17.71 -25.24 38.82
N ALA E 38 18.77 -24.55 38.44
CA ALA E 38 20.06 -24.68 39.10
C ALA E 38 19.96 -23.95 40.41
N ASP E 39 19.29 -22.80 40.37
CA ASP E 39 18.96 -22.04 41.55
C ASP E 39 18.19 -22.91 42.52
N TYR E 40 17.22 -23.66 42.02
CA TYR E 40 16.38 -24.47 42.89
C TYR E 40 17.18 -25.64 43.50
N ALA E 41 17.96 -26.33 42.65
CA ALA E 41 18.87 -27.40 43.07
C ALA E 41 19.92 -26.96 44.12
N ALA E 42 20.45 -25.75 43.96
CA ALA E 42 21.42 -25.20 44.89
C ALA E 42 20.75 -24.88 46.25
N ARG E 43 19.55 -24.34 46.24
CA ARG E 43 18.82 -24.02 47.49
C ARG E 43 18.27 -25.23 48.23
N HIS E 44 18.09 -26.35 47.52
CA HIS E 44 17.56 -27.58 48.13
C HIS E 44 18.61 -28.69 48.09
N GLN E 45 19.86 -28.27 47.94
CA GLN E 45 21.03 -29.12 48.05
C GLN E 45 20.88 -30.42 47.24
N LEU E 46 20.38 -30.27 46.00
CA LEU E 46 20.07 -31.42 45.11
C LEU E 46 21.08 -31.54 44.00
N GLU E 47 21.15 -32.71 43.38
CA GLU E 47 22.20 -32.99 42.40
C GLU E 47 21.58 -33.22 41.02
N VAL E 48 21.63 -32.20 40.15
CA VAL E 48 20.99 -32.29 38.81
C VAL E 48 21.70 -31.50 37.72
N ASP E 49 21.82 -32.10 36.53
CA ASP E 49 22.27 -31.39 35.35
C ASP E 49 21.15 -30.39 34.92
N ALA E 50 21.32 -29.13 35.29
CA ALA E 50 20.27 -28.14 35.21
C ALA E 50 19.77 -27.96 33.79
N VAL E 51 20.69 -27.95 32.82
CA VAL E 51 20.36 -27.78 31.42
C VAL E 51 19.72 -29.02 30.80
N ALA E 52 20.17 -30.20 31.21
CA ALA E 52 19.60 -31.44 30.66
C ALA E 52 18.18 -31.67 31.20
N PHE E 53 17.92 -31.12 32.39
CA PHE E 53 16.64 -31.15 33.04
C PHE E 53 15.67 -30.18 32.33
N ALA E 54 16.16 -28.98 32.03
CA ALA E 54 15.44 -28.00 31.24
C ALA E 54 15.05 -28.62 29.92
N ASP E 55 15.96 -29.33 29.28
CA ASP E 55 15.64 -29.99 28.03
C ASP E 55 14.55 -31.04 28.23
N ARG E 56 14.64 -31.81 29.30
CA ARG E 56 13.67 -32.85 29.58
C ARG E 56 12.29 -32.27 29.88
N TRP E 57 12.30 -31.18 30.61
CA TRP E 57 11.09 -30.48 30.96
C TRP E 57 10.39 -29.99 29.69
N ARG E 58 11.15 -29.31 28.82
CA ARG E 58 10.63 -28.87 27.53
C ARG E 58 10.20 -30.05 26.65
N ALA E 59 10.82 -31.22 26.80
CA ALA E 59 10.46 -32.38 25.96
C ALA E 59 9.06 -32.92 26.27
N ARG E 60 8.51 -32.53 27.43
CA ARG E 60 7.13 -32.82 27.83
C ARG E 60 6.11 -31.77 27.33
N TYR E 61 6.58 -30.67 26.72
CA TYR E 61 5.69 -29.59 26.27
C TYR E 61 4.66 -30.07 25.26
N GLN E 62 5.13 -30.55 24.13
CA GLN E 62 4.25 -31.00 23.05
C GLN E 62 3.40 -32.20 23.47
N PRO E 63 4.00 -33.25 24.02
CA PRO E 63 3.26 -34.40 24.51
C PRO E 63 2.08 -34.03 25.41
N SER E 64 2.31 -33.09 26.32
CA SER E 64 1.27 -32.70 27.28
C SER E 64 0.18 -31.95 26.49
N MET E 65 0.56 -31.08 25.55
CA MET E 65 -0.43 -30.45 24.68
C MET E 65 -1.14 -31.40 23.73
N ASP E 66 -0.46 -32.47 23.30
CA ASP E 66 -1.01 -33.38 22.27
C ASP E 66 -2.26 -34.09 22.78
N ALA E 67 -2.26 -34.38 24.07
CA ALA E 67 -3.43 -34.97 24.71
C ALA E 67 -4.59 -34.02 24.55
N ILE E 68 -4.33 -32.72 24.55
CA ILE E 68 -5.45 -31.79 24.44
C ILE E 68 -5.84 -31.65 22.98
N LEU E 69 -4.88 -31.46 22.10
CA LEU E 69 -5.15 -31.30 20.68
C LEU E 69 -5.93 -32.48 20.13
N SER E 70 -5.63 -33.66 20.63
CA SER E 70 -6.26 -34.90 20.20
C SER E 70 -7.67 -35.05 20.77
N GLY E 71 -8.03 -34.24 21.76
CA GLY E 71 -9.38 -34.31 22.39
C GLY E 71 -9.51 -35.27 23.58
N ALA E 72 -8.47 -36.03 23.84
CA ALA E 72 -8.46 -37.01 24.90
C ALA E 72 -8.52 -36.35 26.26
N ARG E 73 -8.10 -35.08 26.36
CA ARG E 73 -8.13 -34.38 27.61
C ARG E 73 -8.73 -32.97 27.47
N GLU E 74 -9.46 -32.51 28.47
CA GLU E 74 -10.07 -31.18 28.46
C GLU E 74 -8.95 -30.12 28.52
N PHE E 75 -9.18 -28.98 27.91
CA PHE E 75 -8.23 -27.91 27.92
C PHE E 75 -7.91 -27.45 29.32
N VAL E 76 -6.62 -27.35 29.62
CA VAL E 76 -6.09 -26.69 30.84
C VAL E 76 -4.95 -25.76 30.44
N THR E 77 -4.71 -24.73 31.24
CA THR E 77 -3.69 -23.75 30.91
C THR E 77 -2.29 -24.33 30.84
N LEU E 78 -1.40 -23.64 30.14
CA LEU E 78 -0.02 -24.07 30.02
C LEU E 78 0.67 -23.99 31.38
N ASP E 79 0.34 -23.02 32.20
CA ASP E 79 0.80 -23.04 33.59
C ASP E 79 0.53 -24.40 34.23
N ILE E 80 -0.66 -24.93 34.02
CA ILE E 80 -1.04 -26.26 34.64
C ILE E 80 -0.19 -27.36 34.03
N LEU E 81 -0.12 -27.41 32.71
CA LEU E 81 0.75 -28.41 32.07
C LEU E 81 2.26 -28.31 32.50
N HIS E 82 2.76 -27.08 32.68
CA HIS E 82 4.13 -26.89 33.08
C HIS E 82 4.37 -27.49 34.46
N ARG E 83 3.48 -27.22 35.38
CA ARG E 83 3.60 -27.76 36.74
C ARG E 83 3.47 -29.27 36.77
N GLU E 84 2.60 -29.84 35.95
CA GLU E 84 2.49 -31.30 35.89
C GLU E 84 3.72 -31.91 35.29
N ASN E 85 4.20 -31.31 34.22
CA ASN E 85 5.44 -31.78 33.59
C ASN E 85 6.67 -31.64 34.46
N LEU E 86 6.68 -30.66 35.32
CA LEU E 86 7.73 -30.52 36.31
C LEU E 86 7.74 -31.78 37.19
N ASP E 87 6.59 -32.08 37.77
CA ASP E 87 6.44 -33.24 38.66
C ASP E 87 6.89 -34.51 37.95
N PHE E 88 6.55 -34.60 36.68
CA PHE E 88 6.90 -35.76 35.85
C PHE E 88 8.39 -35.81 35.74
N VAL E 89 8.99 -34.66 35.44
CA VAL E 89 10.44 -34.65 35.24
C VAL E 89 11.20 -34.80 36.60
N LEU E 90 10.63 -34.33 37.70
CA LEU E 90 11.28 -34.55 38.99
C LEU E 90 11.46 -36.05 39.22
N ARG E 91 10.35 -36.79 39.22
CA ARG E 91 10.39 -38.25 39.33
C ARG E 91 11.30 -38.91 38.33
N GLU E 92 11.16 -38.55 37.06
CA GLU E 92 11.97 -39.14 35.98
C GLU E 92 13.46 -39.01 36.34
N SER E 93 13.78 -37.94 37.07
CA SER E 93 15.16 -37.72 37.47
C SER E 93 15.56 -38.49 38.73
N GLY E 94 14.58 -38.87 39.55
CA GLY E 94 14.84 -39.53 40.84
C GLY E 94 14.43 -38.72 42.06
N ILE E 95 13.85 -37.54 41.85
CA ILE E 95 13.37 -36.71 42.93
C ILE E 95 11.88 -37.02 43.17
N ASP E 96 11.47 -37.16 44.43
CA ASP E 96 10.07 -37.45 44.71
C ASP E 96 9.34 -36.17 45.07
N PRO E 97 8.53 -35.64 44.12
CA PRO E 97 7.92 -34.34 44.28
C PRO E 97 7.14 -34.18 45.59
N THR E 98 6.59 -35.28 46.11
CA THR E 98 5.86 -35.26 47.38
C THR E 98 6.75 -34.78 48.54
N ASN E 99 8.06 -35.05 48.48
CA ASN E 99 8.99 -34.55 49.51
C ASN E 99 9.03 -33.01 49.61
N HIS E 100 8.92 -32.31 48.47
CA HIS E 100 9.10 -30.82 48.41
C HIS E 100 7.81 -30.03 48.66
N ASP E 101 7.95 -28.73 48.92
CA ASP E 101 6.78 -27.87 49.18
C ASP E 101 5.98 -27.73 47.86
N SER E 102 4.69 -27.42 47.98
CA SER E 102 3.80 -27.30 46.83
C SER E 102 4.00 -25.94 46.17
N GLY E 103 3.96 -24.88 46.98
CA GLY E 103 4.15 -23.51 46.48
C GLY E 103 5.53 -23.24 45.91
N GLU E 104 6.51 -23.94 46.44
CA GLU E 104 7.87 -23.78 46.02
C GLU E 104 8.01 -24.37 44.63
N LEU E 105 7.21 -25.41 44.37
CA LEU E 105 7.23 -26.07 43.12
C LEU E 105 6.36 -25.31 42.14
N ASP E 106 5.29 -24.70 42.63
CA ASP E 106 4.48 -23.80 41.83
C ASP E 106 5.31 -22.59 41.39
N GLU E 107 6.19 -22.09 42.25
CA GLU E 107 7.07 -20.97 41.90
C GLU E 107 8.10 -21.42 40.87
N LEU E 108 8.66 -22.62 41.06
CA LEU E 108 9.57 -23.13 40.06
C LEU E 108 8.88 -23.28 38.68
N ALA E 109 7.65 -23.81 38.68
CA ALA E 109 6.88 -24.05 37.45
C ALA E 109 6.47 -22.70 36.78
N ARG E 110 6.45 -21.62 37.56
CA ARG E 110 6.26 -20.28 37.05
C ARG E 110 7.54 -19.61 36.55
N ALA E 111 8.63 -20.33 36.43
CA ALA E 111 9.86 -19.78 35.92
C ALA E 111 9.68 -19.43 34.44
N TRP E 112 8.68 -20.04 33.80
CA TRP E 112 8.40 -19.75 32.41
C TRP E 112 7.82 -18.32 32.27
N HIS E 113 7.44 -17.71 33.37
CA HIS E 113 6.95 -16.33 33.38
C HIS E 113 8.09 -15.28 33.39
N VAL E 114 9.34 -15.71 33.59
CA VAL E 114 10.44 -14.80 33.88
C VAL E 114 11.60 -15.19 33.00
N LEU E 115 11.52 -14.83 31.73
CA LEU E 115 12.46 -15.35 30.72
C LEU E 115 13.08 -14.15 30.05
N THR E 116 14.29 -14.30 29.53
CA THR E 116 15.04 -13.14 29.08
C THR E 116 14.84 -13.07 27.57
N PRO E 117 14.40 -11.92 27.03
CA PRO E 117 14.41 -11.78 25.60
C PRO E 117 15.82 -11.88 24.97
N TRP E 118 15.88 -12.38 23.75
CA TRP E 118 17.05 -12.24 22.92
C TRP E 118 17.32 -10.74 22.75
N PRO E 119 18.59 -10.36 22.60
CA PRO E 119 19.00 -8.92 22.63
C PRO E 119 18.28 -8.03 21.61
N ASP E 120 18.00 -8.58 20.43
CA ASP E 120 17.24 -7.93 19.39
C ASP E 120 15.74 -7.82 19.63
N SER E 121 15.20 -8.55 20.61
CA SER E 121 13.74 -8.66 20.71
C SER E 121 13.04 -7.39 21.19
N VAL E 122 13.48 -6.79 22.28
CA VAL E 122 12.78 -5.56 22.72
C VAL E 122 12.98 -4.36 21.75
N PRO E 123 14.22 -4.13 21.21
CA PRO E 123 14.40 -3.11 20.17
C PRO E 123 13.53 -3.37 18.94
N GLY E 124 13.57 -4.59 18.41
CA GLY E 124 12.87 -4.94 17.19
C GLY E 124 11.41 -4.71 17.32
N LEU E 125 10.87 -5.13 18.47
CA LEU E 125 9.44 -5.09 18.71
C LEU E 125 8.91 -3.69 18.92
N THR E 126 9.70 -2.87 19.63
CA THR E 126 9.40 -1.45 19.84
C THR E 126 9.33 -0.78 18.45
N ALA E 127 10.26 -1.12 17.58
CA ALA E 127 10.19 -0.66 16.18
C ALA E 127 8.92 -1.15 15.46
N ILE E 128 8.64 -2.43 15.48
CA ILE E 128 7.49 -2.94 14.70
C ILE E 128 6.20 -2.38 15.22
N LYS E 129 6.15 -2.15 16.52
CA LYS E 129 4.93 -1.65 17.24
C LYS E 129 4.43 -0.24 16.77
N ALA E 130 5.33 0.59 16.26
CA ALA E 130 4.92 1.93 15.82
C ALA E 130 4.27 1.90 14.43
N GLU E 131 4.44 0.83 13.69
CA GLU E 131 3.72 0.62 12.42
C GLU E 131 2.61 -0.47 12.45
N TYR E 132 2.70 -1.45 13.38
CA TYR E 132 1.77 -2.58 13.39
C TYR E 132 1.21 -2.87 14.76
N ILE E 133 0.07 -3.55 14.81
CA ILE E 133 -0.37 -4.18 16.07
C ILE E 133 0.67 -5.27 16.39
N ILE E 134 1.14 -5.32 17.64
CA ILE E 134 1.96 -6.46 18.04
C ILE E 134 1.49 -7.19 19.25
N GLY E 135 1.78 -8.48 19.26
CA GLY E 135 1.34 -9.35 20.33
C GLY E 135 1.85 -10.74 20.21
N PRO E 136 1.74 -11.50 21.29
CA PRO E 136 1.98 -12.92 21.16
C PRO E 136 0.88 -13.70 20.43
N LEU E 137 1.29 -14.71 19.66
CA LEU E 137 0.39 -15.75 19.13
C LEU E 137 1.10 -17.02 19.58
N SER E 138 0.78 -17.39 20.82
CA SER E 138 1.58 -18.29 21.58
C SER E 138 0.75 -19.36 22.29
N ASN E 139 1.36 -20.49 22.66
CA ASN E 139 0.63 -21.44 23.47
C ASN E 139 0.52 -21.05 24.91
N GLY E 140 1.21 -20.00 25.29
CA GLY E 140 1.19 -19.60 26.66
C GLY E 140 -0.16 -18.99 26.98
N ASN E 141 -0.64 -19.25 28.19
CA ASN E 141 -1.85 -18.65 28.69
C ASN E 141 -1.62 -17.18 29.02
N THR E 142 -2.70 -16.41 29.21
CA THR E 142 -2.63 -14.97 29.26
C THR E 142 -1.81 -14.42 30.40
N SER E 143 -2.04 -14.96 31.61
CA SER E 143 -1.31 -14.47 32.78
C SER E 143 0.20 -14.76 32.67
N LEU E 144 0.56 -15.92 32.10
CA LEU E 144 1.94 -16.24 31.88
C LEU E 144 2.61 -15.21 30.96
N LEU E 145 2.01 -15.01 29.81
CA LEU E 145 2.57 -14.07 28.83
C LEU E 145 2.66 -12.62 29.30
N LEU E 146 1.65 -12.19 30.06
CA LEU E 146 1.63 -10.89 30.68
C LEU E 146 2.67 -10.70 31.76
N ASP E 147 2.79 -11.64 32.71
CA ASP E 147 3.93 -11.57 33.62
C ASP E 147 5.23 -11.49 32.86
N MET E 148 5.39 -12.31 31.82
CA MET E 148 6.62 -12.31 31.05
C MET E 148 6.89 -10.94 30.46
N ALA E 149 5.86 -10.30 29.91
CA ALA E 149 5.99 -9.03 29.23
C ALA E 149 6.36 -7.93 30.22
N LYS E 150 5.71 -7.96 31.40
CA LYS E 150 5.98 -6.99 32.46
C LYS E 150 7.39 -7.14 33.05
N ASN E 151 7.85 -8.36 33.26
CA ASN E 151 9.20 -8.60 33.81
C ASN E 151 10.33 -8.18 32.85
N ALA E 152 10.21 -8.57 31.56
CA ALA E 152 11.21 -8.25 30.53
C ALA E 152 10.97 -6.95 29.68
N GLY E 153 9.90 -6.23 29.96
CA GLY E 153 9.55 -5.07 29.14
C GLY E 153 9.25 -5.40 27.68
N ILE E 154 8.61 -6.56 27.42
CA ILE E 154 8.16 -6.92 26.07
C ILE E 154 6.96 -6.00 25.79
N PRO E 155 7.06 -5.13 24.75
CA PRO E 155 6.04 -4.03 24.63
C PRO E 155 4.81 -4.41 23.79
N TRP E 156 4.13 -5.49 24.15
CA TRP E 156 2.97 -5.90 23.38
C TRP E 156 1.79 -4.90 23.44
N ASP E 157 0.98 -4.80 22.37
CA ASP E 157 -0.30 -4.02 22.40
C ASP E 157 -1.48 -4.78 22.92
N VAL E 158 -1.44 -6.09 22.71
CA VAL E 158 -2.54 -6.95 23.09
C VAL E 158 -2.00 -8.36 23.38
N ILE E 159 -2.60 -9.05 24.33
CA ILE E 159 -2.20 -10.42 24.67
C ILE E 159 -3.44 -11.35 24.66
N ILE E 160 -3.52 -12.17 23.62
CA ILE E 160 -4.58 -13.17 23.52
C ILE E 160 -3.94 -14.54 23.83
N GLY E 161 -4.00 -14.92 25.09
CA GLY E 161 -3.48 -16.20 25.50
C GLY E 161 -4.25 -17.36 24.89
N SER E 162 -3.56 -18.47 24.75
CA SER E 162 -4.21 -19.72 24.36
C SER E 162 -5.48 -20.03 25.24
N ASP E 163 -5.52 -19.59 26.50
CA ASP E 163 -6.66 -19.84 27.38
C ASP E 163 -7.95 -19.06 27.06
N ILE E 164 -7.81 -17.93 26.35
CA ILE E 164 -8.91 -17.15 25.83
C ILE E 164 -9.60 -17.92 24.67
N ASN E 165 -8.80 -18.53 23.80
CA ASN E 165 -9.32 -19.27 22.63
C ASN E 165 -9.67 -20.71 23.03
N ARG E 166 -9.01 -21.23 24.05
CA ARG E 166 -9.17 -22.60 24.52
C ARG E 166 -8.74 -23.55 23.38
N LYS E 167 -7.69 -23.13 22.67
CA LYS E 167 -7.05 -23.93 21.63
C LYS E 167 -5.57 -23.77 21.74
N TYR E 168 -4.83 -24.79 21.36
CA TYR E 168 -3.39 -24.68 21.26
C TYR E 168 -3.05 -24.77 19.78
N LYS E 169 -1.88 -24.19 19.45
CA LYS E 169 -1.23 -24.36 18.17
C LYS E 169 -0.71 -25.78 18.09
N PRO E 170 -0.70 -26.41 16.88
CA PRO E 170 -1.02 -25.83 15.58
C PRO E 170 -2.49 -25.88 15.14
N ASP E 171 -3.44 -25.96 16.06
CA ASP E 171 -4.84 -26.11 15.67
C ASP E 171 -5.27 -24.84 14.90
N PRO E 172 -5.81 -25.02 13.69
CA PRO E 172 -6.18 -23.88 12.86
C PRO E 172 -6.93 -22.87 13.69
N GLN E 173 -7.73 -23.31 14.64
CA GLN E 173 -8.51 -22.36 15.41
C GLN E 173 -7.72 -21.46 16.34
N ALA E 174 -6.51 -21.83 16.77
CA ALA E 174 -5.72 -20.90 17.60
C ALA E 174 -5.42 -19.60 16.81
N TYR E 175 -5.00 -19.77 15.57
CA TYR E 175 -4.64 -18.65 14.69
C TYR E 175 -5.94 -17.88 14.37
N LEU E 176 -7.00 -18.61 14.04
CA LEU E 176 -8.27 -17.97 13.63
C LEU E 176 -9.04 -17.29 14.69
N ARG E 177 -9.16 -17.86 15.88
CA ARG E 177 -9.79 -17.11 16.96
C ARG E 177 -9.02 -15.89 17.38
N THR E 178 -7.71 -15.91 17.22
CA THR E 178 -6.94 -14.74 17.56
C THR E 178 -7.24 -13.62 16.56
N ALA E 179 -7.13 -13.90 15.24
CA ALA E 179 -7.42 -12.85 14.19
C ALA E 179 -8.82 -12.26 14.42
N GLN E 180 -9.78 -13.13 14.71
CA GLN E 180 -11.15 -12.69 14.91
C GLN E 180 -11.36 -11.78 16.13
N VAL E 181 -10.90 -12.16 17.32
CA VAL E 181 -11.09 -11.29 18.46
C VAL E 181 -10.34 -9.92 18.30
N LEU E 182 -9.28 -9.88 17.51
CA LEU E 182 -8.56 -8.65 17.16
C LEU E 182 -9.27 -7.81 16.07
N GLY E 183 -10.28 -8.40 15.43
CA GLY E 183 -11.10 -7.73 14.42
C GLY E 183 -10.39 -7.64 13.10
N LEU E 184 -9.60 -8.67 12.83
CA LEU E 184 -8.73 -8.73 11.71
C LEU E 184 -9.04 -9.98 10.89
N HIS E 185 -8.81 -9.87 9.60
CA HIS E 185 -8.94 -10.96 8.65
C HIS E 185 -7.59 -11.64 8.77
N PRO E 186 -7.56 -12.96 8.74
CA PRO E 186 -6.33 -13.69 8.88
C PRO E 186 -5.24 -13.29 7.89
N GLY E 187 -5.60 -12.87 6.68
CA GLY E 187 -4.59 -12.47 5.72
C GLY E 187 -3.89 -11.20 6.15
N GLU E 188 -4.51 -10.44 7.06
CA GLU E 188 -3.89 -9.20 7.53
C GLU E 188 -2.99 -9.45 8.79
N VAL E 189 -2.88 -10.72 9.24
CA VAL E 189 -2.12 -11.13 10.43
C VAL E 189 -0.91 -11.92 9.98
N MET E 190 0.24 -11.50 10.42
CA MET E 190 1.45 -12.17 10.11
C MET E 190 1.91 -12.86 11.41
N LEU E 191 2.16 -14.17 11.33
CA LEU E 191 2.73 -14.89 12.43
C LEU E 191 4.22 -14.83 12.20
N ALA E 192 4.91 -14.24 13.16
CA ALA E 192 6.39 -14.29 13.19
C ALA E 192 6.82 -15.41 14.10
N ALA E 193 7.67 -16.32 13.65
CA ALA E 193 8.03 -17.49 14.47
C ALA E 193 9.39 -18.07 14.07
N ALA E 194 10.08 -18.71 15.00
CA ALA E 194 11.40 -19.35 14.71
C ALA E 194 11.32 -20.78 14.21
N HIS E 195 10.11 -21.28 14.05
CA HIS E 195 9.82 -22.69 13.85
C HIS E 195 9.00 -22.79 12.60
N ASN E 196 9.49 -23.59 11.65
CA ASN E 196 8.85 -23.81 10.36
C ASN E 196 7.41 -24.45 10.42
N GLY E 197 7.26 -25.46 11.27
CA GLY E 197 5.97 -26.13 11.60
C GLY E 197 4.81 -25.17 11.94
N ASP E 198 5.03 -24.26 12.88
CA ASP E 198 4.05 -23.23 13.27
C ASP E 198 3.69 -22.34 12.05
N LEU E 199 4.67 -22.03 11.20
CA LEU E 199 4.46 -21.16 9.99
C LEU E 199 3.72 -21.90 8.89
N GLU E 200 4.02 -23.19 8.76
CA GLU E 200 3.22 -24.02 7.90
C GLU E 200 1.77 -23.94 8.27
N ALA E 201 1.46 -24.12 9.58
CA ALA E 201 0.08 -24.21 10.00
C ALA E 201 -0.61 -22.86 9.88
N ALA E 202 0.15 -21.77 10.06
CA ALA E 202 -0.42 -20.43 10.02
C ALA E 202 -0.75 -20.16 8.56
N HIS E 203 0.20 -20.47 7.66
CA HIS E 203 -0.01 -20.33 6.23
C HIS E 203 -1.28 -21.04 5.74
N ALA E 204 -1.51 -22.29 6.17
CA ALA E 204 -2.65 -23.09 5.62
C ALA E 204 -3.94 -22.44 6.09
N THR E 205 -3.84 -21.73 7.20
CA THR E 205 -5.03 -21.12 7.80
C THR E 205 -5.32 -19.77 7.17
N GLY E 206 -4.38 -19.23 6.41
CA GLY E 206 -4.62 -17.93 5.73
C GLY E 206 -3.83 -16.71 6.18
N LEU E 207 -2.88 -16.92 7.07
CA LEU E 207 -2.06 -15.84 7.63
C LEU E 207 -0.79 -15.60 6.83
N ALA E 208 -0.23 -14.41 7.02
CA ALA E 208 1.06 -14.07 6.51
C ALA E 208 2.07 -14.70 7.46
N THR E 209 3.30 -14.86 6.98
CA THR E 209 4.32 -15.57 7.74
C THR E 209 5.71 -14.85 7.75
N ALA E 210 6.40 -14.91 8.89
CA ALA E 210 7.85 -14.55 8.93
C ALA E 210 8.58 -15.56 9.74
N PHE E 211 9.67 -16.09 9.21
CA PHE E 211 10.60 -16.90 9.97
C PHE E 211 11.66 -16.00 10.62
N ILE E 212 12.06 -16.34 11.85
CA ILE E 212 13.14 -15.70 12.55
C ILE E 212 14.11 -16.78 12.97
N LEU E 213 15.30 -16.77 12.35
CA LEU E 213 16.32 -17.70 12.68
C LEU E 213 16.74 -17.51 14.11
N ARG E 214 16.52 -18.55 14.93
CA ARG E 214 16.97 -18.65 16.30
C ARG E 214 17.84 -19.91 16.46
N PRO E 215 19.11 -19.84 16.04
CA PRO E 215 19.94 -21.03 15.94
C PRO E 215 20.45 -21.67 17.26
N VAL E 216 20.41 -20.93 18.37
CA VAL E 216 20.91 -21.46 19.66
C VAL E 216 19.76 -21.50 20.69
N GLU E 217 18.52 -21.59 20.21
CA GLU E 217 17.38 -21.83 21.11
C GLU E 217 17.61 -23.06 21.97
N HIS E 218 18.13 -24.09 21.35
CA HIS E 218 18.36 -25.34 22.04
C HIS E 218 19.83 -25.51 22.35
N GLY E 219 20.56 -24.40 22.39
CA GLY E 219 21.99 -24.44 22.55
C GLY E 219 22.71 -24.85 21.30
N PRO E 220 24.04 -25.01 21.43
CA PRO E 220 24.90 -25.15 20.25
C PRO E 220 24.72 -26.44 19.43
N HIS E 221 24.06 -27.47 19.98
CA HIS E 221 23.88 -28.70 19.19
C HIS E 221 22.44 -28.82 18.67
N GLN E 222 21.79 -27.66 18.48
CA GLN E 222 20.47 -27.61 17.86
C GLN E 222 20.46 -28.09 16.41
N THR E 223 19.52 -28.98 16.10
CA THR E 223 19.40 -29.56 14.76
C THR E 223 18.24 -29.05 13.93
N ASP E 224 17.17 -28.54 14.57
CA ASP E 224 15.96 -28.14 13.85
C ASP E 224 15.87 -26.62 13.63
N ASP E 225 15.11 -26.19 12.62
CA ASP E 225 14.83 -24.78 12.37
C ASP E 225 16.07 -23.86 12.27
N LEU E 226 17.10 -24.37 11.62
CA LEU E 226 18.32 -23.65 11.30
C LEU E 226 18.22 -22.95 9.93
N ALA E 227 17.23 -23.29 9.12
CA ALA E 227 16.89 -22.49 7.95
C ALA E 227 15.37 -22.58 7.71
N PRO E 228 14.79 -21.57 7.02
CA PRO E 228 13.40 -21.64 6.57
C PRO E 228 13.25 -22.77 5.53
N THR E 229 12.17 -23.54 5.61
CA THR E 229 11.93 -24.65 4.70
C THR E 229 10.60 -24.49 3.97
N GLY E 230 9.97 -23.34 4.12
CA GLY E 230 8.79 -22.96 3.35
C GLY E 230 9.02 -21.59 2.74
N SER E 231 8.16 -21.23 1.78
CA SER E 231 8.20 -19.95 1.07
C SER E 231 7.48 -18.87 1.87
N TRP E 232 8.02 -18.52 3.03
CA TRP E 232 7.36 -17.56 3.92
C TRP E 232 7.53 -16.14 3.41
N ASP E 233 6.66 -15.24 3.82
CA ASP E 233 6.74 -13.88 3.31
C ASP E 233 8.07 -13.18 3.65
N ILE E 234 8.54 -13.33 4.89
CA ILE E 234 9.86 -12.83 5.31
C ILE E 234 10.71 -13.92 5.91
N SER E 235 11.98 -13.95 5.54
CA SER E 235 12.99 -14.70 6.26
C SER E 235 14.06 -13.76 6.88
N ALA E 236 14.15 -13.77 8.23
CA ALA E 236 14.88 -12.74 8.98
C ALA E 236 15.90 -13.39 9.85
N THR E 237 16.91 -12.62 10.24
CA THR E 237 17.97 -13.16 11.10
C THR E 237 17.66 -12.94 12.55
N ASP E 238 16.73 -12.03 12.79
CA ASP E 238 16.40 -11.58 14.14
C ASP E 238 15.28 -10.58 13.95
N ILE E 239 14.79 -9.98 15.02
CA ILE E 239 13.55 -9.25 14.94
C ILE E 239 13.77 -7.81 14.45
N THR E 240 15.02 -7.32 14.58
CA THR E 240 15.41 -5.98 14.04
C THR E 240 15.46 -6.10 12.56
N ASP E 241 16.06 -7.19 12.05
CA ASP E 241 16.00 -7.51 10.62
C ASP E 241 14.52 -7.59 10.12
N LEU E 242 13.64 -8.16 10.94
CA LEU E 242 12.23 -8.29 10.55
C LEU E 242 11.59 -6.92 10.40
N ALA E 243 11.83 -6.04 11.37
CA ALA E 243 11.29 -4.68 11.34
C ALA E 243 11.71 -3.90 10.08
N ALA E 244 12.94 -4.14 9.63
CA ALA E 244 13.52 -3.46 8.48
C ALA E 244 12.98 -4.00 7.19
N GLN E 245 12.70 -5.31 7.14
CA GLN E 245 12.19 -5.90 5.91
C GLN E 245 10.72 -5.59 5.81
N LEU E 246 10.05 -5.38 6.94
CA LEU E 246 8.64 -5.00 6.93
C LEU E 246 8.45 -3.60 6.34
N ARG E 247 9.41 -2.72 6.64
CA ARG E 247 9.46 -1.35 6.11
C ARG E 247 9.80 -1.25 4.64
N ALA E 248 10.83 -1.99 4.23
CA ALA E 248 11.49 -1.87 2.94
C ALA E 248 10.92 -2.86 1.94
N GLY E 249 10.84 -4.12 2.37
CA GLY E 249 10.54 -5.28 1.50
C GLY E 249 11.38 -6.49 1.92
N SER E 250 11.01 -7.67 1.43
CA SER E 250 11.73 -8.92 1.73
C SER E 250 13.17 -8.95 1.14
N THR E 251 14.13 -9.18 2.03
CA THR E 251 15.57 -9.20 1.71
C THR E 251 16.09 -10.62 1.50
N VAL F 4 7.10 0.02 46.30
CA VAL F 4 6.16 -0.41 47.38
C VAL F 4 4.75 -0.28 46.82
N PRO F 5 4.09 -1.41 46.53
CA PRO F 5 2.81 -1.26 45.80
C PRO F 5 1.70 -0.79 46.69
N PHE F 6 0.78 -0.02 46.13
CA PHE F 6 -0.34 0.50 46.88
C PHE F 6 -1.16 -0.64 47.45
N ARG F 7 -1.49 -0.51 48.74
CA ARG F 7 -2.34 -1.48 49.43
C ARG F 7 -3.75 -0.95 49.50
N SER F 8 -4.69 -1.68 48.92
CA SER F 8 -6.10 -1.27 48.99
C SER F 8 -6.61 -1.38 50.43
N PRO F 9 -7.09 -0.28 51.02
CA PRO F 9 -7.66 -0.46 52.36
C PRO F 9 -9.02 -1.14 52.33
N SER F 10 -9.74 -1.04 51.22
CA SER F 10 -10.95 -1.81 51.07
C SER F 10 -10.80 -3.30 50.81
N THR F 11 -9.70 -3.76 50.18
CA THR F 11 -9.61 -5.20 49.86
C THR F 11 -8.59 -5.82 50.74
N GLY F 12 -7.70 -4.99 51.26
CA GLY F 12 -6.63 -5.44 52.11
C GLY F 12 -5.47 -5.97 51.31
N ARG F 13 -5.49 -5.83 49.98
CA ARG F 13 -4.44 -6.43 49.20
C ARG F 13 -3.58 -5.41 48.47
N ASN F 14 -2.37 -5.79 48.12
CA ASN F 14 -1.55 -4.95 47.28
C ASN F 14 -2.11 -5.00 45.82
N VAL F 15 -2.43 -3.84 45.27
CA VAL F 15 -2.89 -3.74 43.87
C VAL F 15 -1.81 -4.22 42.91
N ARG F 16 -2.18 -5.18 42.05
CA ARG F 16 -1.29 -5.62 40.96
C ARG F 16 -1.68 -5.11 39.61
N ALA F 17 -2.97 -4.78 39.41
CA ALA F 17 -3.45 -4.28 38.12
C ALA F 17 -4.33 -3.12 38.37
N VAL F 18 -4.17 -2.06 37.60
CA VAL F 18 -5.10 -0.91 37.64
C VAL F 18 -5.76 -0.90 36.26
N LEU F 19 -7.01 -1.29 36.20
CA LEU F 19 -7.67 -1.47 34.91
C LEU F 19 -8.70 -0.36 34.83
N PHE F 20 -8.89 0.20 33.66
CA PHE F 20 -9.68 1.44 33.50
C PHE F 20 -10.98 1.30 32.75
N ASP F 21 -12.03 1.93 33.27
CA ASP F 21 -13.17 2.29 32.43
C ASP F 21 -12.58 3.20 31.38
N THR F 22 -13.08 3.12 30.16
CA THR F 22 -12.44 3.77 29.08
C THR F 22 -13.20 4.97 28.50
N PHE F 23 -14.45 4.77 28.05
CA PHE F 23 -15.22 5.86 27.41
C PHE F 23 -15.50 6.81 28.55
N GLY F 24 -14.96 8.02 28.41
CA GLY F 24 -15.22 9.05 29.41
C GLY F 24 -14.17 9.16 30.48
N THR F 25 -13.76 8.01 31.02
CA THR F 25 -12.74 7.96 32.05
C THR F 25 -11.41 8.26 31.43
N VAL F 26 -11.13 7.67 30.28
CA VAL F 26 -9.82 7.82 29.70
C VAL F 26 -9.91 8.71 28.46
N VAL F 27 -10.98 8.55 27.69
CA VAL F 27 -11.16 9.27 26.43
C VAL F 27 -12.35 10.22 26.48
N ASP F 28 -12.20 11.35 25.80
CA ASP F 28 -13.29 12.31 25.64
C ASP F 28 -14.14 11.84 24.46
N TRP F 29 -15.12 11.02 24.69
CA TRP F 29 -15.89 10.50 23.56
C TRP F 29 -16.63 11.67 22.84
N ARG F 30 -17.30 12.53 23.59
CA ARG F 30 -18.18 13.55 23.00
C ARG F 30 -17.51 14.47 21.95
N THR F 31 -16.34 14.99 22.25
CA THR F 31 -15.63 15.89 21.34
C THR F 31 -15.17 15.20 20.03
N GLY F 32 -14.76 13.92 20.13
CA GLY F 32 -14.30 13.11 18.95
C GLY F 32 -15.42 12.65 18.02
N ILE F 33 -16.54 12.29 18.63
CA ILE F 33 -17.73 11.92 17.89
C ILE F 33 -18.30 13.12 17.10
N ALA F 34 -18.50 14.22 17.81
CA ALA F 34 -18.90 15.49 17.22
C ALA F 34 -18.01 15.86 16.04
N THR F 35 -16.69 15.74 16.18
CA THR F 35 -15.80 16.07 15.06
C THR F 35 -16.05 15.12 13.87
N ALA F 36 -16.27 13.84 14.20
CA ALA F 36 -16.63 12.79 13.26
C ALA F 36 -17.94 13.10 12.56
N VAL F 37 -18.97 13.45 13.31
CA VAL F 37 -20.27 13.82 12.69
C VAL F 37 -20.11 15.08 11.79
N ALA F 38 -19.38 16.05 12.33
CA ALA F 38 -19.08 17.29 11.63
C ALA F 38 -18.38 17.06 10.29
N ASP F 39 -17.29 16.27 10.28
CA ASP F 39 -16.61 16.03 9.00
C ASP F 39 -17.62 15.36 8.06
N TYR F 40 -18.42 14.41 8.57
CA TYR F 40 -19.48 13.74 7.78
C TYR F 40 -20.61 14.64 7.22
N ALA F 41 -21.30 15.38 8.11
CA ALA F 41 -22.41 16.25 7.71
C ALA F 41 -21.98 17.35 6.73
N ALA F 42 -20.74 17.85 6.89
CA ALA F 42 -20.15 18.85 5.96
C ALA F 42 -20.00 18.30 4.55
N ARG F 43 -19.72 16.99 4.47
CA ARG F 43 -19.53 16.31 3.19
C ARG F 43 -20.86 15.82 2.56
N HIS F 44 -21.81 15.34 3.36
CA HIS F 44 -23.13 14.92 2.84
C HIS F 44 -24.21 16.00 3.03
N GLN F 45 -23.75 17.26 2.95
CA GLN F 45 -24.55 18.50 3.05
C GLN F 45 -25.73 18.36 4.03
N LEU F 46 -25.44 17.78 5.19
CA LEU F 46 -26.44 17.57 6.22
C LEU F 46 -26.61 18.83 7.04
N GLU F 47 -27.68 18.82 7.86
CA GLU F 47 -28.07 20.01 8.67
C GLU F 47 -27.59 19.92 10.12
N VAL F 48 -27.47 18.66 10.56
CA VAL F 48 -27.25 18.27 11.97
C VAL F 48 -26.24 19.09 12.75
N ASP F 49 -26.62 19.39 13.99
CA ASP F 49 -25.70 19.94 14.97
C ASP F 49 -24.92 18.74 15.49
N ALA F 50 -23.63 18.70 15.16
CA ALA F 50 -22.79 17.53 15.47
C ALA F 50 -22.88 17.11 16.97
N VAL F 51 -22.86 18.09 17.88
CA VAL F 51 -22.93 17.85 19.33
C VAL F 51 -24.30 17.36 19.83
N ALA F 52 -25.38 17.97 19.32
CA ALA F 52 -26.75 17.50 19.63
C ALA F 52 -26.83 16.04 19.18
N PHE F 53 -26.24 15.78 18.01
CA PHE F 53 -26.22 14.46 17.45
C PHE F 53 -25.48 13.54 18.40
N ALA F 54 -24.22 13.90 18.67
CA ALA F 54 -23.33 13.02 19.44
C ALA F 54 -24.02 12.65 20.74
N ASP F 55 -24.71 13.61 21.34
CA ASP F 55 -25.44 13.42 22.58
C ASP F 55 -26.55 12.41 22.45
N ARG F 56 -27.29 12.54 21.35
CA ARG F 56 -28.40 11.64 21.06
C ARG F 56 -27.87 10.25 20.78
N TRP F 57 -26.75 10.17 20.08
CA TRP F 57 -26.09 8.88 19.82
C TRP F 57 -25.70 8.17 21.14
N ARG F 58 -25.12 8.88 22.10
CA ARG F 58 -24.74 8.29 23.42
C ARG F 58 -25.94 7.90 24.25
N ALA F 59 -27.03 8.62 24.09
CA ALA F 59 -28.25 8.36 24.86
C ALA F 59 -28.76 6.93 24.53
N ARG F 60 -28.42 6.50 23.32
CA ARG F 60 -28.78 5.17 22.85
C ARG F 60 -27.91 4.06 23.40
N TYR F 61 -26.66 4.36 23.72
CA TYR F 61 -25.74 3.39 24.34
C TYR F 61 -26.40 2.43 25.34
N GLN F 62 -26.87 2.92 26.48
CA GLN F 62 -27.31 2.01 27.56
C GLN F 62 -28.54 1.13 27.28
N PRO F 63 -29.63 1.72 26.72
CA PRO F 63 -30.77 0.86 26.35
C PRO F 63 -30.29 -0.36 25.55
N SER F 64 -29.59 -0.07 24.46
CA SER F 64 -29.09 -1.08 23.55
C SER F 64 -28.37 -2.18 24.32
N MET F 65 -27.66 -1.81 25.38
CA MET F 65 -26.98 -2.80 26.24
C MET F 65 -27.88 -3.47 27.23
N ASP F 66 -28.94 -2.78 27.65
CA ASP F 66 -29.84 -3.33 28.67
C ASP F 66 -30.56 -4.57 28.20
N ALA F 67 -30.97 -4.53 26.93
CA ALA F 67 -31.52 -5.69 26.21
C ALA F 67 -30.65 -6.89 26.50
N ILE F 68 -29.33 -6.76 26.26
CA ILE F 68 -28.37 -7.82 26.55
C ILE F 68 -28.16 -8.15 28.03
N LEU F 69 -28.12 -7.13 28.89
CA LEU F 69 -27.92 -7.34 30.35
C LEU F 69 -29.07 -8.12 30.99
N SER F 70 -30.31 -7.79 30.58
CA SER F 70 -31.51 -8.45 31.10
C SER F 70 -31.62 -9.94 30.77
N GLY F 71 -31.03 -10.35 29.64
CA GLY F 71 -30.97 -11.76 29.22
C GLY F 71 -32.02 -12.06 28.16
N ALA F 72 -31.99 -11.27 27.08
CA ALA F 72 -33.14 -11.06 26.18
C ALA F 72 -32.74 -10.93 24.69
N ARG F 73 -31.63 -10.21 24.47
CA ARG F 73 -30.89 -10.27 23.21
C ARG F 73 -29.59 -10.97 23.60
N GLU F 74 -29.14 -11.91 22.79
CA GLU F 74 -27.86 -12.57 23.04
C GLU F 74 -26.72 -11.56 22.88
N PHE F 75 -25.51 -11.98 23.21
CA PHE F 75 -24.38 -11.08 23.11
C PHE F 75 -24.01 -10.70 21.67
N VAL F 76 -23.78 -9.41 21.47
CA VAL F 76 -23.07 -8.93 20.32
C VAL F 76 -22.12 -7.86 20.80
N THR F 77 -21.14 -7.55 19.96
CA THR F 77 -20.10 -6.61 20.29
C THR F 77 -20.63 -5.19 20.24
N LEU F 78 -19.91 -4.29 20.87
CA LEU F 78 -20.32 -2.93 20.97
C LEU F 78 -20.23 -2.22 19.64
N ASP F 79 -19.26 -2.61 18.82
CA ASP F 79 -19.23 -2.20 17.40
C ASP F 79 -20.59 -2.46 16.72
N ILE F 80 -21.25 -3.58 17.02
CA ILE F 80 -22.57 -3.84 16.44
C ILE F 80 -23.57 -2.83 17.03
N LEU F 81 -23.69 -2.80 18.34
CA LEU F 81 -24.58 -1.85 18.98
C LEU F 81 -24.39 -0.46 18.39
N HIS F 82 -23.18 0.07 18.39
CA HIS F 82 -23.02 1.43 17.83
C HIS F 82 -23.52 1.68 16.40
N ARG F 83 -23.48 0.65 15.55
CA ARG F 83 -23.91 0.77 14.13
C ARG F 83 -25.40 0.93 14.08
N GLU F 84 -26.06 0.19 14.95
CA GLU F 84 -27.50 0.24 15.09
C GLU F 84 -27.96 1.60 15.51
N ASN F 85 -27.40 2.08 16.62
CA ASN F 85 -27.74 3.36 17.18
C ASN F 85 -27.42 4.49 16.19
N LEU F 86 -26.45 4.30 15.29
CA LEU F 86 -26.17 5.30 14.26
C LEU F 86 -27.38 5.50 13.35
N ASP F 87 -28.12 4.40 13.11
CA ASP F 87 -29.34 4.40 12.26
C ASP F 87 -30.47 5.08 13.04
N PHE F 88 -30.61 4.68 14.30
CA PHE F 88 -31.64 5.19 15.20
C PHE F 88 -31.57 6.74 15.24
N VAL F 89 -30.38 7.28 15.51
CA VAL F 89 -30.23 8.76 15.56
C VAL F 89 -30.43 9.39 14.19
N LEU F 90 -30.06 8.68 13.13
CA LEU F 90 -30.28 9.20 11.76
C LEU F 90 -31.77 9.36 11.43
N ARG F 91 -32.56 8.39 11.87
CA ARG F 91 -33.98 8.35 11.56
C ARG F 91 -34.75 9.27 12.55
N GLU F 92 -34.37 9.21 13.83
CA GLU F 92 -34.93 10.12 14.85
C GLU F 92 -34.24 11.47 14.72
N SER F 93 -34.54 12.15 13.62
CA SER F 93 -33.66 13.21 13.05
C SER F 93 -33.97 13.47 11.56
N GLY F 94 -34.72 12.56 10.92
CA GLY F 94 -35.30 12.81 9.60
C GLY F 94 -34.35 12.55 8.46
N ILE F 95 -33.32 11.73 8.71
CA ILE F 95 -32.42 11.26 7.65
C ILE F 95 -32.68 9.76 7.41
N ASP F 96 -32.66 9.42 6.12
CA ASP F 96 -32.93 8.06 5.67
C ASP F 96 -31.61 7.34 5.46
N PRO F 97 -31.30 6.37 6.35
CA PRO F 97 -30.09 5.56 6.14
C PRO F 97 -29.90 5.07 4.68
N THR F 98 -31.02 4.77 4.00
CA THR F 98 -31.03 4.26 2.63
C THR F 98 -30.55 5.28 1.58
N ASN F 99 -30.80 6.56 1.81
CA ASN F 99 -30.18 7.60 1.00
C ASN F 99 -28.64 7.64 1.16
N HIS F 100 -28.10 6.87 2.11
CA HIS F 100 -26.65 6.86 2.43
C HIS F 100 -25.88 5.52 2.26
N ASP F 101 -24.64 5.69 1.83
CA ASP F 101 -23.69 4.61 1.64
C ASP F 101 -23.41 3.86 2.96
N SER F 102 -23.86 2.61 3.04
CA SER F 102 -23.75 1.86 4.30
C SER F 102 -22.29 1.59 4.74
N GLY F 103 -21.35 1.69 3.79
CA GLY F 103 -19.91 1.62 4.10
C GLY F 103 -19.34 2.92 4.66
N GLU F 104 -19.90 4.05 4.25
CA GLU F 104 -19.53 5.34 4.84
C GLU F 104 -20.17 5.50 6.22
N LEU F 105 -21.26 4.78 6.47
CA LEU F 105 -21.89 4.77 7.79
C LEU F 105 -21.22 3.79 8.76
N ASP F 106 -20.84 2.62 8.27
CA ASP F 106 -20.12 1.63 9.09
C ASP F 106 -18.92 2.34 9.66
N GLU F 107 -18.26 3.12 8.79
CA GLU F 107 -17.02 3.77 9.12
C GLU F 107 -17.28 4.88 10.12
N LEU F 108 -18.43 5.53 9.98
CA LEU F 108 -18.82 6.54 10.97
C LEU F 108 -19.17 5.86 12.32
N ALA F 109 -19.83 4.71 12.34
CA ALA F 109 -20.03 4.01 13.63
C ALA F 109 -18.67 3.67 14.31
N ARG F 110 -17.66 3.42 13.51
CA ARG F 110 -16.31 3.17 14.03
C ARG F 110 -15.52 4.43 14.48
N ALA F 111 -16.19 5.59 14.51
CA ALA F 111 -15.63 6.81 15.09
C ALA F 111 -15.25 6.59 16.58
N TRP F 112 -16.00 5.72 17.24
CA TRP F 112 -15.71 5.34 18.61
C TRP F 112 -14.41 4.56 18.83
N HIS F 113 -13.74 4.18 17.74
CA HIS F 113 -12.42 3.55 17.78
C HIS F 113 -11.34 4.58 17.75
N VAL F 114 -11.69 5.82 17.43
CA VAL F 114 -10.70 6.82 17.19
C VAL F 114 -10.69 7.94 18.29
N LEU F 115 -11.24 7.71 19.48
CA LEU F 115 -11.38 8.80 20.46
C LEU F 115 -10.04 9.36 21.00
N THR F 116 -10.07 10.66 21.33
CA THR F 116 -8.89 11.37 21.77
C THR F 116 -8.90 11.25 23.29
N PRO F 117 -7.74 10.95 23.89
CA PRO F 117 -7.62 10.89 25.34
C PRO F 117 -7.58 12.27 25.99
N TRP F 118 -8.17 12.39 27.17
CA TRP F 118 -7.94 13.54 28.05
C TRP F 118 -6.44 13.83 28.17
N PRO F 119 -6.06 15.12 28.32
CA PRO F 119 -4.62 15.45 28.30
C PRO F 119 -3.72 14.67 29.31
N ASP F 120 -4.28 14.34 30.46
CA ASP F 120 -3.58 13.65 31.55
C ASP F 120 -3.52 12.12 31.39
N SER F 121 -4.24 11.60 30.39
CA SER F 121 -4.56 10.19 30.39
C SER F 121 -3.30 9.42 30.10
N VAL F 122 -2.66 9.76 29.02
CA VAL F 122 -1.52 9.01 28.57
C VAL F 122 -0.31 9.20 29.46
N PRO F 123 -0.05 10.45 29.84
CA PRO F 123 0.99 10.68 30.82
C PRO F 123 0.82 9.83 32.09
N GLY F 124 -0.40 9.82 32.66
CA GLY F 124 -0.67 9.10 33.90
C GLY F 124 -0.54 7.61 33.71
N LEU F 125 -1.16 7.09 32.66
CA LEU F 125 -1.07 5.67 32.36
C LEU F 125 0.36 5.23 32.22
N THR F 126 1.16 6.05 31.55
CA THR F 126 2.56 5.72 31.30
C THR F 126 3.30 5.54 32.60
N ALA F 127 2.99 6.39 33.61
CA ALA F 127 3.61 6.32 34.92
C ALA F 127 3.18 5.08 35.74
N ILE F 128 1.90 4.74 35.66
CA ILE F 128 1.31 3.61 36.36
C ILE F 128 1.81 2.34 35.74
N LYS F 129 1.92 2.32 34.43
CA LYS F 129 2.40 1.14 33.70
C LYS F 129 3.77 0.74 34.26
N ALA F 130 4.58 1.72 34.66
CA ALA F 130 5.93 1.42 35.16
C ALA F 130 5.91 0.51 36.39
N GLU F 131 4.81 0.45 37.12
CA GLU F 131 4.74 -0.30 38.39
C GLU F 131 3.56 -1.24 38.50
N TYR F 132 2.58 -1.06 37.63
CA TYR F 132 1.39 -1.89 37.68
C TYR F 132 1.13 -2.48 36.29
N ILE F 133 0.34 -3.55 36.25
CA ILE F 133 -0.39 -3.92 35.05
C ILE F 133 -1.50 -2.90 34.73
N ILE F 134 -1.56 -2.44 33.48
CA ILE F 134 -2.62 -1.57 33.05
C ILE F 134 -3.33 -2.10 31.77
N GLY F 135 -4.60 -1.68 31.62
CA GLY F 135 -5.48 -2.22 30.63
C GLY F 135 -6.90 -1.72 30.90
N PRO F 136 -7.78 -1.77 29.90
CA PRO F 136 -9.18 -1.44 30.13
C PRO F 136 -9.96 -2.51 30.93
N LEU F 137 -10.95 -2.04 31.65
CA LEU F 137 -12.06 -2.86 32.10
C LEU F 137 -13.27 -2.08 31.57
N SER F 138 -13.61 -2.35 30.33
CA SER F 138 -14.53 -1.56 29.54
C SER F 138 -15.56 -2.44 28.83
N ASN F 139 -16.72 -1.83 28.51
CA ASN F 139 -17.74 -2.48 27.68
C ASN F 139 -17.29 -2.52 26.23
N GLY F 140 -16.24 -1.83 25.87
CA GLY F 140 -15.64 -1.93 24.56
C GLY F 140 -15.18 -3.34 24.26
N ASN F 141 -15.19 -3.67 22.97
CA ASN F 141 -14.81 -5.01 22.54
C ASN F 141 -13.36 -4.90 22.19
N THR F 142 -12.70 -6.06 22.21
CA THR F 142 -11.24 -6.10 22.11
C THR F 142 -10.72 -5.31 20.96
N SER F 143 -11.29 -5.49 19.76
CA SER F 143 -10.75 -4.82 18.56
C SER F 143 -10.90 -3.34 18.58
N LEU F 144 -11.99 -2.88 19.16
CA LEU F 144 -12.28 -1.45 19.25
C LEU F 144 -11.32 -0.76 20.23
N LEU F 145 -11.20 -1.30 21.44
CA LEU F 145 -10.27 -0.80 22.47
C LEU F 145 -8.87 -0.82 21.95
N LEU F 146 -8.54 -1.89 21.23
CA LEU F 146 -7.22 -1.98 20.60
C LEU F 146 -7.05 -0.93 19.50
N ASP F 147 -8.01 -0.78 18.58
CA ASP F 147 -7.88 0.28 17.55
C ASP F 147 -7.66 1.68 18.18
N MET F 148 -8.41 1.94 19.24
CA MET F 148 -8.27 3.15 20.02
C MET F 148 -6.85 3.34 20.52
N ALA F 149 -6.22 2.29 21.10
CA ALA F 149 -4.91 2.44 21.76
C ALA F 149 -3.85 2.70 20.74
N LYS F 150 -3.95 2.04 19.60
CA LYS F 150 -2.98 2.30 18.52
C LYS F 150 -3.12 3.72 17.96
N ASN F 151 -4.34 4.20 17.79
CA ASN F 151 -4.55 5.56 17.22
C ASN F 151 -4.09 6.63 18.19
N ALA F 152 -4.40 6.47 19.48
CA ALA F 152 -4.09 7.51 20.48
C ALA F 152 -2.78 7.32 21.22
N GLY F 153 -2.14 6.17 21.10
CA GLY F 153 -0.89 5.90 21.83
C GLY F 153 -1.15 5.60 23.28
N ILE F 154 -2.28 4.94 23.57
CA ILE F 154 -2.66 4.57 24.90
C ILE F 154 -1.91 3.32 25.29
N PRO F 155 -1.08 3.40 26.34
CA PRO F 155 -0.05 2.35 26.44
C PRO F 155 -0.45 1.06 27.18
N TRP F 156 -1.57 0.40 26.83
CA TRP F 156 -2.06 -0.77 27.64
C TRP F 156 -1.08 -1.94 27.64
N ASP F 157 -1.09 -2.73 28.72
CA ASP F 157 -0.33 -3.98 28.79
C ASP F 157 -1.16 -5.17 28.27
N VAL F 158 -2.43 -5.12 28.54
CA VAL F 158 -3.36 -6.22 28.23
C VAL F 158 -4.72 -5.61 27.95
N ILE F 159 -5.38 -6.12 26.91
CA ILE F 159 -6.77 -5.70 26.60
C ILE F 159 -7.76 -6.85 26.64
N ILE F 160 -8.56 -6.91 27.71
CA ILE F 160 -9.63 -7.91 27.88
C ILE F 160 -11.01 -7.22 27.66
N GLY F 161 -11.46 -7.26 26.38
CA GLY F 161 -12.69 -6.65 25.94
C GLY F 161 -13.88 -7.40 26.47
N SER F 162 -15.03 -6.73 26.49
CA SER F 162 -16.24 -7.33 27.00
C SER F 162 -16.60 -8.55 26.14
N ASP F 163 -16.14 -8.57 24.88
CA ASP F 163 -16.41 -9.70 24.01
C ASP F 163 -15.64 -10.94 24.41
N ILE F 164 -14.46 -10.80 25.04
CA ILE F 164 -13.76 -11.98 25.56
C ILE F 164 -14.54 -12.63 26.70
N ASN F 165 -15.16 -11.83 27.55
CA ASN F 165 -15.91 -12.40 28.67
C ASN F 165 -17.39 -12.70 28.34
N ARG F 166 -17.90 -12.08 27.27
CA ARG F 166 -19.32 -12.17 26.91
C ARG F 166 -20.23 -11.63 28.05
N LYS F 167 -19.72 -10.65 28.81
CA LYS F 167 -20.50 -9.97 29.87
C LYS F 167 -20.25 -8.47 29.76
N TYR F 168 -21.32 -7.68 29.91
CA TYR F 168 -21.16 -6.24 29.82
C TYR F 168 -21.13 -5.78 31.27
N LYS F 169 -20.40 -4.71 31.57
CA LYS F 169 -20.50 -4.12 32.92
C LYS F 169 -21.95 -3.58 33.04
N PRO F 170 -22.54 -3.55 34.26
CA PRO F 170 -22.01 -3.80 35.60
C PRO F 170 -22.26 -5.21 36.14
N ASP F 171 -22.41 -6.16 35.22
CA ASP F 171 -22.49 -7.55 35.61
C ASP F 171 -21.24 -7.96 36.33
N PRO F 172 -21.38 -8.47 37.56
CA PRO F 172 -20.24 -8.96 38.33
C PRO F 172 -19.20 -9.70 37.49
N GLN F 173 -19.68 -10.57 36.62
CA GLN F 173 -18.81 -11.49 35.90
C GLN F 173 -17.83 -10.74 35.02
N ALA F 174 -18.17 -9.53 34.64
CA ALA F 174 -17.31 -8.69 33.82
C ALA F 174 -16.04 -8.39 34.62
N TYR F 175 -16.20 -8.15 35.90
CA TYR F 175 -15.09 -7.79 36.74
C TYR F 175 -14.33 -9.01 37.10
N LEU F 176 -15.07 -10.06 37.46
CA LEU F 176 -14.48 -11.29 37.95
C LEU F 176 -13.75 -12.09 36.90
N ARG F 177 -14.28 -12.13 35.67
CA ARG F 177 -13.63 -12.93 34.64
C ARG F 177 -12.35 -12.28 34.14
N THR F 178 -12.37 -10.95 33.99
CA THR F 178 -11.17 -10.14 33.72
C THR F 178 -10.07 -10.49 34.69
N ALA F 179 -10.35 -10.50 36.00
CA ALA F 179 -9.31 -10.75 37.04
C ALA F 179 -8.78 -12.15 36.89
N GLN F 180 -9.68 -13.06 36.59
CA GLN F 180 -9.33 -14.46 36.45
C GLN F 180 -8.41 -14.73 35.25
N VAL F 181 -8.69 -14.16 34.09
CA VAL F 181 -7.83 -14.44 32.95
C VAL F 181 -6.46 -13.74 33.11
N LEU F 182 -6.47 -12.71 33.93
CA LEU F 182 -5.26 -12.01 34.29
C LEU F 182 -4.43 -12.80 35.32
N GLY F 183 -5.00 -13.82 35.92
CA GLY F 183 -4.32 -14.57 37.00
C GLY F 183 -4.22 -13.84 38.35
N LEU F 184 -5.20 -12.98 38.63
CA LEU F 184 -5.19 -12.15 39.82
C LEU F 184 -6.41 -12.39 40.66
N HIS F 185 -6.27 -12.22 41.99
CA HIS F 185 -7.42 -12.22 42.89
C HIS F 185 -8.12 -10.93 42.61
N PRO F 186 -9.46 -10.90 42.76
CA PRO F 186 -10.15 -9.63 42.59
C PRO F 186 -9.58 -8.49 43.41
N GLY F 187 -9.24 -8.73 44.69
CA GLY F 187 -8.67 -7.71 45.57
C GLY F 187 -7.41 -7.04 45.05
N GLU F 188 -6.68 -7.74 44.20
CA GLU F 188 -5.43 -7.24 43.65
C GLU F 188 -5.71 -6.38 42.43
N VAL F 189 -6.97 -6.22 42.06
CA VAL F 189 -7.38 -5.46 40.85
C VAL F 189 -8.13 -4.21 41.25
N MET F 190 -7.65 -3.07 40.73
CA MET F 190 -8.28 -1.79 40.92
C MET F 190 -8.94 -1.37 39.65
N LEU F 191 -10.20 -0.99 39.75
CA LEU F 191 -10.93 -0.31 38.74
C LEU F 191 -10.83 1.16 38.97
N ALA F 192 -10.39 1.88 37.96
CA ALA F 192 -10.35 3.32 38.00
C ALA F 192 -11.48 3.74 37.12
N ALA F 193 -12.35 4.61 37.62
CA ALA F 193 -13.56 4.99 36.86
C ALA F 193 -13.98 6.42 37.17
N ALA F 194 -14.43 7.15 36.14
CA ALA F 194 -15.11 8.45 36.33
C ALA F 194 -16.52 8.30 36.86
N HIS F 195 -17.01 7.09 37.10
CA HIS F 195 -18.47 6.89 37.41
C HIS F 195 -18.68 6.04 38.62
N ASN F 196 -19.40 6.60 39.58
CA ASN F 196 -19.64 5.95 40.86
C ASN F 196 -20.44 4.68 40.77
N GLY F 197 -21.40 4.64 39.85
CA GLY F 197 -22.15 3.38 39.57
C GLY F 197 -21.24 2.18 39.31
N ASP F 198 -20.31 2.37 38.40
CA ASP F 198 -19.35 1.32 37.99
C ASP F 198 -18.49 0.92 39.18
N LEU F 199 -18.01 1.90 39.93
CA LEU F 199 -17.19 1.60 41.12
C LEU F 199 -18.02 0.89 42.19
N GLU F 200 -19.31 1.21 42.31
CA GLU F 200 -20.16 0.48 43.31
C GLU F 200 -20.23 -0.97 42.92
N ALA F 201 -20.44 -1.25 41.64
CA ALA F 201 -20.55 -2.67 41.27
C ALA F 201 -19.18 -3.43 41.26
N ALA F 202 -18.07 -2.73 40.98
CA ALA F 202 -16.70 -3.28 41.18
C ALA F 202 -16.39 -3.55 42.64
N HIS F 203 -16.76 -2.62 43.52
CA HIS F 203 -16.57 -2.81 44.98
C HIS F 203 -17.41 -3.97 45.53
N ALA F 204 -18.65 -4.06 45.06
CA ALA F 204 -19.56 -5.17 45.47
C ALA F 204 -19.01 -6.55 45.10
N THR F 205 -18.18 -6.60 44.07
CA THR F 205 -17.61 -7.85 43.60
C THR F 205 -16.23 -8.13 44.19
N GLY F 206 -15.67 -7.20 44.95
CA GLY F 206 -14.41 -7.48 45.65
C GLY F 206 -13.19 -6.76 45.07
N LEU F 207 -13.39 -5.84 44.12
CA LEU F 207 -12.29 -5.06 43.53
C LEU F 207 -11.92 -3.79 44.31
N ALA F 208 -10.67 -3.34 44.10
CA ALA F 208 -10.23 -2.07 44.61
C ALA F 208 -10.84 -0.99 43.70
N THR F 209 -10.82 0.27 44.15
CA THR F 209 -11.56 1.35 43.48
C THR F 209 -10.79 2.67 43.39
N ALA F 210 -10.94 3.39 42.28
CA ALA F 210 -10.41 4.73 42.17
C ALA F 210 -11.38 5.55 41.39
N PHE F 211 -11.82 6.68 42.00
CA PHE F 211 -12.70 7.62 41.30
C PHE F 211 -11.89 8.63 40.53
N ILE F 212 -12.24 8.87 39.27
CA ILE F 212 -11.54 9.89 38.51
C ILE F 212 -12.51 11.00 38.07
N LEU F 213 -12.23 12.22 38.52
CA LEU F 213 -13.12 13.31 38.27
C LEU F 213 -13.07 13.70 36.80
N ARG F 214 -14.20 13.51 36.10
CA ARG F 214 -14.33 13.99 34.71
C ARG F 214 -15.58 14.86 34.62
N PRO F 215 -15.42 16.17 34.89
CA PRO F 215 -16.58 17.02 35.11
C PRO F 215 -17.21 17.53 33.82
N VAL F 216 -16.46 17.52 32.71
CA VAL F 216 -16.97 17.87 31.39
C VAL F 216 -17.04 16.68 30.38
N GLU F 217 -17.28 15.46 30.88
CA GLU F 217 -17.51 14.29 30.00
C GLU F 217 -18.66 14.64 29.04
N HIS F 218 -19.78 15.05 29.66
CA HIS F 218 -20.99 15.51 28.93
C HIS F 218 -21.02 17.03 28.68
N GLY F 219 -19.87 17.65 28.56
CA GLY F 219 -19.76 19.10 28.35
C GLY F 219 -20.13 19.96 29.56
N PRO F 220 -20.20 21.29 29.36
CA PRO F 220 -20.39 22.29 30.44
C PRO F 220 -21.56 22.05 31.39
N HIS F 221 -22.63 21.42 30.90
CA HIS F 221 -23.82 21.31 31.74
C HIS F 221 -23.97 19.98 32.45
N GLN F 222 -22.89 19.20 32.53
CA GLN F 222 -22.91 17.90 33.20
C GLN F 222 -23.55 17.86 34.60
N THR F 223 -24.30 16.79 34.83
CA THR F 223 -25.14 16.58 36.01
C THR F 223 -24.52 15.63 37.01
N ASP F 224 -24.14 14.43 36.55
CA ASP F 224 -23.68 13.38 37.46
C ASP F 224 -22.18 13.29 37.55
N ASP F 225 -21.78 12.55 38.58
CA ASP F 225 -20.42 12.11 38.81
C ASP F 225 -19.51 13.28 38.94
N LEU F 226 -20.00 14.29 39.66
CA LEU F 226 -19.22 15.49 39.94
C LEU F 226 -18.43 15.34 41.21
N ALA F 227 -18.86 14.42 42.07
CA ALA F 227 -18.11 14.08 43.25
C ALA F 227 -18.10 12.58 43.41
N PRO F 228 -17.09 12.03 44.11
CA PRO F 228 -17.18 10.64 44.55
C PRO F 228 -18.35 10.48 45.49
N THR F 229 -19.09 9.38 45.42
CA THR F 229 -20.29 9.19 46.25
C THR F 229 -20.22 7.95 47.10
N GLY F 230 -19.03 7.35 47.22
CA GLY F 230 -18.78 6.28 48.21
C GLY F 230 -17.30 6.25 48.59
N SER F 231 -16.93 5.37 49.52
CA SER F 231 -15.58 5.36 50.07
C SER F 231 -14.56 4.57 49.23
N TRP F 232 -14.24 5.14 48.07
CA TRP F 232 -13.26 4.56 47.16
C TRP F 232 -11.86 4.67 47.75
N ASP F 233 -11.01 3.70 47.42
CA ASP F 233 -9.66 3.67 47.92
C ASP F 233 -9.03 5.02 47.56
N ILE F 234 -9.14 5.41 46.30
CA ILE F 234 -8.56 6.66 45.80
C ILE F 234 -9.65 7.53 45.17
N SER F 235 -9.55 8.82 45.41
CA SER F 235 -10.29 9.82 44.64
C SER F 235 -9.27 10.83 44.13
N ALA F 236 -9.25 10.98 42.82
CA ALA F 236 -8.24 11.72 42.11
C ALA F 236 -8.87 12.75 41.21
N THR F 237 -8.09 13.76 40.84
CA THR F 237 -8.60 14.78 39.92
C THR F 237 -8.41 14.36 38.43
N ASP F 238 -7.62 13.31 38.22
CA ASP F 238 -7.25 12.91 36.86
C ASP F 238 -6.35 11.71 36.98
N ILE F 239 -5.92 11.17 35.85
CA ILE F 239 -5.19 9.92 35.89
C ILE F 239 -3.74 10.14 36.35
N THR F 240 -3.24 11.36 36.12
CA THR F 240 -1.95 11.79 36.61
C THR F 240 -1.99 11.87 38.15
N ASP F 241 -3.11 12.32 38.74
CA ASP F 241 -3.22 12.38 40.21
C ASP F 241 -3.26 10.93 40.70
N LEU F 242 -4.08 10.11 40.03
CA LEU F 242 -4.15 8.68 40.34
C LEU F 242 -2.76 8.07 40.45
N ALA F 243 -1.91 8.35 39.50
CA ALA F 243 -0.57 7.72 39.50
C ALA F 243 0.22 8.26 40.69
N ALA F 244 0.07 9.55 40.97
CA ALA F 244 0.68 10.14 42.13
C ALA F 244 0.25 9.45 43.40
N GLN F 245 -1.05 9.21 43.56
CA GLN F 245 -1.57 8.65 44.84
C GLN F 245 -1.17 7.18 45.02
N LEU F 246 -1.14 6.46 43.91
CA LEU F 246 -0.69 5.09 43.91
C LEU F 246 0.78 5.01 44.42
N ARG F 247 1.62 5.94 43.97
CA ARG F 247 3.02 6.00 44.39
C ARG F 247 3.23 6.40 45.86
N ALA F 248 2.35 7.25 46.40
CA ALA F 248 2.57 7.93 47.70
C ALA F 248 2.97 7.00 48.83
N VAL G 4 -2.43 24.39 23.42
CA VAL G 4 -2.83 25.77 23.87
C VAL G 4 -2.04 26.22 25.12
N PRO G 5 -0.88 26.85 24.89
CA PRO G 5 0.05 27.08 26.01
C PRO G 5 -0.51 28.00 27.11
N PHE G 6 0.21 28.07 28.22
CA PHE G 6 -0.18 28.92 29.33
C PHE G 6 0.46 30.29 29.10
N ARG G 7 -0.36 31.35 29.06
CA ARG G 7 0.16 32.71 29.00
C ARG G 7 0.31 33.27 30.39
N SER G 8 1.53 33.68 30.70
CA SER G 8 1.88 34.25 32.00
C SER G 8 1.21 35.63 32.16
N PRO G 9 0.41 35.84 33.22
CA PRO G 9 -0.04 37.17 33.63
C PRO G 9 1.11 38.15 33.89
N SER G 10 2.17 37.66 34.54
CA SER G 10 3.32 38.48 34.88
C SER G 10 4.24 38.87 33.72
N THR G 11 4.62 37.94 32.84
CA THR G 11 5.47 38.30 31.70
C THR G 11 4.66 38.63 30.42
N GLY G 12 3.34 38.44 30.45
CA GLY G 12 2.51 38.60 29.24
C GLY G 12 2.76 37.65 28.06
N ARG G 13 3.69 36.70 28.25
CA ARG G 13 4.16 35.84 27.19
C ARG G 13 3.65 34.41 27.37
N ASN G 14 3.54 33.70 26.25
CA ASN G 14 3.17 32.28 26.28
C ASN G 14 4.37 31.49 26.76
N VAL G 15 4.15 30.68 27.80
CA VAL G 15 5.22 29.84 28.38
C VAL G 15 5.60 28.69 27.45
N ARG G 16 6.90 28.47 27.25
CA ARG G 16 7.45 27.45 26.34
C ARG G 16 8.37 26.42 27.06
N ALA G 17 8.73 26.70 28.32
CA ALA G 17 9.67 25.88 29.09
C ALA G 17 9.33 26.08 30.56
N VAL G 18 9.06 24.96 31.24
CA VAL G 18 8.76 24.98 32.67
C VAL G 18 9.93 24.25 33.25
N LEU G 19 10.81 24.99 33.90
CA LEU G 19 12.01 24.41 34.47
C LEU G 19 11.90 24.48 35.98
N PHE G 20 12.60 23.58 36.66
CA PHE G 20 12.32 23.30 38.06
C PHE G 20 13.49 23.49 38.99
N ASP G 21 13.26 24.14 40.13
CA ASP G 21 14.12 23.90 41.26
C ASP G 21 14.01 22.41 41.51
N THR G 22 15.11 21.74 41.88
CA THR G 22 15.11 20.27 41.93
C THR G 22 15.16 19.73 43.32
N PHE G 23 16.19 20.10 44.06
CA PHE G 23 16.27 19.72 45.46
C PHE G 23 15.11 20.32 46.17
N GLY G 24 14.26 19.46 46.68
CA GLY G 24 13.15 19.90 47.49
C GLY G 24 11.91 20.10 46.64
N THR G 25 12.01 20.87 45.58
CA THR G 25 10.81 21.06 44.77
C THR G 25 10.39 19.72 44.09
N VAL G 26 11.39 18.96 43.63
CA VAL G 26 11.17 17.79 42.79
C VAL G 26 11.51 16.55 43.59
N VAL G 27 12.68 16.52 44.27
CA VAL G 27 13.11 15.36 45.04
C VAL G 27 13.18 15.64 46.55
N ASP G 28 12.94 14.61 47.34
CA ASP G 28 12.98 14.66 48.80
C ASP G 28 14.37 14.27 49.22
N TRP G 29 15.23 15.28 49.34
CA TRP G 29 16.63 15.06 49.71
C TRP G 29 16.77 14.61 51.15
N ARG G 30 15.91 15.05 52.06
CA ARG G 30 16.22 14.83 53.48
C ARG G 30 16.09 13.35 53.85
N THR G 31 15.07 12.68 53.34
CA THR G 31 14.98 11.20 53.49
C THR G 31 16.15 10.51 52.81
N GLY G 32 16.42 10.90 51.56
CA GLY G 32 17.49 10.25 50.79
C GLY G 32 18.85 10.31 51.47
N ILE G 33 19.24 11.51 51.94
CA ILE G 33 20.50 11.73 52.65
C ILE G 33 20.55 11.10 54.04
N ALA G 34 19.51 11.27 54.85
CA ALA G 34 19.42 10.55 56.15
C ALA G 34 19.72 9.06 56.00
N THR G 35 19.17 8.45 54.96
CA THR G 35 19.38 7.03 54.65
C THR G 35 20.80 6.76 54.25
N ALA G 36 21.35 7.58 53.37
CA ALA G 36 22.74 7.39 52.95
C ALA G 36 23.68 7.51 54.11
N VAL G 37 23.37 8.42 55.03
CA VAL G 37 24.20 8.59 56.22
C VAL G 37 24.09 7.44 57.25
N ALA G 38 22.88 7.05 57.59
CA ALA G 38 22.70 5.90 58.44
C ALA G 38 23.37 4.66 57.84
N ASP G 39 23.26 4.48 56.52
CA ASP G 39 23.89 3.29 55.90
C ASP G 39 25.42 3.33 56.09
N TYR G 40 26.00 4.53 55.93
CA TYR G 40 27.44 4.73 56.13
C TYR G 40 27.86 4.52 57.61
N ALA G 41 27.13 5.15 58.54
CA ALA G 41 27.41 4.94 59.95
C ALA G 41 27.37 3.44 60.30
N ALA G 42 26.38 2.71 59.80
CA ALA G 42 26.27 1.26 60.04
C ALA G 42 27.48 0.43 59.60
N ARG G 43 28.02 0.76 58.42
CA ARG G 43 29.21 0.08 57.85
C ARG G 43 30.56 0.41 58.56
N HIS G 44 30.61 1.52 59.26
CA HIS G 44 31.83 1.93 59.98
C HIS G 44 31.52 2.08 61.46
N GLN G 45 30.46 1.38 61.87
CA GLN G 45 29.76 1.56 63.15
C GLN G 45 30.10 2.88 63.88
N LEU G 46 29.65 3.98 63.29
CA LEU G 46 29.75 5.29 63.91
C LEU G 46 28.45 5.55 64.62
N GLU G 47 28.42 6.55 65.48
CA GLU G 47 27.24 6.80 66.28
C GLU G 47 26.78 8.19 65.89
N VAL G 48 25.68 8.22 65.11
CA VAL G 48 25.14 9.47 64.57
C VAL G 48 23.60 9.48 64.51
N ASP G 49 23.03 10.65 64.78
CA ASP G 49 21.66 11.05 64.44
C ASP G 49 21.68 11.40 62.92
N ALA G 50 21.23 10.44 62.09
CA ALA G 50 21.38 10.56 60.63
C ALA G 50 20.52 11.68 60.06
N VAL G 51 19.34 11.88 60.67
CA VAL G 51 18.44 12.96 60.27
C VAL G 51 18.98 14.35 60.64
N ALA G 52 19.51 14.48 61.87
CA ALA G 52 20.16 15.74 62.32
C ALA G 52 21.39 16.05 61.44
N PHE G 53 22.16 15.03 61.15
CA PHE G 53 23.35 15.12 60.30
C PHE G 53 22.99 15.63 58.90
N ALA G 54 21.90 15.10 58.32
CA ALA G 54 21.44 15.53 56.98
C ALA G 54 21.01 16.97 57.01
N ASP G 55 20.43 17.39 58.14
CA ASP G 55 20.08 18.79 58.30
C ASP G 55 21.36 19.62 58.33
N ARG G 56 22.38 19.13 59.04
CA ARG G 56 23.62 19.91 59.22
C ARG G 56 24.39 19.97 57.92
N TRP G 57 24.44 18.86 57.21
CA TRP G 57 25.02 18.82 55.86
C TRP G 57 24.35 19.84 54.94
N ARG G 58 23.02 19.91 54.97
CA ARG G 58 22.30 20.86 54.15
C ARG G 58 22.52 22.28 54.58
N ALA G 59 22.72 22.53 55.88
CA ALA G 59 22.82 23.90 56.37
C ALA G 59 24.07 24.62 55.85
N ARG G 60 25.04 23.85 55.35
CA ARG G 60 26.28 24.33 54.74
C ARG G 60 26.15 24.63 53.25
N TYR G 61 25.03 24.24 52.66
CA TYR G 61 24.74 24.50 51.25
C TYR G 61 24.95 25.93 50.99
N GLN G 62 24.09 26.78 51.57
CA GLN G 62 24.07 28.19 51.23
C GLN G 62 25.38 28.90 51.63
N PRO G 63 25.90 28.64 52.83
CA PRO G 63 27.17 29.31 53.18
C PRO G 63 28.34 28.99 52.25
N SER G 64 28.51 27.72 51.91
CA SER G 64 29.57 27.31 51.00
C SER G 64 29.38 27.91 49.63
N MET G 65 28.16 28.27 49.30
CA MET G 65 27.82 28.76 47.99
C MET G 65 27.92 30.28 47.99
N ASP G 66 27.59 30.88 49.15
CA ASP G 66 27.71 32.32 49.36
C ASP G 66 29.09 32.85 48.95
N ALA G 67 30.14 32.12 49.32
CA ALA G 67 31.52 32.44 48.92
C ALA G 67 31.73 32.58 47.40
N ILE G 68 30.98 31.83 46.59
CA ILE G 68 31.12 31.97 45.13
C ILE G 68 30.27 33.13 44.67
N LEU G 69 29.06 33.24 45.22
CA LEU G 69 28.16 34.33 44.85
C LEU G 69 28.71 35.69 45.27
N SER G 70 29.59 35.70 46.27
CA SER G 70 30.13 36.94 46.82
C SER G 70 31.28 37.45 45.96
N GLY G 71 31.94 36.57 45.22
CA GLY G 71 33.15 36.91 44.47
C GLY G 71 34.37 36.38 45.21
N ALA G 72 34.16 35.93 46.46
CA ALA G 72 35.28 35.48 47.30
C ALA G 72 35.95 34.22 46.76
N ARG G 73 35.17 33.42 46.05
CA ARG G 73 35.64 32.13 45.60
C ARG G 73 35.36 31.95 44.11
N GLU G 74 36.30 31.26 43.47
CA GLU G 74 36.14 30.78 42.10
C GLU G 74 35.05 29.67 42.02
N PHE G 75 34.36 29.61 40.90
CA PHE G 75 33.29 28.65 40.76
C PHE G 75 33.83 27.24 40.91
N VAL G 76 33.18 26.43 41.76
CA VAL G 76 33.35 24.98 41.72
C VAL G 76 31.97 24.33 41.59
N THR G 77 31.96 23.07 41.15
CA THR G 77 30.70 22.37 40.99
C THR G 77 30.04 22.10 42.33
N LEU G 78 28.71 22.01 42.35
CA LEU G 78 28.02 21.67 43.60
C LEU G 78 28.53 20.36 44.17
N ASP G 79 28.89 19.41 43.31
CA ASP G 79 29.56 18.18 43.74
C ASP G 79 30.72 18.42 44.70
N ILE G 80 31.47 19.50 44.46
CA ILE G 80 32.64 19.81 45.25
C ILE G 80 32.21 20.41 46.57
N LEU G 81 31.26 21.35 46.54
CA LEU G 81 30.83 21.97 47.75
C LEU G 81 30.27 20.97 48.75
N HIS G 82 29.49 20.00 48.23
CA HIS G 82 28.93 18.92 49.02
C HIS G 82 30.02 18.02 49.59
N ARG G 83 31.03 17.71 48.80
CA ARG G 83 32.06 16.81 49.35
C ARG G 83 32.75 17.52 50.50
N GLU G 84 32.89 18.84 50.42
CA GLU G 84 33.57 19.58 51.47
C GLU G 84 32.65 19.79 52.68
N ASN G 85 31.37 20.05 52.42
CA ASN G 85 30.43 20.28 53.49
C ASN G 85 30.27 19.02 54.33
N LEU G 86 30.45 17.86 53.70
CA LEU G 86 30.50 16.59 54.39
C LEU G 86 31.66 16.55 55.40
N ASP G 87 32.87 16.92 54.94
CA ASP G 87 34.04 16.93 55.82
C ASP G 87 33.75 17.82 57.02
N PHE G 88 33.16 18.98 56.78
CA PHE G 88 32.77 19.90 57.85
C PHE G 88 31.83 19.26 58.86
N VAL G 89 30.81 18.54 58.37
CA VAL G 89 29.73 18.10 59.24
C VAL G 89 30.22 16.94 60.08
N LEU G 90 30.96 16.03 59.46
CA LEU G 90 31.60 14.98 60.21
C LEU G 90 32.36 15.56 61.36
N ARG G 91 33.27 16.50 61.08
CA ARG G 91 34.04 17.16 62.16
C ARG G 91 33.16 17.76 63.27
N GLU G 92 32.11 18.48 62.86
CA GLU G 92 31.11 19.04 63.78
C GLU G 92 30.47 17.94 64.64
N SER G 93 30.44 16.73 64.11
CA SER G 93 29.80 15.58 64.75
C SER G 93 30.84 14.67 65.39
N GLY G 94 32.04 15.21 65.64
CA GLY G 94 33.06 14.50 66.43
C GLY G 94 33.75 13.35 65.72
N ILE G 95 33.76 13.37 64.39
CA ILE G 95 34.38 12.34 63.57
C ILE G 95 35.45 12.96 62.69
N ASP G 96 36.62 12.32 62.68
CA ASP G 96 37.77 12.81 61.91
C ASP G 96 37.79 12.14 60.54
N PRO G 97 37.54 12.90 59.45
CA PRO G 97 37.52 12.31 58.12
C PRO G 97 38.87 11.73 57.69
N THR G 98 39.96 12.21 58.30
CA THR G 98 41.29 11.63 58.06
C THR G 98 41.36 10.14 58.48
N ASN G 99 40.44 9.69 59.33
CA ASN G 99 40.38 8.26 59.67
C ASN G 99 39.68 7.39 58.60
N HIS G 100 39.14 8.01 57.54
CA HIS G 100 38.34 7.32 56.51
C HIS G 100 38.94 7.39 55.09
N ASP G 101 38.50 6.50 54.20
CA ASP G 101 38.94 6.54 52.81
C ASP G 101 38.27 7.70 52.03
N SER G 102 39.09 8.50 51.34
CA SER G 102 38.61 9.63 50.53
C SER G 102 37.71 9.17 49.37
N GLY G 103 38.00 7.99 48.81
CA GLY G 103 37.09 7.32 47.90
C GLY G 103 35.74 7.05 48.53
N GLU G 104 35.74 6.37 49.68
CA GLU G 104 34.48 6.06 50.37
C GLU G 104 33.67 7.32 50.63
N LEU G 105 34.34 8.38 51.05
CA LEU G 105 33.68 9.61 51.39
C LEU G 105 33.06 10.28 50.17
N ASP G 106 33.81 10.29 49.07
CA ASP G 106 33.30 10.75 47.79
C ASP G 106 31.96 10.11 47.42
N GLU G 107 31.84 8.81 47.60
CA GLU G 107 30.62 8.10 47.24
C GLU G 107 29.46 8.63 48.07
N LEU G 108 29.70 8.88 49.35
CA LEU G 108 28.64 9.33 50.22
C LEU G 108 28.20 10.69 49.74
N ALA G 109 29.14 11.58 49.54
CA ALA G 109 28.88 12.88 48.94
C ALA G 109 28.02 12.85 47.63
N ARG G 110 28.15 11.77 46.84
CA ARG G 110 27.26 11.49 45.71
C ARG G 110 25.82 10.98 46.10
N ALA G 111 25.50 10.88 47.38
CA ALA G 111 24.14 10.54 47.79
C ALA G 111 23.11 11.53 47.23
N TRP G 112 23.55 12.76 46.99
CA TRP G 112 22.70 13.83 46.42
C TRP G 112 22.39 13.52 44.94
N HIS G 113 23.14 12.58 44.36
CA HIS G 113 22.85 12.05 43.01
C HIS G 113 21.70 11.02 43.04
N VAL G 114 21.42 10.40 44.16
CA VAL G 114 20.40 9.33 44.19
C VAL G 114 19.35 9.65 45.23
N LEU G 115 18.37 10.44 44.81
CA LEU G 115 17.32 10.91 45.67
C LEU G 115 15.99 10.53 44.99
N THR G 116 14.96 10.36 45.82
CA THR G 116 13.64 9.93 45.43
C THR G 116 12.75 11.15 45.18
N PRO G 117 12.13 11.21 43.99
CA PRO G 117 11.12 12.23 43.77
C PRO G 117 9.94 12.09 44.72
N TRP G 118 9.27 13.21 44.98
CA TRP G 118 7.99 13.18 45.62
C TRP G 118 7.07 12.32 44.74
N PRO G 119 6.02 11.72 45.33
CA PRO G 119 5.19 10.75 44.52
C PRO G 119 4.58 11.38 43.28
N ASP G 120 4.38 12.69 43.33
CA ASP G 120 3.66 13.40 42.29
C ASP G 120 4.59 13.89 41.22
N SER G 121 5.91 13.78 41.43
CA SER G 121 6.87 14.43 40.50
C SER G 121 6.99 13.74 39.16
N VAL G 122 7.33 12.44 39.13
CA VAL G 122 7.38 11.74 37.85
C VAL G 122 6.07 11.83 37.01
N PRO G 123 4.91 11.52 37.58
CA PRO G 123 3.64 11.71 36.83
C PRO G 123 3.44 13.15 36.32
N GLY G 124 3.51 14.11 37.24
CA GLY G 124 3.29 15.51 36.90
C GLY G 124 4.20 16.01 35.82
N LEU G 125 5.46 15.60 35.86
CA LEU G 125 6.46 16.10 34.92
C LEU G 125 6.30 15.45 33.55
N THR G 126 5.92 14.16 33.53
CA THR G 126 5.57 13.46 32.26
C THR G 126 4.37 14.16 31.59
N ALA G 127 3.40 14.57 32.37
CA ALA G 127 2.26 15.32 31.81
C ALA G 127 2.73 16.71 31.31
N ILE G 128 3.51 17.42 32.09
CA ILE G 128 3.93 18.76 31.68
C ILE G 128 4.80 18.65 30.43
N LYS G 129 5.66 17.63 30.36
CA LYS G 129 6.56 17.35 29.19
C LYS G 129 5.85 17.27 27.81
N ALA G 130 4.59 16.92 27.83
CA ALA G 130 3.81 16.75 26.61
C ALA G 130 3.36 18.06 25.98
N GLU G 131 3.27 19.11 26.79
CA GLU G 131 2.77 20.43 26.35
C GLU G 131 3.89 21.49 26.47
N TYR G 132 5.04 21.13 27.04
CA TYR G 132 6.12 22.11 27.35
C TYR G 132 7.51 21.50 27.33
N ILE G 133 8.51 22.34 27.13
CA ILE G 133 9.91 21.98 27.40
C ILE G 133 10.08 21.84 28.91
N ILE G 134 10.76 20.79 29.41
CA ILE G 134 11.01 20.72 30.86
C ILE G 134 12.43 20.40 31.15
N GLY G 135 12.87 20.83 32.31
CA GLY G 135 14.26 20.63 32.67
C GLY G 135 14.47 21.25 34.04
N PRO G 136 15.60 20.98 34.67
CA PRO G 136 15.96 21.64 35.91
C PRO G 136 16.44 23.08 35.67
N LEU G 137 16.18 23.94 36.64
CA LEU G 137 16.82 25.27 36.78
C LEU G 137 17.32 25.26 38.23
N SER G 138 18.52 24.72 38.40
CA SER G 138 18.93 24.23 39.68
C SER G 138 20.38 24.54 39.93
N ASN G 139 20.75 24.58 41.19
CA ASN G 139 22.15 24.79 41.52
C ASN G 139 22.97 23.57 41.27
N GLY G 140 22.35 22.42 41.06
CA GLY G 140 23.13 21.21 40.89
C GLY G 140 23.93 21.31 39.64
N ASN G 141 25.14 20.74 39.63
CA ASN G 141 25.83 20.60 38.35
C ASN G 141 25.16 19.58 37.46
N THR G 142 25.49 19.70 36.18
CA THR G 142 24.98 18.81 35.13
C THR G 142 25.06 17.28 35.38
N SER G 143 26.26 16.76 35.62
CA SER G 143 26.41 15.33 35.79
C SER G 143 25.60 14.81 37.01
N LEU G 144 25.44 15.67 38.01
CA LEU G 144 24.67 15.37 39.20
C LEU G 144 23.19 15.26 38.88
N LEU G 145 22.68 16.24 38.16
CA LEU G 145 21.31 16.25 37.83
C LEU G 145 20.95 15.12 36.82
N LEU G 146 21.90 14.81 35.95
CA LEU G 146 21.74 13.72 35.02
C LEU G 146 21.67 12.38 35.71
N ASP G 147 22.57 12.15 36.66
CA ASP G 147 22.59 10.95 37.42
C ASP G 147 21.29 10.81 38.16
N MET G 148 20.83 11.90 38.81
CA MET G 148 19.57 11.91 39.56
C MET G 148 18.40 11.44 38.74
N ALA G 149 18.31 11.98 37.53
CA ALA G 149 17.19 11.77 36.62
C ALA G 149 17.14 10.38 36.00
N LYS G 150 18.31 9.83 35.66
CA LYS G 150 18.45 8.48 35.17
C LYS G 150 18.08 7.47 36.25
N ASN G 151 18.55 7.73 37.47
CA ASN G 151 18.29 6.87 38.61
C ASN G 151 16.82 6.82 39.05
N ALA G 152 16.13 7.96 38.93
CA ALA G 152 14.75 8.09 39.35
C ALA G 152 13.75 8.15 38.19
N GLY G 153 14.19 8.07 36.93
CA GLY G 153 13.30 8.33 35.80
C GLY G 153 12.64 9.70 35.77
N ILE G 154 13.43 10.74 36.05
CA ILE G 154 12.92 12.11 35.94
C ILE G 154 13.05 12.43 34.48
N PRO G 155 11.93 12.63 33.77
CA PRO G 155 12.04 12.67 32.31
C PRO G 155 12.36 14.07 31.74
N TRP G 156 13.52 14.61 32.06
CA TRP G 156 13.82 15.96 31.58
C TRP G 156 14.07 15.93 30.07
N ASP G 157 13.70 17.00 29.40
CA ASP G 157 14.12 17.28 28.02
C ASP G 157 15.58 17.72 27.87
N VAL G 158 16.00 18.58 28.79
CA VAL G 158 17.27 19.31 28.74
C VAL G 158 17.68 19.61 30.19
N ILE G 159 18.96 19.44 30.42
CA ILE G 159 19.56 19.63 31.70
C ILE G 159 20.65 20.73 31.55
N ILE G 160 20.35 21.96 31.98
CA ILE G 160 21.35 23.07 31.99
C ILE G 160 21.75 23.30 33.42
N GLY G 161 22.89 22.71 33.77
CA GLY G 161 23.46 22.78 35.11
C GLY G 161 24.17 24.10 35.45
N SER G 162 24.28 24.35 36.74
CA SER G 162 24.95 25.56 37.25
C SER G 162 26.38 25.64 36.71
N ASP G 163 27.00 24.51 36.39
CA ASP G 163 28.38 24.48 35.86
C ASP G 163 28.52 24.78 34.39
N ILE G 164 27.42 24.72 33.62
CA ILE G 164 27.35 25.21 32.25
C ILE G 164 27.32 26.76 32.25
N ASN G 165 26.40 27.36 33.04
CA ASN G 165 26.36 28.83 33.21
C ASN G 165 27.46 29.47 34.08
N ARG G 166 28.13 28.63 34.87
CA ARG G 166 29.13 29.06 35.85
C ARG G 166 28.58 30.11 36.83
N LYS G 167 27.29 29.99 37.11
CA LYS G 167 26.56 30.88 38.03
C LYS G 167 25.62 30.07 38.91
N TYR G 168 25.42 30.52 40.15
CA TYR G 168 24.43 29.93 41.04
C TYR G 168 23.25 30.83 41.24
N LYS G 169 22.08 30.21 41.40
CA LYS G 169 20.90 30.91 41.90
C LYS G 169 21.18 31.53 43.27
N PRO G 170 20.59 32.71 43.57
CA PRO G 170 19.68 33.56 42.84
C PRO G 170 20.35 34.69 41.99
N ASP G 171 21.61 34.48 41.59
CA ASP G 171 22.27 35.39 40.65
C ASP G 171 21.42 35.50 39.39
N PRO G 172 20.93 36.70 39.06
CA PRO G 172 20.07 36.86 37.87
C PRO G 172 20.54 36.11 36.64
N GLN G 173 21.83 35.98 36.50
CA GLN G 173 22.42 35.24 35.38
C GLN G 173 22.22 33.73 35.40
N ALA G 174 21.98 33.12 36.56
CA ALA G 174 21.56 31.71 36.54
C ALA G 174 20.33 31.59 35.64
N TYR G 175 19.38 32.48 35.80
CA TYR G 175 18.13 32.34 35.06
C TYR G 175 18.22 32.77 33.58
N LEU G 176 18.94 33.88 33.34
CA LEU G 176 19.10 34.48 32.00
C LEU G 176 19.98 33.66 31.04
N ARG G 177 21.10 33.17 31.53
CA ARG G 177 21.93 32.30 30.74
C ARG G 177 21.22 31.01 30.39
N THR G 178 20.40 30.49 31.31
CA THR G 178 19.59 29.27 31.04
C THR G 178 18.70 29.50 29.86
N ALA G 179 17.91 30.57 29.95
CA ALA G 179 16.93 30.97 28.92
C ALA G 179 17.62 31.22 27.60
N GLN G 180 18.81 31.80 27.63
CA GLN G 180 19.49 32.05 26.34
C GLN G 180 19.95 30.76 25.65
N VAL G 181 20.50 29.83 26.42
CA VAL G 181 20.99 28.58 25.80
C VAL G 181 19.80 27.71 25.28
N LEU G 182 18.62 27.93 25.82
CA LEU G 182 17.44 27.29 25.29
C LEU G 182 16.88 28.04 24.12
N GLY G 183 17.36 29.25 23.88
CA GLY G 183 16.85 30.10 22.83
C GLY G 183 15.48 30.67 23.12
N LEU G 184 15.17 30.94 24.37
CA LEU G 184 13.86 31.53 24.69
C LEU G 184 14.09 32.85 25.39
N HIS G 185 13.07 33.70 25.32
CA HIS G 185 13.09 34.94 26.03
C HIS G 185 12.76 34.61 27.49
N PRO G 186 13.36 35.33 28.45
CA PRO G 186 13.06 35.09 29.87
C PRO G 186 11.56 35.03 30.18
N GLY G 187 10.77 35.80 29.45
CA GLY G 187 9.33 35.79 29.62
C GLY G 187 8.64 34.50 29.18
N GLU G 188 9.35 33.63 28.48
CA GLU G 188 8.79 32.34 28.04
C GLU G 188 9.17 31.19 28.96
N VAL G 189 10.19 31.39 29.79
CA VAL G 189 10.59 30.39 30.75
C VAL G 189 9.83 30.64 32.07
N MET G 190 9.26 29.57 32.62
CA MET G 190 8.66 29.57 33.96
C MET G 190 9.50 28.79 34.95
N LEU G 191 9.84 29.43 36.08
CA LEU G 191 10.44 28.76 37.20
C LEU G 191 9.35 28.18 38.07
N ALA G 192 9.41 26.85 38.27
CA ALA G 192 8.54 26.10 39.23
C ALA G 192 9.46 25.77 40.40
N ALA G 193 9.09 26.23 41.59
CA ALA G 193 9.96 26.07 42.76
C ALA G 193 9.13 26.06 44.01
N ALA G 194 9.63 25.34 45.02
CA ALA G 194 8.99 25.31 46.33
C ALA G 194 9.49 26.44 47.26
N HIS G 195 10.22 27.41 46.70
CA HIS G 195 11.03 28.35 47.50
C HIS G 195 10.81 29.74 47.00
N ASN G 196 10.08 30.52 47.81
CA ASN G 196 9.66 31.88 47.49
C ASN G 196 10.77 32.87 47.13
N GLY G 197 11.96 32.64 47.66
CA GLY G 197 13.07 33.54 47.37
C GLY G 197 13.55 33.27 45.96
N ASP G 198 13.55 32.00 45.60
CA ASP G 198 13.98 31.63 44.25
C ASP G 198 13.00 32.25 43.24
N LEU G 199 11.70 32.20 43.54
CA LEU G 199 10.71 32.81 42.68
C LEU G 199 10.91 34.35 42.57
N GLU G 200 10.93 35.06 43.70
CA GLU G 200 11.27 36.52 43.70
C GLU G 200 12.50 36.79 42.79
N ALA G 201 13.57 36.08 43.04
CA ALA G 201 14.70 36.17 42.17
C ALA G 201 14.27 36.00 40.72
N ALA G 202 13.54 34.93 40.40
CA ALA G 202 13.12 34.65 38.99
C ALA G 202 12.19 35.74 38.45
N HIS G 203 11.22 36.15 39.25
CA HIS G 203 10.31 37.20 38.84
C HIS G 203 11.09 38.46 38.46
N ALA G 204 11.89 38.97 39.39
CA ALA G 204 12.73 40.17 39.13
C ALA G 204 13.44 40.13 37.79
N THR G 205 13.90 38.94 37.40
CA THR G 205 14.76 38.73 36.23
C THR G 205 14.04 38.57 34.90
N GLY G 206 12.71 38.61 34.95
CA GLY G 206 11.85 38.48 33.76
C GLY G 206 11.23 37.10 33.48
N LEU G 207 11.23 36.19 34.47
CA LEU G 207 10.65 34.84 34.26
C LEU G 207 9.24 34.75 34.76
N ALA G 208 8.47 33.87 34.13
CA ALA G 208 7.25 33.38 34.73
C ALA G 208 7.58 32.53 35.97
N THR G 209 6.58 32.32 36.82
CA THR G 209 6.79 31.77 38.15
C THR G 209 5.66 30.82 38.58
N ALA G 210 6.02 29.66 39.13
CA ALA G 210 4.98 28.84 39.81
C ALA G 210 5.51 28.29 41.14
N PHE G 211 4.72 28.49 42.21
CA PHE G 211 5.07 28.00 43.56
C PHE G 211 4.51 26.61 43.73
N ILE G 212 5.34 25.68 44.22
CA ILE G 212 4.92 24.32 44.54
C ILE G 212 5.11 24.05 46.04
N LEU G 213 4.01 23.91 46.76
CA LEU G 213 4.05 23.66 48.19
C LEU G 213 4.74 22.32 48.51
N ARG G 214 5.85 22.40 49.25
CA ARG G 214 6.58 21.25 49.77
C ARG G 214 6.76 21.46 51.29
N PRO G 215 5.73 21.09 52.04
CA PRO G 215 5.63 21.47 53.45
C PRO G 215 6.44 20.62 54.44
N VAL G 216 6.95 19.49 53.96
CA VAL G 216 7.83 18.66 54.75
C VAL G 216 9.13 18.35 54.01
N GLU G 217 9.57 19.24 53.15
CA GLU G 217 10.93 19.13 52.59
C GLU G 217 11.99 19.01 53.70
N HIS G 218 11.84 19.84 54.72
CA HIS G 218 12.68 19.83 55.92
C HIS G 218 12.03 19.08 57.06
N GLY G 219 11.10 18.18 56.77
CA GLY G 219 10.43 17.42 57.82
C GLY G 219 9.29 18.21 58.41
N PRO G 220 8.59 17.63 59.40
CA PRO G 220 7.43 18.29 60.02
C PRO G 220 7.74 19.58 60.80
N HIS G 221 8.99 19.78 61.16
CA HIS G 221 9.36 21.02 61.86
C HIS G 221 9.67 22.12 60.87
N GLN G 222 9.26 21.96 59.61
CA GLN G 222 9.63 22.96 58.62
C GLN G 222 9.08 24.33 59.00
N THR G 223 9.87 25.36 58.74
CA THR G 223 9.56 26.75 59.09
C THR G 223 9.05 27.57 57.89
N ASP G 224 9.87 27.56 56.84
CA ASP G 224 9.69 28.43 55.72
C ASP G 224 8.90 27.77 54.61
N ASP G 225 8.38 28.63 53.74
CA ASP G 225 7.80 28.25 52.48
C ASP G 225 6.57 27.34 52.66
N LEU G 226 5.83 27.61 53.73
CA LEU G 226 4.58 26.94 53.99
C LEU G 226 3.44 27.62 53.18
N ALA G 227 3.74 28.74 52.54
CA ALA G 227 2.73 29.43 51.72
C ALA G 227 3.42 30.23 50.65
N PRO G 228 2.69 30.60 49.59
CA PRO G 228 3.19 31.53 48.59
C PRO G 228 3.22 32.94 49.18
N THR G 229 4.35 33.63 49.02
CA THR G 229 4.47 34.97 49.60
C THR G 229 4.48 36.10 48.58
N GLY G 230 4.16 35.79 47.33
CA GLY G 230 4.15 36.78 46.23
C GLY G 230 3.03 36.47 45.24
N SER G 231 2.89 37.32 44.22
CA SER G 231 1.89 37.16 43.17
C SER G 231 2.44 36.28 42.02
N TRP G 232 2.69 35.01 42.34
CA TRP G 232 3.20 34.06 41.37
C TRP G 232 2.08 33.73 40.38
N ASP G 233 2.48 33.38 39.15
CA ASP G 233 1.50 33.08 38.10
C ASP G 233 0.62 31.91 38.51
N ILE G 234 1.26 30.90 39.11
CA ILE G 234 0.52 29.74 39.67
C ILE G 234 1.00 29.37 41.07
N SER G 235 0.05 29.09 41.97
CA SER G 235 0.34 28.44 43.23
C SER G 235 -0.36 27.09 43.29
N ALA G 236 0.47 26.06 43.48
CA ALA G 236 0.08 24.68 43.22
C ALA G 236 0.35 23.86 44.45
N THR G 237 -0.45 22.82 44.65
CA THR G 237 -0.28 21.89 45.78
C THR G 237 0.77 20.80 45.49
N ASP G 238 0.98 20.51 44.20
CA ASP G 238 1.98 19.53 43.75
C ASP G 238 2.17 19.67 42.24
N ILE G 239 3.10 18.92 41.65
CA ILE G 239 3.39 19.08 40.23
C ILE G 239 2.20 18.62 39.36
N THR G 240 1.39 17.72 39.90
CA THR G 240 0.20 17.25 39.19
C THR G 240 -0.79 18.41 39.13
N ASP G 241 -0.90 19.17 40.20
CA ASP G 241 -1.78 20.31 40.21
C ASP G 241 -1.21 21.40 39.29
N LEU G 242 0.10 21.62 39.33
CA LEU G 242 0.74 22.48 38.36
C LEU G 242 0.30 22.05 36.93
N ALA G 243 0.21 20.75 36.65
CA ALA G 243 -0.10 20.34 35.28
C ALA G 243 -1.51 20.77 34.99
N ALA G 244 -2.42 20.55 35.92
CA ALA G 244 -3.81 20.90 35.67
C ALA G 244 -3.94 22.42 35.45
N GLN G 245 -3.30 23.22 36.29
CA GLN G 245 -3.48 24.68 36.22
C GLN G 245 -2.89 25.28 34.99
N LEU G 246 -1.77 24.74 34.53
CA LEU G 246 -1.15 25.18 33.26
C LEU G 246 -2.06 25.03 32.05
N ARG G 247 -2.69 23.88 31.86
CA ARG G 247 -3.43 23.67 30.61
C ARG G 247 -4.81 24.25 30.71
N ALA G 248 -5.25 24.50 31.96
CA ALA G 248 -6.58 25.05 32.28
C ALA G 248 -6.74 26.50 31.84
N GLY G 249 -5.72 27.32 32.06
CA GLY G 249 -5.75 28.72 31.63
C GLY G 249 -5.13 29.68 32.63
N PRO H 5 26.34 -4.11 31.30
CA PRO H 5 26.56 -3.17 30.16
C PRO H 5 27.57 -3.64 29.11
N PHE H 6 27.67 -2.86 28.04
CA PHE H 6 28.65 -3.06 26.97
C PHE H 6 30.03 -2.50 27.39
N ARG H 7 31.09 -3.31 27.23
CA ARG H 7 32.45 -2.87 27.50
C ARG H 7 33.13 -2.65 26.16
N SER H 8 33.51 -1.40 25.89
CA SER H 8 34.22 -1.05 24.66
C SER H 8 35.56 -1.75 24.65
N PRO H 9 35.84 -2.50 23.57
CA PRO H 9 37.15 -3.18 23.37
C PRO H 9 38.31 -2.19 23.17
N SER H 10 38.04 -1.14 22.41
CA SER H 10 38.96 -0.02 22.23
C SER H 10 39.31 0.79 23.49
N THR H 11 38.30 1.18 24.28
CA THR H 11 38.59 2.03 25.46
C THR H 11 38.74 1.22 26.73
N GLY H 12 38.31 -0.05 26.70
CA GLY H 12 38.44 -0.93 27.87
C GLY H 12 37.54 -0.56 29.04
N ARG H 13 36.59 0.37 28.83
CA ARG H 13 35.69 0.81 29.90
C ARG H 13 34.25 0.55 29.56
N ASN H 14 33.43 0.42 30.62
CA ASN H 14 32.01 0.19 30.49
C ASN H 14 31.34 1.44 29.99
N VAL H 15 30.64 1.30 28.88
CA VAL H 15 29.95 2.41 28.23
C VAL H 15 28.73 2.83 29.04
N ARG H 16 28.72 4.11 29.44
CA ARG H 16 27.69 4.71 30.28
C ARG H 16 26.79 5.66 29.49
N ALA H 17 27.33 6.22 28.38
CA ALA H 17 26.62 7.19 27.55
C ALA H 17 26.79 6.84 26.11
N VAL H 18 25.70 6.94 25.38
CA VAL H 18 25.74 6.69 23.96
C VAL H 18 25.20 7.95 23.31
N LEU H 19 26.12 8.71 22.71
CA LEU H 19 25.77 9.96 22.09
C LEU H 19 25.95 9.89 20.58
N PHE H 20 25.10 10.66 19.91
CA PHE H 20 24.70 10.49 18.53
C PHE H 20 25.00 11.73 17.72
N ASP H 21 26.01 11.66 16.87
CA ASP H 21 25.98 12.53 15.71
C ASP H 21 24.52 12.47 15.32
N THR H 22 23.89 13.59 15.05
CA THR H 22 22.43 13.63 14.90
C THR H 22 22.09 13.76 13.43
N PHE H 23 22.87 14.55 12.69
CA PHE H 23 22.60 14.80 11.29
C PHE H 23 23.20 13.59 10.58
N GLY H 24 22.42 13.00 9.69
CA GLY H 24 22.75 11.70 9.13
C GLY H 24 22.29 10.61 10.06
N THR H 25 23.04 10.48 11.16
CA THR H 25 22.92 9.30 11.99
C THR H 25 21.52 9.07 12.54
N VAL H 26 20.84 10.10 13.00
CA VAL H 26 19.54 9.91 13.62
C VAL H 26 18.42 10.43 12.76
N VAL H 27 18.69 11.52 12.05
CA VAL H 27 17.64 12.17 11.32
C VAL H 27 17.98 12.13 9.85
N ASP H 28 16.96 12.27 9.02
CA ASP H 28 17.15 12.38 7.57
C ASP H 28 17.14 13.84 7.21
N TRP H 29 18.36 14.39 7.12
CA TRP H 29 18.55 15.83 6.90
C TRP H 29 18.24 16.22 5.48
N ARG H 30 18.42 15.28 4.55
CA ARG H 30 18.19 15.46 3.09
C ARG H 30 16.70 15.54 2.66
N THR H 31 15.86 14.66 3.19
CA THR H 31 14.45 14.67 2.80
C THR H 31 13.78 15.90 3.39
N GLY H 32 14.14 16.19 4.64
CA GLY H 32 13.50 17.28 5.38
C GLY H 32 13.90 18.62 4.82
N ILE H 33 15.18 18.79 4.60
CA ILE H 33 15.61 20.08 4.06
C ILE H 33 15.00 20.24 2.65
N ALA H 34 15.11 19.17 1.83
CA ALA H 34 14.52 19.10 0.46
C ALA H 34 13.00 19.38 0.40
N THR H 35 12.24 18.82 1.34
CA THR H 35 10.82 19.09 1.46
C THR H 35 10.67 20.57 1.63
N ALA H 36 11.50 21.13 2.52
CA ALA H 36 11.38 22.50 2.96
C ALA H 36 11.76 23.51 1.88
N VAL H 37 12.86 23.25 1.21
CA VAL H 37 13.29 24.12 0.13
C VAL H 37 12.22 24.12 -0.98
N ALA H 38 11.70 22.93 -1.33
CA ALA H 38 10.58 22.81 -2.36
C ALA H 38 9.18 23.28 -1.93
N ASP H 39 8.85 23.26 -0.64
CA ASP H 39 7.60 23.88 -0.16
C ASP H 39 7.71 25.38 -0.32
N TYR H 40 8.86 25.92 0.07
CA TYR H 40 9.12 27.37 0.01
C TYR H 40 9.23 27.92 -1.43
N ALA H 41 9.90 27.17 -2.32
CA ALA H 41 9.94 27.47 -3.76
C ALA H 41 8.63 27.05 -4.48
N ALA H 42 7.52 27.04 -3.73
CA ALA H 42 6.18 26.80 -4.26
C ALA H 42 5.33 27.98 -3.83
N ARG H 43 5.14 28.15 -2.53
CA ARG H 43 4.50 29.37 -1.99
C ARG H 43 4.98 30.63 -2.73
N HIS H 44 6.32 30.71 -2.90
CA HIS H 44 6.99 31.86 -3.54
C HIS H 44 7.35 31.58 -5.01
N GLN H 45 6.51 30.79 -5.68
CA GLN H 45 6.48 30.67 -7.15
C GLN H 45 7.86 30.52 -7.83
N LEU H 46 8.81 29.91 -7.12
CA LEU H 46 10.21 29.91 -7.55
C LEU H 46 10.64 28.54 -8.06
N GLU H 47 11.83 28.54 -8.69
CA GLU H 47 12.17 27.55 -9.70
C GLU H 47 13.58 27.01 -9.51
N VAL H 48 13.71 26.01 -8.63
CA VAL H 48 14.98 25.29 -8.45
C VAL H 48 14.72 23.84 -8.11
N ASP H 49 15.80 23.06 -8.07
CA ASP H 49 15.73 21.65 -7.64
C ASP H 49 16.07 21.42 -6.13
N ALA H 50 15.02 21.52 -5.30
CA ALA H 50 15.02 21.25 -3.86
C ALA H 50 16.11 20.32 -3.32
N VAL H 51 16.27 19.15 -3.92
CA VAL H 51 17.24 18.16 -3.41
C VAL H 51 18.71 18.51 -3.73
N ALA H 52 18.98 19.02 -4.94
CA ALA H 52 20.34 19.52 -5.29
C ALA H 52 20.71 20.79 -4.52
N PHE H 53 19.69 21.51 -4.06
CA PHE H 53 19.85 22.68 -3.21
C PHE H 53 20.26 22.20 -1.85
N ALA H 54 19.46 21.28 -1.30
CA ALA H 54 19.74 20.68 0.00
C ALA H 54 21.23 20.35 0.13
N ASP H 55 21.80 19.68 -0.88
CA ASP H 55 23.21 19.25 -0.87
C ASP H 55 24.24 20.41 -0.85
N ARG H 56 23.96 21.50 -1.58
CA ARG H 56 24.86 22.67 -1.54
C ARG H 56 24.78 23.34 -0.15
N TRP H 57 23.58 23.34 0.42
CA TRP H 57 23.37 23.84 1.77
C TRP H 57 24.27 23.08 2.73
N ARG H 58 24.29 21.76 2.57
CA ARG H 58 25.18 20.89 3.36
C ARG H 58 26.64 20.98 2.95
N ALA H 59 26.89 21.34 1.70
CA ALA H 59 28.26 21.57 1.21
C ALA H 59 28.92 22.71 2.00
N ARG H 60 28.12 23.70 2.45
CA ARG H 60 28.63 24.87 3.23
C ARG H 60 28.88 24.56 4.71
N TYR H 61 28.11 23.62 5.26
CA TYR H 61 28.26 23.14 6.66
C TYR H 61 29.73 23.18 7.11
N GLN H 62 30.56 22.29 6.59
CA GLN H 62 31.92 22.14 7.12
C GLN H 62 32.87 23.36 6.93
N PRO H 63 32.96 23.95 5.70
CA PRO H 63 33.80 25.17 5.53
C PRO H 63 33.33 26.41 6.31
N SER H 64 32.03 26.55 6.55
CA SER H 64 31.54 27.65 7.40
C SER H 64 32.00 27.48 8.87
N MET H 65 32.12 26.23 9.31
CA MET H 65 32.65 25.89 10.62
C MET H 65 34.16 26.00 10.69
N ASP H 66 34.81 25.74 9.56
CA ASP H 66 36.28 25.82 9.44
C ASP H 66 36.78 27.25 9.59
N ALA H 67 35.94 28.22 9.24
CA ALA H 67 36.17 29.63 9.58
C ALA H 67 36.43 29.74 11.09
N ILE H 68 35.51 29.16 11.85
CA ILE H 68 35.53 29.20 13.31
C ILE H 68 36.63 28.27 13.85
N LEU H 69 36.90 27.16 13.16
CA LEU H 69 37.86 26.15 13.66
C LEU H 69 39.32 26.61 13.47
N SER H 70 39.53 27.51 12.52
CA SER H 70 40.83 28.10 12.23
C SER H 70 41.12 29.30 13.11
N GLY H 71 40.07 29.87 13.69
CA GLY H 71 40.19 31.12 14.47
C GLY H 71 39.93 32.36 13.62
N ALA H 72 39.45 32.17 12.39
CA ALA H 72 39.22 33.28 11.45
C ALA H 72 37.95 34.05 11.77
N ARG H 73 37.18 33.55 12.72
CA ARG H 73 35.97 34.25 13.13
C ARG H 73 35.57 33.79 14.56
N GLU H 74 34.80 34.64 15.23
CA GLU H 74 34.31 34.32 16.57
C GLU H 74 33.24 33.21 16.46
N PHE H 75 33.19 32.36 17.50
CA PHE H 75 32.17 31.33 17.55
C PHE H 75 30.79 31.97 17.43
N VAL H 76 29.96 31.47 16.51
CA VAL H 76 28.51 31.71 16.54
C VAL H 76 27.76 30.35 16.45
N THR H 77 26.45 30.34 16.73
CA THR H 77 25.65 29.10 16.76
C THR H 77 25.64 28.47 15.36
N LEU H 78 25.27 27.19 15.26
CA LEU H 78 25.04 26.52 13.95
C LEU H 78 23.76 27.08 13.36
N ASP H 79 22.80 27.45 14.19
CA ASP H 79 21.62 28.09 13.64
C ASP H 79 22.01 29.30 12.83
N ILE H 80 22.99 30.08 13.31
CA ILE H 80 23.48 31.25 12.56
C ILE H 80 24.16 30.82 11.27
N LEU H 81 25.11 29.88 11.35
CA LEU H 81 25.85 29.41 10.17
C LEU H 81 24.94 28.83 9.08
N HIS H 82 23.76 28.36 9.46
CA HIS H 82 22.78 27.78 8.50
C HIS H 82 22.01 28.82 7.73
N ARG H 83 21.86 29.99 8.32
CA ARG H 83 21.09 31.06 7.69
C ARG H 83 22.01 31.84 6.73
N GLU H 84 23.29 31.99 7.11
CA GLU H 84 24.33 32.56 6.26
C GLU H 84 24.56 31.59 5.11
N ASN H 85 24.69 30.30 5.42
CA ASN H 85 24.83 29.27 4.39
C ASN H 85 23.57 29.16 3.51
N LEU H 86 22.40 29.50 4.05
CA LEU H 86 21.16 29.62 3.25
C LEU H 86 21.25 30.65 2.15
N ASP H 87 21.85 31.79 2.47
CA ASP H 87 21.85 32.91 1.56
C ASP H 87 22.91 32.69 0.48
N PHE H 88 24.08 32.23 0.89
CA PHE H 88 25.17 31.88 -0.04
C PHE H 88 24.67 31.01 -1.19
N VAL H 89 24.00 29.93 -0.81
CA VAL H 89 23.47 28.97 -1.75
C VAL H 89 22.28 29.53 -2.59
N LEU H 90 21.52 30.48 -2.02
CA LEU H 90 20.44 31.14 -2.73
C LEU H 90 20.98 31.92 -3.96
N ARG H 91 21.95 32.81 -3.72
CA ARG H 91 22.73 33.48 -4.80
C ARG H 91 23.46 32.49 -5.72
N GLU H 92 24.13 31.51 -5.13
CA GLU H 92 24.70 30.38 -5.87
C GLU H 92 23.68 29.72 -6.84
N SER H 93 22.41 29.63 -6.41
CA SER H 93 21.33 29.06 -7.23
C SER H 93 20.70 30.06 -8.22
N GLY H 94 21.27 31.26 -8.35
CA GLY H 94 20.74 32.30 -9.22
C GLY H 94 19.71 33.21 -8.57
N ILE H 95 19.46 33.05 -7.26
CA ILE H 95 18.44 33.87 -6.53
C ILE H 95 19.04 34.97 -5.61
N ASP H 96 18.44 36.17 -5.62
CA ASP H 96 18.94 37.30 -4.82
C ASP H 96 18.22 37.32 -3.46
N PRO H 97 18.96 37.07 -2.36
CA PRO H 97 18.35 37.01 -1.03
C PRO H 97 17.48 38.22 -0.70
N THR H 98 18.01 39.41 -1.06
CA THR H 98 17.45 40.74 -0.75
C THR H 98 15.97 40.91 -1.11
N ASN H 99 15.58 40.38 -2.27
CA ASN H 99 14.17 40.29 -2.68
C ASN H 99 13.23 39.69 -1.61
N HIS H 100 13.80 38.82 -0.78
CA HIS H 100 13.05 38.02 0.18
C HIS H 100 13.06 38.57 1.59
N ASP H 101 12.00 38.25 2.33
CA ASP H 101 11.79 38.65 3.71
C ASP H 101 12.82 37.96 4.63
N SER H 102 13.27 38.68 5.66
CA SER H 102 14.25 38.13 6.59
C SER H 102 13.56 37.08 7.50
N GLY H 103 12.35 37.39 7.97
CA GLY H 103 11.62 36.50 8.89
C GLY H 103 11.24 35.17 8.26
N GLU H 104 11.08 35.18 6.93
CA GLU H 104 10.65 34.01 6.21
C GLU H 104 11.88 33.19 5.81
N LEU H 105 13.00 33.88 5.57
CA LEU H 105 14.29 33.20 5.35
C LEU H 105 14.85 32.56 6.66
N ASP H 106 14.60 33.25 7.77
CA ASP H 106 14.76 32.71 9.12
C ASP H 106 13.93 31.42 9.33
N GLU H 107 12.64 31.48 8.97
CA GLU H 107 11.75 30.36 9.19
C GLU H 107 12.22 29.14 8.42
N LEU H 108 12.54 29.33 7.14
CA LEU H 108 13.13 28.27 6.32
C LEU H 108 14.50 27.77 6.84
N ALA H 109 15.26 28.66 7.47
CA ALA H 109 16.55 28.31 8.06
C ALA H 109 16.35 27.39 9.27
N ARG H 110 15.18 27.48 9.90
CA ARG H 110 14.86 26.64 11.05
C ARG H 110 14.24 25.25 10.71
N ALA H 111 14.22 24.87 9.42
CA ALA H 111 13.82 23.52 8.97
C ALA H 111 14.77 22.51 9.52
N TRP H 112 15.99 22.95 9.80
CA TRP H 112 16.94 22.05 10.43
C TRP H 112 16.49 21.69 11.84
N HIS H 113 15.49 22.38 12.37
CA HIS H 113 14.95 22.12 13.68
C HIS H 113 13.84 21.10 13.65
N VAL H 114 13.28 20.82 12.48
CA VAL H 114 11.95 20.15 12.43
C VAL H 114 12.03 18.90 11.57
N LEU H 115 13.16 18.20 11.71
CA LEU H 115 13.51 17.11 10.85
C LEU H 115 13.02 15.78 11.45
N THR H 116 12.88 14.79 10.57
CA THR H 116 12.25 13.52 10.90
C THR H 116 13.30 12.45 11.14
N PRO H 117 13.16 11.74 12.28
CA PRO H 117 13.98 10.58 12.56
C PRO H 117 13.77 9.52 11.49
N TRP H 118 14.86 8.86 11.09
CA TRP H 118 14.81 7.62 10.37
C TRP H 118 13.82 6.74 11.15
N PRO H 119 13.22 5.70 10.52
CA PRO H 119 12.17 4.98 11.32
C PRO H 119 12.69 4.07 12.46
N ASP H 120 13.94 3.62 12.38
CA ASP H 120 14.58 2.85 13.47
C ASP H 120 15.08 3.67 14.70
N SER H 121 15.04 5.01 14.57
CA SER H 121 15.73 5.91 15.53
C SER H 121 15.02 6.00 16.87
N VAL H 122 13.82 6.52 16.88
CA VAL H 122 13.05 6.70 18.10
C VAL H 122 12.81 5.40 18.88
N PRO H 123 12.42 4.30 18.18
CA PRO H 123 12.45 2.96 18.75
C PRO H 123 13.77 2.49 19.33
N GLY H 124 14.85 2.59 18.56
CA GLY H 124 16.15 2.11 19.01
C GLY H 124 16.67 2.93 20.18
N LEU H 125 16.40 4.24 20.17
CA LEU H 125 16.88 5.12 21.26
C LEU H 125 16.10 4.86 22.54
N THR H 126 14.79 4.69 22.42
CA THR H 126 13.94 4.31 23.55
C THR H 126 14.54 3.08 24.25
N ALA H 127 15.04 2.13 23.47
CA ALA H 127 15.57 0.94 24.05
C ALA H 127 16.92 1.25 24.69
N ILE H 128 17.70 2.15 24.11
CA ILE H 128 19.06 2.41 24.66
C ILE H 128 18.96 3.25 25.94
N LYS H 129 18.07 4.25 25.90
CA LYS H 129 17.71 5.11 27.04
C LYS H 129 17.48 4.33 28.32
N ALA H 130 16.85 3.18 28.14
CA ALA H 130 16.51 2.27 29.18
C ALA H 130 17.71 1.76 29.96
N GLU H 131 18.92 1.81 29.41
CA GLU H 131 20.16 1.31 30.08
C GLU H 131 21.38 2.28 30.03
N TYR H 132 21.20 3.41 29.35
CA TYR H 132 22.30 4.34 29.07
C TYR H 132 21.81 5.76 29.03
N ILE H 133 22.69 6.67 29.37
CA ILE H 133 22.45 8.08 29.02
C ILE H 133 22.49 8.14 27.49
N ILE H 134 21.55 8.81 26.86
CA ILE H 134 21.61 9.09 25.42
C ILE H 134 21.39 10.57 25.16
N GLY H 135 21.95 11.07 24.06
CA GLY H 135 21.78 12.49 23.70
C GLY H 135 22.67 12.84 22.53
N PRO H 136 22.55 14.06 22.04
CA PRO H 136 23.42 14.35 20.89
C PRO H 136 24.91 14.61 21.19
N LEU H 137 25.78 14.20 20.28
CA LEU H 137 27.18 14.76 20.20
C LEU H 137 27.31 15.34 18.80
N SER H 138 26.79 16.55 18.68
CA SER H 138 26.41 17.14 17.41
C SER H 138 26.99 18.55 17.29
N ASN H 139 26.97 19.08 16.08
CA ASN H 139 27.39 20.45 15.82
C ASN H 139 26.19 21.34 15.93
N GLY H 140 25.02 20.75 16.08
CA GLY H 140 23.85 21.58 16.33
C GLY H 140 23.95 22.26 17.71
N ASN H 141 23.31 23.41 17.80
CA ASN H 141 23.23 24.17 19.05
C ASN H 141 22.05 23.65 19.82
N THR H 142 22.16 23.88 21.11
CA THR H 142 21.27 23.33 22.10
C THR H 142 19.83 23.59 21.72
N SER H 143 19.46 24.83 21.40
CA SER H 143 18.07 25.06 21.06
C SER H 143 17.70 24.33 19.75
N LEU H 144 18.70 24.07 18.88
CA LEU H 144 18.44 23.41 17.60
C LEU H 144 18.04 21.98 17.90
N LEU H 145 18.97 21.27 18.53
CA LEU H 145 18.81 19.89 18.92
C LEU H 145 17.53 19.75 19.80
N LEU H 146 17.35 20.61 20.77
CA LEU H 146 16.15 20.56 21.62
C LEU H 146 14.82 20.72 20.87
N ASP H 147 14.77 21.65 19.93
CA ASP H 147 13.53 21.86 19.16
C ASP H 147 13.17 20.60 18.33
N MET H 148 14.19 19.94 17.79
CA MET H 148 14.03 18.73 17.01
C MET H 148 13.39 17.67 17.93
N ALA H 149 14.05 17.44 19.07
CA ALA H 149 13.62 16.49 20.08
C ALA H 149 12.17 16.66 20.44
N LYS H 150 11.72 17.88 20.63
CA LYS H 150 10.35 18.06 21.11
C LYS H 150 9.36 17.79 19.98
N ASN H 151 9.79 18.11 18.76
CA ASN H 151 8.93 18.03 17.60
C ASN H 151 8.74 16.56 17.18
N ALA H 152 9.85 15.79 17.19
CA ALA H 152 9.89 14.44 16.72
C ALA H 152 9.91 13.39 17.84
N GLY H 153 9.65 13.79 19.08
CA GLY H 153 9.69 12.86 20.20
C GLY H 153 10.98 12.09 20.29
N ILE H 154 12.12 12.76 20.03
CA ILE H 154 13.46 12.16 20.22
C ILE H 154 13.73 12.23 21.73
N PRO H 155 13.82 11.05 22.39
CA PRO H 155 13.68 11.01 23.86
C PRO H 155 15.02 11.23 24.58
N TRP H 156 15.74 12.32 24.31
CA TRP H 156 17.13 12.46 24.80
C TRP H 156 17.14 12.63 26.31
N ASP H 157 18.19 12.17 26.97
CA ASP H 157 18.41 12.44 28.41
C ASP H 157 19.14 13.79 28.66
N VAL H 158 19.98 14.21 27.73
CA VAL H 158 20.75 15.43 27.92
C VAL H 158 21.16 15.96 26.54
N ILE H 159 21.47 17.24 26.48
CA ILE H 159 21.65 17.98 25.21
C ILE H 159 22.74 19.01 25.41
N ILE H 160 23.98 18.58 25.24
CA ILE H 160 25.13 19.43 25.12
C ILE H 160 25.36 19.89 23.65
N GLY H 161 24.61 20.92 23.22
CA GLY H 161 24.87 21.52 21.91
C GLY H 161 26.30 22.06 21.79
N SER H 162 26.66 22.44 20.58
CA SER H 162 28.04 22.80 20.29
C SER H 162 28.40 24.14 20.96
N ASP H 163 27.39 25.01 21.07
CA ASP H 163 27.47 26.29 21.74
C ASP H 163 27.87 26.21 23.22
N ILE H 164 27.40 25.21 23.92
CA ILE H 164 27.72 25.12 25.32
C ILE H 164 29.22 24.96 25.46
N ASN H 165 29.81 24.15 24.57
CA ASN H 165 31.26 23.93 24.59
C ASN H 165 32.05 25.01 23.80
N ARG H 166 31.37 25.71 22.88
CA ARG H 166 31.99 26.65 21.94
C ARG H 166 33.15 26.03 21.17
N LYS H 167 32.86 24.88 20.59
CA LYS H 167 33.80 24.07 19.85
C LYS H 167 32.99 23.22 18.86
N TYR H 168 33.50 23.07 17.65
CA TYR H 168 32.84 22.23 16.67
C TYR H 168 33.69 21.00 16.46
N LYS H 169 33.02 19.86 16.23
CA LYS H 169 33.71 18.68 15.79
C LYS H 169 34.29 19.09 14.42
N PRO H 170 35.49 18.59 14.10
CA PRO H 170 36.21 17.61 14.86
C PRO H 170 37.21 18.13 15.91
N ASP H 171 37.05 19.34 16.44
CA ASP H 171 38.04 19.76 17.47
C ASP H 171 38.00 18.75 18.60
N PRO H 172 39.18 18.16 18.95
CA PRO H 172 39.21 17.21 20.08
C PRO H 172 38.49 17.72 21.36
N GLN H 173 38.46 19.05 21.56
CA GLN H 173 37.67 19.62 22.67
C GLN H 173 36.11 19.53 22.56
N ALA H 174 35.52 19.43 21.37
CA ALA H 174 34.08 19.11 21.28
C ALA H 174 33.76 17.78 22.07
N TYR H 175 34.57 16.74 21.85
CA TYR H 175 34.32 15.45 22.52
C TYR H 175 34.73 15.50 23.98
N LEU H 176 35.87 16.11 24.26
CA LEU H 176 36.37 16.13 25.61
C LEU H 176 35.47 16.94 26.58
N ARG H 177 34.85 18.00 26.08
CA ARG H 177 34.06 18.88 26.93
C ARG H 177 32.64 18.36 27.21
N THR H 178 32.14 17.56 26.25
CA THR H 178 30.92 16.76 26.43
C THR H 178 31.17 15.68 27.53
N ALA H 179 32.24 14.91 27.45
CA ALA H 179 32.46 13.90 28.45
C ALA H 179 32.54 14.46 29.91
N GLN H 180 33.19 15.61 30.06
CA GLN H 180 33.54 16.19 31.35
C GLN H 180 32.33 16.82 31.96
N VAL H 181 31.54 17.45 31.12
CA VAL H 181 30.37 18.06 31.63
C VAL H 181 29.33 17.00 32.07
N LEU H 182 29.42 15.80 31.50
CA LEU H 182 28.51 14.69 31.83
C LEU H 182 29.07 13.87 32.98
N GLY H 183 30.29 14.17 33.42
CA GLY H 183 30.84 13.51 34.58
C GLY H 183 31.50 12.20 34.25
N LEU H 184 31.67 11.96 32.97
CA LEU H 184 32.24 10.70 32.49
C LEU H 184 33.68 10.85 32.00
N HIS H 185 34.48 9.83 32.23
CA HIS H 185 35.76 9.74 31.52
C HIS H 185 35.46 9.47 30.04
N PRO H 186 36.29 9.98 29.12
CA PRO H 186 35.91 9.77 27.71
C PRO H 186 35.82 8.31 27.25
N GLY H 187 36.47 7.41 27.96
CA GLY H 187 36.34 5.99 27.67
C GLY H 187 34.90 5.52 27.83
N GLU H 188 34.10 6.25 28.62
CA GLU H 188 32.77 5.80 28.99
C GLU H 188 31.69 6.29 28.04
N VAL H 189 32.11 7.07 27.03
CA VAL H 189 31.21 7.73 26.11
C VAL H 189 31.35 7.10 24.75
N MET H 190 30.23 6.71 24.17
CA MET H 190 30.24 6.09 22.87
C MET H 190 29.62 7.11 21.98
N LEU H 191 30.30 7.42 20.88
CA LEU H 191 29.66 8.20 19.87
C LEU H 191 29.19 7.24 18.81
N ALA H 192 27.93 7.39 18.41
CA ALA H 192 27.35 6.70 17.29
C ALA H 192 27.25 7.73 16.21
N ALA H 193 27.82 7.39 15.04
CA ALA H 193 27.84 8.25 13.89
C ALA H 193 27.74 7.39 12.63
N ALA H 194 27.15 7.97 11.62
CA ALA H 194 27.21 7.37 10.30
C ALA H 194 28.57 7.66 9.61
N HIS H 195 29.48 8.41 10.24
CA HIS H 195 30.64 8.99 9.53
C HIS H 195 31.95 8.58 10.14
N ASN H 196 32.82 7.94 9.34
CA ASN H 196 34.12 7.49 9.85
C ASN H 196 34.98 8.66 10.39
N GLY H 197 34.88 9.82 9.72
CA GLY H 197 35.69 11.00 10.09
C GLY H 197 35.47 11.42 11.54
N ASP H 198 34.19 11.53 11.89
CA ASP H 198 33.73 11.79 13.27
C ASP H 198 34.30 10.73 14.22
N LEU H 199 34.20 9.47 13.79
CA LEU H 199 34.57 8.36 14.65
C LEU H 199 36.07 8.30 14.82
N GLU H 200 36.80 8.57 13.73
CA GLU H 200 38.28 8.64 13.76
C GLU H 200 38.68 9.65 14.84
N ALA H 201 37.96 10.78 14.89
CA ALA H 201 38.29 11.89 15.79
C ALA H 201 37.98 11.58 17.22
N ALA H 202 36.76 11.06 17.45
CA ALA H 202 36.35 10.56 18.75
C ALA H 202 37.35 9.52 19.27
N HIS H 203 37.72 8.58 18.41
CA HIS H 203 38.56 7.49 18.87
C HIS H 203 39.95 8.03 19.22
N ALA H 204 40.44 8.98 18.42
CA ALA H 204 41.69 9.72 18.73
C ALA H 204 41.60 10.39 20.10
N THR H 205 40.40 10.82 20.47
CA THR H 205 40.19 11.46 21.77
C THR H 205 40.07 10.51 22.99
N GLY H 206 39.83 9.22 22.73
CA GLY H 206 39.66 8.22 23.79
C GLY H 206 38.23 7.72 23.91
N LEU H 207 37.31 8.23 23.09
CA LEU H 207 35.91 7.80 23.09
C LEU H 207 35.66 6.38 22.49
N ALA H 208 34.54 5.79 22.90
CA ALA H 208 34.03 4.52 22.34
C ALA H 208 33.37 4.82 21.03
N THR H 209 33.23 3.81 20.16
CA THR H 209 32.77 4.07 18.81
C THR H 209 31.76 3.07 18.23
N ALA H 210 30.73 3.61 17.56
CA ALA H 210 29.74 2.81 16.86
C ALA H 210 29.49 3.41 15.50
N PHE H 211 29.68 2.64 14.43
CA PHE H 211 29.33 3.11 13.08
C PHE H 211 27.90 2.72 12.76
N ILE H 212 27.12 3.66 12.26
CA ILE H 212 25.71 3.41 11.99
C ILE H 212 25.57 3.49 10.49
N LEU H 213 25.59 2.33 9.83
CA LEU H 213 25.53 2.32 8.38
C LEU H 213 24.28 3.07 8.03
N ARG H 214 24.49 4.18 7.33
CA ARG H 214 23.43 5.01 6.75
C ARG H 214 23.91 5.17 5.32
N PRO H 215 23.67 4.12 4.49
CA PRO H 215 24.32 4.07 3.20
C PRO H 215 23.64 4.97 2.16
N VAL H 216 22.55 5.66 2.56
CA VAL H 216 21.81 6.55 1.67
C VAL H 216 21.45 7.85 2.41
N GLU H 217 22.36 8.31 3.25
CA GLU H 217 22.28 9.64 3.85
C GLU H 217 22.34 10.76 2.74
N HIS H 218 23.16 10.49 1.70
CA HIS H 218 23.28 11.37 0.52
C HIS H 218 22.68 10.70 -0.74
N GLY H 219 21.66 9.85 -0.54
CA GLY H 219 21.06 9.04 -1.61
C GLY H 219 21.89 7.81 -1.96
N PRO H 220 21.48 7.08 -3.03
CA PRO H 220 22.22 5.85 -3.44
C PRO H 220 23.57 6.07 -4.13
N HIS H 221 23.91 7.34 -4.42
CA HIS H 221 25.21 7.71 -5.02
C HIS H 221 26.18 8.30 -4.01
N GLN H 222 26.06 7.90 -2.74
CA GLN H 222 26.98 8.36 -1.68
C GLN H 222 28.25 7.47 -1.71
N THR H 223 29.44 8.07 -1.55
CA THR H 223 30.71 7.35 -1.85
C THR H 223 31.51 6.93 -0.62
N ASP H 224 31.44 7.74 0.44
CA ASP H 224 32.17 7.45 1.68
C ASP H 224 31.20 6.89 2.69
N ASP H 225 31.72 6.26 3.73
CA ASP H 225 30.86 5.80 4.84
C ASP H 225 29.84 4.75 4.38
N LEU H 226 30.33 3.80 3.59
CA LEU H 226 29.58 2.63 3.17
C LEU H 226 30.15 1.37 3.83
N ALA H 227 31.07 1.54 4.78
CA ALA H 227 31.72 0.40 5.42
C ALA H 227 32.69 0.89 6.48
N PRO H 228 32.79 0.18 7.62
CA PRO H 228 33.76 0.51 8.67
C PRO H 228 35.19 0.71 8.17
N THR H 229 35.61 1.96 8.07
CA THR H 229 36.96 2.27 7.61
C THR H 229 37.95 2.31 8.77
N GLY H 230 37.48 1.94 9.98
CA GLY H 230 38.34 1.67 11.12
C GLY H 230 37.79 0.54 11.97
N SER H 231 38.55 0.12 12.99
CA SER H 231 38.08 -0.92 13.94
C SER H 231 37.14 -0.36 15.04
N TRP H 232 35.97 0.11 14.61
CA TRP H 232 34.97 0.64 15.55
C TRP H 232 34.49 -0.47 16.52
N ASP H 233 34.11 -0.07 17.74
CA ASP H 233 33.60 -1.00 18.73
C ASP H 233 32.37 -1.78 18.23
N ILE H 234 31.49 -1.08 17.52
CA ILE H 234 30.27 -1.65 16.97
C ILE H 234 30.10 -1.13 15.55
N SER H 235 29.56 -1.98 14.67
CA SER H 235 29.04 -1.54 13.39
C SER H 235 27.65 -2.15 13.22
N ALA H 236 26.72 -1.33 12.72
CA ALA H 236 25.32 -1.66 12.73
C ALA H 236 24.62 -1.13 11.51
N THR H 237 23.42 -1.60 11.25
CA THR H 237 22.67 -1.13 10.07
C THR H 237 21.65 -0.06 10.40
N ASP H 238 21.40 0.10 11.70
CA ASP H 238 20.43 1.07 12.17
C ASP H 238 20.54 1.18 13.69
N ILE H 239 19.79 2.10 14.27
CA ILE H 239 19.85 2.39 15.73
C ILE H 239 19.27 1.19 16.51
N THR H 240 18.11 0.68 16.09
CA THR H 240 17.59 -0.61 16.59
C THR H 240 18.67 -1.74 16.62
N ASP H 241 19.40 -1.92 15.53
CA ASP H 241 20.49 -2.89 15.54
C ASP H 241 21.58 -2.48 16.52
N LEU H 242 21.80 -1.17 16.67
CA LEU H 242 22.70 -0.68 17.73
C LEU H 242 22.19 -1.07 19.11
N ALA H 243 20.90 -0.80 19.35
CA ALA H 243 20.34 -1.11 20.68
C ALA H 243 20.53 -2.60 21.00
N ALA H 244 20.41 -3.43 19.97
CA ALA H 244 20.47 -4.87 20.14
C ALA H 244 21.90 -5.31 20.38
N GLN H 245 22.85 -4.71 19.67
CA GLN H 245 24.26 -5.06 19.89
C GLN H 245 24.71 -4.55 21.26
N LEU H 246 24.09 -3.47 21.72
CA LEU H 246 24.42 -2.96 23.07
C LEU H 246 23.90 -3.88 24.17
N ARG H 247 22.61 -4.26 24.13
CA ARG H 247 22.05 -5.28 25.10
C ARG H 247 22.79 -6.61 25.08
N ALA H 248 23.28 -7.02 23.91
CA ALA H 248 24.05 -8.26 23.80
C ALA H 248 25.36 -8.19 24.59
N GLY H 249 25.94 -6.98 24.70
CA GLY H 249 27.16 -6.76 25.52
C GLY H 249 28.48 -6.95 24.76
#